data_7DKB
#
_entry.id   7DKB
#
_cell.length_a   66.490
_cell.length_b   73.330
_cell.length_c   151.820
_cell.angle_alpha   90.000
_cell.angle_beta   95.160
_cell.angle_gamma   90.000
#
_symmetry.space_group_name_H-M   'P 1 21 1'
#
loop_
_entity.id
_entity.type
_entity.pdbx_description
1 polymer Dipeptidyl-peptidase
2 non-polymer VALINE
3 non-polymer TYROSINE
4 water water
#
_entity_poly.entity_id   1
_entity_poly.type   'polypeptide(L)'
_entity_poly.pdbx_seq_one_letter_code
;MRSNLLAFSIVASLGLAQVAHAAEGMWVPQQLPEIAGPLQKAGLKLSPEQLANLTGDPMGAVVALGGCTASFVSPQGLVV
TNHHCAYGAIQLNSTAQKNLIKDGFNAPTLKDELSAGPNARVFVLDQITDVTAQAKAAIAGAGNDPLARSRALDAFDKAQ
VAACEADAGFRCRLYSFSGGNTYRLFRNMEIKDVRLVYAPPGSVGKFGGDVDNWMWPRHTGDFSFYRAYVGKDGKPAAFA
ADNVPYQPKHFLKFADQPLGADDFVMVAGYPGRTNRYALAGEFNETASFTYPTIAKHYNAVLKMIADAGKADADVKVKYA
ATAASMNNVAKNYLGQLEGFKRIDAAGQKQAEEAAVLAWLKKQGAAGKPALAAHAQLLKHLDTSKSTRERDLFVGQFNNT
SAVGAAITLYRLSIERSKPDAEREAGYQERDLTTIEGGLKQMDRRYVAKMDQQLQTYWLDQYVALPAAQRDNEVLNKWLA
GSDAAAVKSLVNKLGGTELGSLDTRLKWFKADRAAFEASNDPAIQYAVAVMPALLKQEEQKKIREGESLTARPLYLQAVA
DYKKSQGEFVYPDANLSLRITFGNVMGYGKDGVKYTPFTTLEGVAAKETGEDPFDSPKALLDAVKAKRYGGLEDKRLGSV
PVNFLSNLDITGGNSGSPVLDANGKLVGLAFDGNWESVSSNWVFDPVMTRMIAVDSRYMQWIMQEVAPAPQLLKELNLAK
;
_entity_poly.pdbx_strand_id   A,B
#
# COMPACT_ATOMS: atom_id res chain seq x y z
N ALA A 23 -6.76 -24.25 -13.04
CA ALA A 23 -5.71 -25.28 -13.33
C ALA A 23 -4.49 -24.60 -13.96
N GLU A 24 -3.28 -25.05 -13.63
CA GLU A 24 -2.06 -24.61 -14.35
C GLU A 24 -2.21 -24.99 -15.83
N GLY A 25 -1.67 -24.18 -16.70
CA GLY A 25 -1.36 -24.59 -18.07
C GLY A 25 -2.03 -23.70 -19.09
N MET A 26 -1.28 -23.35 -20.12
CA MET A 26 -1.78 -22.58 -21.27
C MET A 26 -1.78 -23.55 -22.45
N TRP A 27 -2.85 -24.33 -22.45
CA TRP A 27 -2.97 -25.58 -23.23
C TRP A 27 -3.21 -25.15 -24.68
N VAL A 28 -2.46 -25.70 -25.62
CA VAL A 28 -2.78 -25.50 -27.06
C VAL A 28 -4.02 -26.33 -27.38
N PRO A 29 -4.79 -25.93 -28.42
CA PRO A 29 -6.00 -26.66 -28.79
C PRO A 29 -5.72 -28.14 -29.05
N GLN A 30 -4.57 -28.43 -29.65
CA GLN A 30 -4.14 -29.82 -29.98
C GLN A 30 -3.94 -30.62 -28.67
N GLN A 31 -3.97 -29.96 -27.49
CA GLN A 31 -3.90 -30.68 -26.18
C GLN A 31 -5.32 -30.91 -25.61
N LEU A 32 -6.36 -30.55 -26.34
CA LEU A 32 -7.75 -30.73 -25.83
C LEU A 32 -8.02 -32.17 -25.43
N PRO A 33 -7.51 -33.20 -26.15
CA PRO A 33 -7.66 -34.59 -25.73
C PRO A 33 -7.11 -34.86 -24.32
N GLU A 34 -5.95 -34.33 -23.95
CA GLU A 34 -5.43 -34.57 -22.58
C GLU A 34 -6.07 -33.65 -21.52
N ILE A 35 -6.83 -32.61 -21.86
CA ILE A 35 -7.48 -31.79 -20.78
C ILE A 35 -9.00 -32.01 -20.85
N ALA A 36 -9.46 -32.89 -21.74
CA ALA A 36 -10.89 -33.26 -21.87
C ALA A 36 -11.44 -33.72 -20.51
N GLY A 37 -10.75 -34.65 -19.86
CA GLY A 37 -11.23 -35.19 -18.57
C GLY A 37 -11.17 -34.15 -17.46
N PRO A 38 -9.97 -33.57 -17.23
CA PRO A 38 -9.84 -32.42 -16.32
C PRO A 38 -10.91 -31.35 -16.54
N LEU A 39 -11.24 -31.00 -17.79
CA LEU A 39 -12.27 -29.97 -18.07
C LEU A 39 -13.61 -30.41 -17.50
N GLN A 40 -14.07 -31.62 -17.84
CA GLN A 40 -15.39 -32.14 -17.44
C GLN A 40 -15.43 -32.23 -15.92
N LYS A 41 -14.32 -32.67 -15.33
CA LYS A 41 -14.24 -32.83 -13.85
C LYS A 41 -14.37 -31.47 -13.18
N ALA A 42 -13.77 -30.42 -13.76
CA ALA A 42 -13.85 -29.04 -13.22
C ALA A 42 -15.25 -28.48 -13.44
N GLY A 43 -16.03 -29.08 -14.37
CA GLY A 43 -17.46 -28.78 -14.52
C GLY A 43 -17.84 -28.26 -15.89
N LEU A 44 -16.96 -28.29 -16.88
CA LEU A 44 -17.40 -28.06 -18.28
C LEU A 44 -18.59 -28.98 -18.59
N LYS A 45 -19.69 -28.43 -19.10
CA LYS A 45 -20.91 -29.22 -19.45
C LYS A 45 -20.97 -29.38 -20.95
N LEU A 46 -20.43 -28.42 -21.70
CA LEU A 46 -20.18 -28.60 -23.15
C LEU A 46 -19.38 -29.88 -23.31
N SER A 47 -19.44 -30.46 -24.50
CA SER A 47 -18.53 -31.53 -24.91
C SER A 47 -17.18 -30.90 -25.25
N PRO A 48 -16.08 -31.46 -24.72
CA PRO A 48 -14.74 -31.07 -25.14
C PRO A 48 -14.49 -30.96 -26.65
N GLU A 49 -15.11 -31.79 -27.49
CA GLU A 49 -14.85 -31.69 -28.94
C GLU A 49 -15.64 -30.52 -29.52
N GLN A 50 -16.51 -29.88 -28.74
CA GLN A 50 -17.10 -28.58 -29.20
C GLN A 50 -16.03 -27.48 -29.14
N LEU A 51 -15.14 -27.51 -28.15
CA LEU A 51 -13.97 -26.60 -28.00
C LEU A 51 -12.96 -26.87 -29.12
N ALA A 52 -12.91 -28.12 -29.60
CA ALA A 52 -11.97 -28.65 -30.60
C ALA A 52 -12.17 -27.91 -31.92
N ASN A 53 -13.42 -27.52 -32.22
CA ASN A 53 -13.75 -26.72 -33.43
C ASN A 53 -13.43 -25.24 -33.14
N LEU A 54 -12.23 -24.82 -33.54
CA LEU A 54 -11.65 -23.52 -33.20
C LEU A 54 -12.30 -22.39 -34.00
N THR A 55 -13.04 -22.73 -35.06
CA THR A 55 -13.86 -21.78 -35.88
C THR A 55 -15.35 -22.02 -35.60
N GLY A 56 -15.68 -22.76 -34.53
CA GLY A 56 -17.05 -23.13 -34.17
C GLY A 56 -17.59 -22.24 -33.04
N ASP A 57 -18.72 -22.66 -32.48
CA ASP A 57 -19.35 -22.05 -31.30
C ASP A 57 -18.79 -22.80 -30.11
N PRO A 58 -18.07 -22.22 -29.11
CA PRO A 58 -17.76 -20.79 -29.03
C PRO A 58 -16.38 -20.27 -29.45
N MET A 59 -15.39 -21.15 -29.66
CA MET A 59 -13.98 -20.78 -29.92
C MET A 59 -13.89 -19.81 -31.11
N GLY A 60 -14.73 -20.00 -32.13
CA GLY A 60 -14.76 -19.14 -33.34
C GLY A 60 -15.09 -17.68 -33.00
N ALA A 61 -15.67 -17.40 -31.85
CA ALA A 61 -15.98 -16.03 -31.43
C ALA A 61 -14.75 -15.35 -30.85
N VAL A 62 -13.79 -16.13 -30.40
CA VAL A 62 -12.53 -15.62 -29.79
C VAL A 62 -11.60 -15.12 -30.90
N VAL A 63 -11.16 -13.87 -30.73
CA VAL A 63 -10.31 -13.18 -31.72
C VAL A 63 -9.09 -12.62 -31.01
N ALA A 64 -8.07 -12.39 -31.79
CA ALA A 64 -6.83 -11.75 -31.34
C ALA A 64 -6.89 -10.30 -31.83
N LEU A 65 -6.42 -9.37 -31.00
CA LEU A 65 -6.26 -7.93 -31.36
C LEU A 65 -4.77 -7.59 -31.65
N GLY A 66 -3.84 -8.54 -31.48
CA GLY A 66 -2.41 -8.24 -31.43
C GLY A 66 -2.10 -7.69 -30.05
N GLY A 67 -1.68 -8.56 -29.14
CA GLY A 67 -1.29 -8.15 -27.78
C GLY A 67 -2.46 -8.14 -26.82
N CYS A 68 -3.70 -8.26 -27.32
CA CYS A 68 -4.90 -8.41 -26.47
C CYS A 68 -5.80 -9.48 -27.08
N THR A 69 -6.71 -10.01 -26.30
CA THR A 69 -7.77 -10.91 -26.82
C THR A 69 -9.05 -10.09 -26.88
N ALA A 70 -9.99 -10.55 -27.69
CA ALA A 70 -11.37 -10.04 -27.69
C ALA A 70 -12.29 -11.18 -28.09
N SER A 71 -13.58 -10.89 -28.20
CA SER A 71 -14.57 -11.89 -28.62
C SER A 71 -15.72 -11.14 -29.29
N PHE A 72 -16.26 -11.77 -30.33
CA PHE A 72 -17.55 -11.37 -30.94
C PHE A 72 -18.64 -11.65 -29.95
N VAL A 73 -19.55 -10.71 -29.83
CA VAL A 73 -20.72 -10.80 -28.92
C VAL A 73 -21.95 -10.32 -29.68
N SER A 74 -21.87 -10.13 -30.98
CA SER A 74 -23.10 -9.86 -31.76
C SER A 74 -22.84 -10.30 -33.19
N PRO A 75 -23.92 -10.61 -33.93
CA PRO A 75 -23.79 -11.01 -35.33
C PRO A 75 -23.57 -9.78 -36.22
N GLN A 76 -23.50 -8.57 -35.66
CA GLN A 76 -23.14 -7.33 -36.39
C GLN A 76 -21.69 -6.92 -36.09
N GLY A 77 -20.84 -7.85 -35.66
CA GLY A 77 -19.39 -7.61 -35.53
C GLY A 77 -19.02 -6.82 -34.29
N LEU A 78 -19.90 -6.75 -33.31
CA LEU A 78 -19.61 -6.10 -32.02
C LEU A 78 -18.58 -6.99 -31.33
N VAL A 79 -17.53 -6.36 -30.85
CA VAL A 79 -16.40 -7.04 -30.20
C VAL A 79 -16.23 -6.48 -28.79
N VAL A 80 -16.06 -7.37 -27.82
CA VAL A 80 -15.84 -6.94 -26.42
C VAL A 80 -14.41 -7.28 -26.02
N THR A 81 -13.76 -6.32 -25.40
CA THR A 81 -12.41 -6.42 -24.85
C THR A 81 -12.32 -5.60 -23.56
N ASN A 82 -11.13 -5.53 -23.00
CA ASN A 82 -10.87 -4.70 -21.81
C ASN A 82 -10.78 -3.24 -22.23
N HIS A 83 -11.13 -2.34 -21.32
CA HIS A 83 -10.85 -0.90 -21.45
C HIS A 83 -9.35 -0.67 -21.72
N HIS A 84 -8.45 -1.29 -20.96
CA HIS A 84 -7.01 -1.04 -21.08
C HIS A 84 -6.51 -1.55 -22.45
N CYS A 85 -7.23 -2.46 -23.10
CA CYS A 85 -6.95 -2.97 -24.47
C CYS A 85 -7.44 -1.96 -25.50
N ALA A 86 -8.57 -1.34 -25.24
CA ALA A 86 -9.15 -0.32 -26.12
C ALA A 86 -8.49 1.04 -25.82
N TYR A 87 -7.66 1.08 -24.78
CA TYR A 87 -7.05 2.33 -24.27
C TYR A 87 -6.32 3.07 -25.39
N GLY A 88 -5.50 2.34 -26.16
CA GLY A 88 -4.83 2.85 -27.36
C GLY A 88 -5.82 3.56 -28.25
N ALA A 89 -6.90 2.88 -28.67
CA ALA A 89 -7.90 3.41 -29.62
C ALA A 89 -8.64 4.62 -29.00
N ILE A 90 -8.94 4.57 -27.70
CA ILE A 90 -9.66 5.66 -27.01
C ILE A 90 -8.70 6.88 -27.00
N GLN A 91 -7.43 6.66 -26.68
CA GLN A 91 -6.37 7.72 -26.63
C GLN A 91 -6.23 8.38 -28.00
N LEU A 92 -6.29 7.60 -29.09
CA LEU A 92 -6.11 8.08 -30.46
C LEU A 92 -7.25 9.04 -30.81
N ASN A 93 -8.38 8.90 -30.12
CA ASN A 93 -9.63 9.62 -30.40
C ASN A 93 -9.82 10.74 -29.39
N SER A 94 -8.90 10.89 -28.44
CA SER A 94 -9.05 11.85 -27.33
C SER A 94 -8.33 13.13 -27.67
N THR A 95 -8.81 14.24 -27.10
CA THR A 95 -8.06 15.51 -27.05
C THR A 95 -8.14 16.05 -25.63
N ALA A 96 -7.37 17.09 -25.37
CA ALA A 96 -7.34 17.73 -24.05
C ALA A 96 -8.77 18.21 -23.72
N GLN A 97 -9.53 18.65 -24.73
CA GLN A 97 -10.88 19.23 -24.55
C GLN A 97 -11.91 18.11 -24.46
N LYS A 98 -11.74 17.05 -25.24
CA LYS A 98 -12.73 15.95 -25.39
C LYS A 98 -11.99 14.67 -25.04
N ASN A 99 -11.75 14.47 -23.75
CA ASN A 99 -10.85 13.39 -23.28
C ASN A 99 -11.67 12.11 -23.09
N LEU A 100 -11.68 11.21 -24.07
CA LEU A 100 -12.56 10.02 -24.02
C LEU A 100 -12.00 9.06 -22.97
N ILE A 101 -10.71 9.12 -22.70
CA ILE A 101 -10.14 8.29 -21.62
C ILE A 101 -10.81 8.69 -20.32
N LYS A 102 -11.01 9.99 -20.07
CA LYS A 102 -11.64 10.45 -18.83
C LYS A 102 -13.14 10.23 -18.94
N ASP A 103 -13.76 10.68 -20.02
CA ASP A 103 -15.22 10.69 -20.17
C ASP A 103 -15.67 9.33 -20.71
N GLY A 104 -16.93 9.01 -20.72
CA GLY A 104 -17.15 7.77 -21.54
C GLY A 104 -16.74 7.90 -23.02
N PHE A 105 -17.09 6.91 -23.83
CA PHE A 105 -17.55 7.15 -25.21
C PHE A 105 -18.70 6.19 -25.48
N ASN A 106 -19.70 6.65 -26.22
CA ASN A 106 -20.83 5.82 -26.63
C ASN A 106 -21.17 6.24 -28.05
N ALA A 107 -21.37 5.26 -28.91
CA ALA A 107 -21.81 5.44 -30.32
C ALA A 107 -23.24 4.94 -30.40
N PRO A 108 -24.24 5.84 -30.27
CA PRO A 108 -25.64 5.44 -30.38
C PRO A 108 -25.94 4.72 -31.70
N THR A 109 -25.26 5.11 -32.79
CA THR A 109 -25.54 4.59 -34.16
C THR A 109 -24.22 4.11 -34.77
N LEU A 110 -24.30 3.29 -35.80
CA LEU A 110 -23.12 2.82 -36.56
C LEU A 110 -22.25 4.02 -36.94
N LYS A 111 -22.86 5.13 -37.31
CA LYS A 111 -22.13 6.26 -37.94
C LYS A 111 -21.39 7.08 -36.88
N ASP A 112 -21.68 6.86 -35.61
CA ASP A 112 -21.03 7.57 -34.48
C ASP A 112 -19.72 6.87 -34.13
N GLU A 113 -19.57 5.61 -34.52
CA GLU A 113 -18.43 4.76 -34.10
C GLU A 113 -17.15 5.41 -34.67
N LEU A 114 -16.11 5.47 -33.85
CA LEU A 114 -14.82 6.11 -34.22
C LEU A 114 -13.84 5.03 -34.69
N SER A 115 -13.07 5.32 -35.73
CA SER A 115 -11.93 4.48 -36.13
C SER A 115 -10.99 4.31 -34.93
N ALA A 116 -10.61 3.08 -34.65
CA ALA A 116 -9.70 2.70 -33.56
C ALA A 116 -8.27 2.97 -34.03
N GLY A 117 -8.14 3.40 -35.29
CA GLY A 117 -6.88 3.85 -35.90
C GLY A 117 -6.38 2.85 -36.94
N PRO A 118 -5.44 3.29 -37.78
CA PRO A 118 -5.09 2.49 -38.95
C PRO A 118 -4.49 1.14 -38.57
N ASN A 119 -3.83 1.03 -37.40
CA ASN A 119 -3.12 -0.21 -37.01
C ASN A 119 -4.00 -1.11 -36.15
N ALA A 120 -5.26 -0.79 -35.92
CA ALA A 120 -6.19 -1.62 -35.11
C ALA A 120 -6.57 -2.85 -35.94
N ARG A 121 -6.54 -4.02 -35.31
CA ARG A 121 -6.75 -5.30 -36.02
C ARG A 121 -7.70 -6.18 -35.20
N VAL A 122 -8.53 -6.92 -35.92
CA VAL A 122 -9.21 -8.12 -35.38
C VAL A 122 -8.79 -9.28 -36.28
N PHE A 123 -8.20 -10.30 -35.67
CA PHE A 123 -7.74 -11.53 -36.32
C PHE A 123 -8.73 -12.62 -35.94
N VAL A 124 -9.44 -13.11 -36.95
CA VAL A 124 -10.45 -14.20 -36.82
C VAL A 124 -9.77 -15.47 -37.29
N LEU A 125 -9.59 -16.44 -36.41
CA LEU A 125 -8.86 -17.70 -36.74
C LEU A 125 -9.61 -18.48 -37.83
N ASP A 126 -8.86 -18.85 -38.87
CA ASP A 126 -9.38 -19.63 -40.00
C ASP A 126 -8.83 -21.06 -39.93
N GLN A 127 -7.53 -21.22 -39.69
CA GLN A 127 -6.85 -22.52 -39.90
C GLN A 127 -5.55 -22.57 -39.10
N ILE A 128 -5.27 -23.75 -38.55
CA ILE A 128 -3.98 -24.07 -37.91
C ILE A 128 -3.46 -25.30 -38.66
N THR A 129 -2.21 -25.26 -39.12
CA THR A 129 -1.56 -26.37 -39.85
C THR A 129 -0.22 -26.63 -39.17
N ASP A 130 0.03 -27.87 -38.77
CA ASP A 130 1.35 -28.28 -38.23
C ASP A 130 2.31 -28.36 -39.43
N VAL A 131 3.41 -27.61 -39.38
CA VAL A 131 4.43 -27.60 -40.46
C VAL A 131 5.78 -27.96 -39.84
N THR A 132 5.78 -28.70 -38.73
CA THR A 132 7.00 -29.06 -37.97
C THR A 132 7.99 -29.78 -38.92
N ALA A 133 7.59 -30.88 -39.54
CA ALA A 133 8.50 -31.71 -40.35
C ALA A 133 9.16 -30.82 -41.41
N GLN A 134 8.39 -29.97 -42.12
CA GLN A 134 8.94 -29.09 -43.18
C GLN A 134 9.87 -28.04 -42.57
N ALA A 135 9.51 -27.46 -41.44
CA ALA A 135 10.33 -26.43 -40.75
C ALA A 135 11.66 -27.06 -40.31
N LYS A 136 11.63 -28.26 -39.76
CA LYS A 136 12.86 -28.94 -39.27
C LYS A 136 13.75 -29.32 -40.45
N ALA A 137 13.17 -29.66 -41.60
CA ALA A 137 13.93 -30.01 -42.83
C ALA A 137 14.57 -28.73 -43.37
N ALA A 138 13.85 -27.60 -43.39
CA ALA A 138 14.41 -26.30 -43.82
C ALA A 138 15.63 -25.94 -42.98
N ILE A 139 15.52 -26.10 -41.66
CA ILE A 139 16.58 -25.74 -40.68
C ILE A 139 17.77 -26.67 -40.88
N ALA A 140 17.54 -27.99 -40.97
CA ALA A 140 18.58 -29.03 -41.11
C ALA A 140 19.31 -28.85 -42.44
N GLY A 141 18.57 -28.50 -43.49
CA GLY A 141 19.13 -28.26 -44.83
C GLY A 141 20.22 -27.20 -44.81
N ALA A 142 20.35 -26.41 -43.73
CA ALA A 142 21.41 -25.37 -43.56
C ALA A 142 22.66 -25.96 -42.88
N GLY A 143 22.66 -27.23 -42.48
CA GLY A 143 23.78 -27.84 -41.73
C GLY A 143 24.18 -26.99 -40.54
N ASN A 144 25.48 -26.90 -40.21
CA ASN A 144 26.01 -26.38 -38.93
C ASN A 144 26.11 -24.86 -38.92
N ASP A 145 25.84 -24.17 -40.04
CA ASP A 145 26.06 -22.71 -40.15
C ASP A 145 24.92 -21.99 -39.42
N PRO A 146 25.16 -21.32 -38.27
CA PRO A 146 24.06 -20.72 -37.51
C PRO A 146 23.32 -19.61 -38.27
N LEU A 147 24.01 -18.71 -38.98
CA LEU A 147 23.29 -17.65 -39.75
C LEU A 147 22.49 -18.32 -40.87
N ALA A 148 23.05 -19.35 -41.51
CA ALA A 148 22.34 -20.12 -42.56
C ALA A 148 21.04 -20.70 -41.97
N ARG A 149 21.07 -21.15 -40.72
CA ARG A 149 19.90 -21.78 -40.04
C ARG A 149 18.81 -20.74 -39.84
N SER A 150 19.19 -19.55 -39.41
CA SER A 150 18.27 -18.42 -39.17
C SER A 150 17.67 -17.94 -40.49
N ARG A 151 18.50 -17.65 -41.49
CA ARG A 151 18.06 -17.38 -42.89
C ARG A 151 17.11 -18.49 -43.36
N ALA A 152 17.43 -19.77 -43.11
CA ALA A 152 16.66 -20.91 -43.66
C ALA A 152 15.26 -20.91 -43.03
N LEU A 153 15.20 -20.67 -41.72
CA LEU A 153 13.90 -20.64 -41.02
C LEU A 153 13.11 -19.42 -41.46
N ASP A 154 13.73 -18.25 -41.55
CA ASP A 154 13.12 -16.97 -42.01
C ASP A 154 12.56 -17.17 -43.44
N ALA A 155 13.32 -17.79 -44.35
CA ALA A 155 12.84 -18.02 -45.74
C ALA A 155 11.69 -19.05 -45.72
N PHE A 156 11.76 -20.08 -44.88
CA PHE A 156 10.64 -21.03 -44.67
C PHE A 156 9.38 -20.31 -44.16
N ASP A 157 9.55 -19.39 -43.21
CA ASP A 157 8.47 -18.60 -42.58
C ASP A 157 7.81 -17.78 -43.67
N LYS A 158 8.63 -17.00 -44.39
CA LYS A 158 8.20 -16.13 -45.51
C LYS A 158 7.45 -16.92 -46.58
N ALA A 159 7.92 -18.14 -46.91
CA ALA A 159 7.35 -18.99 -47.98
C ALA A 159 5.97 -19.48 -47.55
N GLN A 160 5.84 -20.00 -46.33
CA GLN A 160 4.59 -20.51 -45.73
C GLN A 160 3.57 -19.38 -45.64
N VAL A 161 4.00 -18.24 -45.11
CA VAL A 161 3.18 -17.01 -45.03
C VAL A 161 2.71 -16.57 -46.42
N ALA A 162 3.61 -16.52 -47.43
CA ALA A 162 3.23 -16.05 -48.78
C ALA A 162 2.16 -16.97 -49.35
N ALA A 163 2.37 -18.29 -49.34
CA ALA A 163 1.41 -19.29 -49.88
C ALA A 163 0.05 -19.14 -49.17
N CYS A 164 0.08 -19.00 -47.85
CA CYS A 164 -1.08 -18.88 -46.94
C CYS A 164 -1.83 -17.54 -47.14
N GLU A 165 -1.13 -16.43 -47.43
CA GLU A 165 -1.73 -15.08 -47.58
C GLU A 165 -2.12 -14.83 -49.05
N ALA A 166 -1.94 -15.81 -49.93
CA ALA A 166 -2.29 -15.69 -51.36
C ALA A 166 -3.73 -15.15 -51.49
N ASP A 167 -4.69 -15.74 -50.77
CA ASP A 167 -6.11 -15.26 -50.75
C ASP A 167 -6.18 -13.95 -49.95
N ALA A 168 -6.73 -12.91 -50.57
CA ALA A 168 -6.99 -11.57 -49.99
C ALA A 168 -7.74 -11.71 -48.65
N GLY A 169 -7.35 -10.93 -47.66
CA GLY A 169 -8.06 -10.78 -46.37
C GLY A 169 -7.47 -11.64 -45.26
N PHE A 170 -6.55 -12.55 -45.59
CA PHE A 170 -5.92 -13.47 -44.61
C PHE A 170 -4.52 -12.96 -44.27
N ARG A 171 -4.22 -12.98 -42.99
CA ARG A 171 -2.83 -12.80 -42.52
C ARG A 171 -2.44 -14.09 -41.82
N CYS A 172 -1.24 -14.57 -42.09
CA CYS A 172 -0.78 -15.84 -41.53
C CYS A 172 0.40 -15.58 -40.62
N ARG A 173 0.64 -16.50 -39.70
CA ARG A 173 1.80 -16.38 -38.81
C ARG A 173 2.30 -17.78 -38.46
N LEU A 174 3.60 -17.95 -38.57
CA LEU A 174 4.29 -19.17 -38.11
C LEU A 174 4.56 -18.97 -36.65
N TYR A 175 4.19 -19.94 -35.85
CA TYR A 175 4.48 -19.96 -34.40
C TYR A 175 5.47 -21.07 -34.13
N SER A 176 6.47 -20.76 -33.33
CA SER A 176 7.41 -21.76 -32.81
C SER A 176 6.97 -22.13 -31.39
N PHE A 177 6.69 -23.41 -31.15
CA PHE A 177 6.32 -23.93 -29.81
C PHE A 177 7.46 -24.74 -29.19
N SER A 178 7.51 -24.75 -27.86
CA SER A 178 8.43 -25.60 -27.06
C SER A 178 9.87 -25.49 -27.59
N GLY A 179 10.41 -24.28 -27.74
CA GLY A 179 11.79 -24.02 -28.16
C GLY A 179 12.08 -24.38 -29.61
N GLY A 180 11.07 -24.72 -30.42
CA GLY A 180 11.25 -25.12 -31.83
C GLY A 180 11.02 -26.60 -32.04
N ASN A 181 10.41 -27.29 -31.08
CA ASN A 181 10.05 -28.70 -31.30
C ASN A 181 8.83 -28.78 -32.19
N THR A 182 8.05 -27.70 -32.30
CA THR A 182 6.74 -27.69 -33.00
C THR A 182 6.61 -26.34 -33.67
N TYR A 183 6.27 -26.38 -34.96
CA TYR A 183 5.92 -25.21 -35.77
C TYR A 183 4.49 -25.39 -36.23
N ARG A 184 3.70 -24.33 -36.09
CA ARG A 184 2.31 -24.33 -36.61
C ARG A 184 2.08 -23.01 -37.30
N LEU A 185 1.41 -23.11 -38.43
CA LEU A 185 1.11 -21.97 -39.29
C LEU A 185 -0.35 -21.63 -39.00
N PHE A 186 -0.60 -20.45 -38.46
CA PHE A 186 -1.95 -19.94 -38.18
C PHE A 186 -2.38 -19.05 -39.32
N ARG A 187 -3.59 -19.27 -39.78
CA ARG A 187 -4.23 -18.41 -40.81
C ARG A 187 -5.41 -17.70 -40.15
N ASN A 188 -5.45 -16.39 -40.25
CA ASN A 188 -6.48 -15.50 -39.67
C ASN A 188 -7.08 -14.67 -40.79
N MET A 189 -8.37 -14.41 -40.72
CA MET A 189 -8.94 -13.28 -41.46
C MET A 189 -8.59 -12.02 -40.66
N GLU A 190 -8.02 -11.03 -41.32
CA GLU A 190 -7.47 -9.83 -40.67
C GLU A 190 -8.42 -8.71 -41.01
N ILE A 191 -9.20 -8.29 -40.02
CA ILE A 191 -10.08 -7.13 -40.15
C ILE A 191 -9.22 -5.91 -39.81
N LYS A 192 -9.24 -4.93 -40.71
CA LYS A 192 -8.35 -3.75 -40.68
C LYS A 192 -9.14 -2.48 -40.37
N ASP A 193 -10.47 -2.59 -40.23
CA ASP A 193 -11.38 -1.46 -39.92
C ASP A 193 -12.09 -1.84 -38.63
N VAL A 194 -11.53 -1.39 -37.54
CA VAL A 194 -12.03 -1.64 -36.17
C VAL A 194 -12.42 -0.27 -35.65
N ARG A 195 -13.64 -0.16 -35.11
CA ARG A 195 -14.23 1.11 -34.62
C ARG A 195 -14.61 0.98 -33.16
N LEU A 196 -14.40 2.06 -32.40
CA LEU A 196 -14.80 2.12 -30.99
C LEU A 196 -16.30 2.39 -30.90
N VAL A 197 -17.00 1.56 -30.14
CA VAL A 197 -18.47 1.59 -29.97
C VAL A 197 -18.76 2.17 -28.60
N TYR A 198 -18.06 1.71 -27.59
CA TYR A 198 -18.34 2.06 -26.18
C TYR A 198 -17.09 1.91 -25.31
N ALA A 199 -16.80 2.96 -24.56
CA ALA A 199 -15.88 2.87 -23.42
C ALA A 199 -16.59 3.48 -22.23
N PRO A 200 -16.52 2.83 -21.06
CA PRO A 200 -16.98 3.47 -19.83
C PRO A 200 -16.02 4.62 -19.51
N PRO A 201 -16.42 5.55 -18.64
CA PRO A 201 -15.48 6.57 -18.18
C PRO A 201 -14.25 5.86 -17.61
N GLY A 202 -13.11 6.54 -17.64
CA GLY A 202 -11.84 6.02 -17.12
C GLY A 202 -11.95 5.76 -15.63
N SER A 203 -12.82 6.48 -14.93
CA SER A 203 -13.04 6.25 -13.49
C SER A 203 -13.72 4.89 -13.26
N VAL A 204 -14.28 4.29 -14.31
CA VAL A 204 -14.84 2.90 -14.23
C VAL A 204 -13.86 1.92 -14.86
N GLY A 205 -13.48 2.17 -16.11
CA GLY A 205 -12.55 1.35 -16.91
C GLY A 205 -11.24 1.10 -16.17
N LYS A 206 -10.76 2.11 -15.43
CA LYS A 206 -9.41 2.17 -14.80
C LYS A 206 -9.59 2.50 -13.30
N PHE A 207 -10.74 2.23 -12.73
CA PHE A 207 -10.99 2.60 -11.32
C PHE A 207 -9.86 2.07 -10.44
N GLY A 208 -9.27 2.95 -9.64
CA GLY A 208 -8.16 2.56 -8.73
C GLY A 208 -6.83 2.67 -9.45
N GLY A 209 -6.85 2.95 -10.75
CA GLY A 209 -5.64 3.29 -11.52
C GLY A 209 -4.46 2.41 -11.14
N ASP A 210 -3.31 3.02 -10.92
CA ASP A 210 -2.04 2.30 -10.67
C ASP A 210 -1.99 1.84 -9.22
N VAL A 211 -2.84 2.36 -8.35
CA VAL A 211 -2.85 1.86 -6.95
C VAL A 211 -3.37 0.41 -6.93
N ASP A 212 -4.46 0.14 -7.64
CA ASP A 212 -5.14 -1.19 -7.62
C ASP A 212 -4.61 -2.12 -8.71
N ASN A 213 -3.85 -1.59 -9.68
CA ASN A 213 -3.27 -2.38 -10.77
C ASN A 213 -2.47 -3.53 -10.14
N TRP A 214 -2.66 -4.74 -10.67
CA TRP A 214 -2.05 -6.01 -10.19
C TRP A 214 -2.55 -6.34 -8.79
N MET A 215 -3.69 -5.83 -8.40
CA MET A 215 -4.14 -6.06 -7.01
C MET A 215 -5.56 -6.56 -7.00
N TRP A 216 -5.80 -7.36 -5.98
CA TRP A 216 -7.11 -7.78 -5.45
C TRP A 216 -7.08 -7.37 -4.00
N PRO A 217 -8.15 -6.85 -3.41
CA PRO A 217 -9.45 -6.69 -4.07
C PRO A 217 -9.51 -5.71 -5.25
N ARG A 218 -10.26 -6.06 -6.29
CA ARG A 218 -10.31 -5.15 -7.46
C ARG A 218 -11.76 -4.77 -7.78
N HIS A 219 -11.97 -3.56 -8.27
CA HIS A 219 -13.31 -2.99 -8.50
C HIS A 219 -13.33 -2.25 -9.83
N THR A 220 -12.64 -2.81 -10.81
CA THR A 220 -12.42 -2.16 -12.12
C THR A 220 -13.40 -2.70 -13.14
N GLY A 221 -14.15 -1.79 -13.77
CA GLY A 221 -14.99 -2.15 -14.92
C GLY A 221 -14.18 -2.12 -16.20
N ASP A 222 -13.23 -3.05 -16.35
CA ASP A 222 -12.24 -3.04 -17.45
C ASP A 222 -12.88 -3.68 -18.67
N PHE A 223 -13.74 -2.93 -19.34
CA PHE A 223 -14.36 -3.43 -20.57
C PHE A 223 -14.53 -2.27 -21.54
N SER A 224 -14.61 -2.61 -22.81
CA SER A 224 -14.92 -1.66 -23.88
C SER A 224 -15.40 -2.47 -25.04
N PHE A 225 -16.06 -1.83 -25.99
CA PHE A 225 -16.55 -2.49 -27.20
C PHE A 225 -16.05 -1.81 -28.46
N TYR A 226 -15.67 -2.66 -29.38
CA TYR A 226 -15.30 -2.31 -30.77
C TYR A 226 -16.38 -2.89 -31.66
N ARG A 227 -16.38 -2.48 -32.91
CA ARG A 227 -17.10 -3.21 -33.96
C ARG A 227 -16.12 -3.44 -35.12
N ALA A 228 -16.14 -4.65 -35.65
CA ALA A 228 -15.36 -5.03 -36.83
C ALA A 228 -16.13 -4.62 -38.07
N TYR A 229 -15.43 -4.13 -39.07
CA TYR A 229 -15.98 -3.71 -40.36
C TYR A 229 -15.16 -4.33 -41.48
N VAL A 230 -15.80 -4.40 -42.64
CA VAL A 230 -15.23 -5.00 -43.87
C VAL A 230 -15.72 -4.13 -45.02
N GLY A 231 -15.11 -4.25 -46.20
CA GLY A 231 -15.63 -3.54 -47.38
C GLY A 231 -16.99 -4.09 -47.76
N LYS A 232 -17.79 -3.32 -48.50
CA LYS A 232 -19.04 -3.74 -49.18
C LYS A 232 -18.87 -5.11 -49.85
N ASP A 233 -17.69 -5.39 -50.40
CA ASP A 233 -17.38 -6.66 -51.11
C ASP A 233 -17.11 -7.78 -50.11
N GLY A 234 -17.18 -7.55 -48.80
CA GLY A 234 -17.00 -8.62 -47.80
C GLY A 234 -15.55 -8.76 -47.35
N LYS A 235 -14.58 -8.17 -48.06
CA LYS A 235 -13.13 -8.38 -47.78
C LYS A 235 -12.64 -7.34 -46.79
N PRO A 236 -11.65 -7.65 -45.94
CA PRO A 236 -11.07 -6.65 -45.06
C PRO A 236 -10.71 -5.41 -45.87
N ALA A 237 -10.87 -4.26 -45.24
CA ALA A 237 -10.52 -2.97 -45.86
C ALA A 237 -10.15 -2.01 -44.74
N ALA A 238 -9.20 -1.14 -45.05
CA ALA A 238 -8.95 0.08 -44.24
C ALA A 238 -10.26 0.84 -44.08
N PHE A 239 -10.31 1.70 -43.06
CA PHE A 239 -11.41 2.66 -42.82
C PHE A 239 -11.89 3.22 -44.16
N ALA A 240 -13.20 3.21 -44.36
CA ALA A 240 -13.96 3.90 -45.44
C ALA A 240 -15.39 4.07 -44.95
N ALA A 241 -16.03 5.21 -45.24
CA ALA A 241 -17.44 5.48 -44.84
C ALA A 241 -18.35 4.36 -45.36
N ASP A 242 -18.01 3.78 -46.51
CA ASP A 242 -18.74 2.71 -47.27
C ASP A 242 -18.72 1.37 -46.51
N ASN A 243 -17.73 1.19 -45.65
CA ASN A 243 -17.49 -0.12 -44.99
C ASN A 243 -18.74 -0.49 -44.18
N VAL A 244 -18.99 -1.79 -44.06
CA VAL A 244 -20.17 -2.32 -43.36
C VAL A 244 -19.68 -3.18 -42.21
N PRO A 245 -20.52 -3.36 -41.17
CA PRO A 245 -20.16 -4.27 -40.09
C PRO A 245 -19.84 -5.67 -40.63
N TYR A 246 -18.76 -6.27 -40.11
CA TYR A 246 -18.46 -7.69 -40.28
C TYR A 246 -19.58 -8.52 -39.65
N GLN A 247 -19.93 -9.64 -40.27
CA GLN A 247 -20.98 -10.53 -39.71
C GLN A 247 -20.26 -11.81 -39.30
N PRO A 248 -19.88 -11.96 -38.02
CA PRO A 248 -19.17 -13.15 -37.58
C PRO A 248 -20.05 -14.40 -37.71
N LYS A 249 -19.45 -15.53 -38.08
CA LYS A 249 -20.07 -16.89 -38.02
C LYS A 249 -20.53 -17.18 -36.58
N HIS A 250 -19.70 -16.85 -35.59
CA HIS A 250 -19.93 -17.20 -34.16
C HIS A 250 -19.70 -16.00 -33.25
N PHE A 251 -20.61 -15.80 -32.30
CA PHE A 251 -20.44 -14.76 -31.25
C PHE A 251 -20.85 -15.39 -29.94
N LEU A 252 -20.30 -14.92 -28.85
CA LEU A 252 -20.65 -15.40 -27.48
C LEU A 252 -21.97 -14.76 -27.04
N LYS A 253 -22.65 -15.42 -26.11
CA LYS A 253 -23.84 -14.89 -25.44
C LYS A 253 -23.45 -14.66 -23.99
N PHE A 254 -23.92 -13.55 -23.44
CA PHE A 254 -23.80 -13.25 -22.01
C PHE A 254 -24.54 -14.36 -21.28
N ALA A 255 -23.98 -14.81 -20.15
CA ALA A 255 -24.56 -15.87 -19.31
C ALA A 255 -25.91 -15.39 -18.76
N ASP A 256 -26.85 -16.33 -18.76
CA ASP A 256 -28.16 -16.21 -18.07
C ASP A 256 -28.06 -16.94 -16.73
N GLN A 257 -27.03 -17.76 -16.51
CA GLN A 257 -26.79 -18.45 -15.22
C GLN A 257 -25.84 -17.60 -14.40
N PRO A 258 -26.26 -17.19 -13.19
CA PRO A 258 -25.43 -16.41 -12.29
C PRO A 258 -24.13 -17.15 -11.89
N LEU A 259 -22.99 -16.52 -12.19
CA LEU A 259 -21.68 -17.13 -11.86
C LEU A 259 -21.51 -17.05 -10.35
N GLY A 260 -21.04 -18.12 -9.70
CA GLY A 260 -20.91 -18.23 -8.25
C GLY A 260 -19.59 -18.84 -7.90
N ALA A 261 -19.20 -18.75 -6.62
CA ALA A 261 -17.99 -19.36 -6.08
C ALA A 261 -17.94 -20.84 -6.49
N ASP A 262 -16.78 -21.34 -6.90
CA ASP A 262 -16.48 -22.77 -7.27
C ASP A 262 -16.96 -23.08 -8.70
N ASP A 263 -17.70 -22.19 -9.35
CA ASP A 263 -18.25 -22.49 -10.69
C ASP A 263 -17.06 -22.64 -11.65
N PHE A 264 -17.18 -23.60 -12.55
CA PHE A 264 -16.22 -23.78 -13.65
C PHE A 264 -16.13 -22.46 -14.43
N VAL A 265 -14.90 -22.09 -14.76
CA VAL A 265 -14.71 -21.07 -15.83
C VAL A 265 -13.57 -21.51 -16.72
N MET A 266 -13.60 -20.99 -17.93
CA MET A 266 -12.48 -21.20 -18.86
C MET A 266 -12.27 -19.95 -19.65
N VAL A 267 -11.03 -19.83 -20.14
CA VAL A 267 -10.57 -18.70 -20.95
C VAL A 267 -9.94 -19.27 -22.20
N ALA A 268 -10.25 -18.67 -23.32
CA ALA A 268 -9.49 -18.87 -24.56
C ALA A 268 -8.91 -17.50 -24.90
N GLY A 269 -7.68 -17.47 -25.35
CA GLY A 269 -6.98 -16.20 -25.59
C GLY A 269 -5.60 -16.45 -26.13
N TYR A 270 -4.85 -15.37 -26.22
CA TYR A 270 -3.57 -15.30 -26.93
C TYR A 270 -2.54 -14.78 -25.96
N PRO A 271 -2.15 -15.59 -24.96
CA PRO A 271 -1.07 -15.18 -24.07
C PRO A 271 0.21 -14.97 -24.90
N GLY A 272 0.93 -13.88 -24.63
CA GLY A 272 2.09 -13.44 -25.41
C GLY A 272 3.30 -14.30 -25.09
N ARG A 273 3.82 -14.25 -23.88
CA ARG A 273 5.12 -14.89 -23.59
C ARG A 273 5.15 -15.34 -22.13
N THR A 274 5.52 -16.60 -21.90
CA THR A 274 5.92 -17.07 -20.56
C THR A 274 7.36 -17.55 -20.66
N ASN A 275 8.01 -17.70 -19.51
CA ASN A 275 9.44 -18.06 -19.46
C ASN A 275 9.62 -19.22 -18.48
N ARG A 276 8.62 -20.09 -18.35
CA ARG A 276 8.63 -21.14 -17.30
C ARG A 276 9.74 -22.16 -17.58
N TYR A 277 10.16 -22.29 -18.84
CA TYR A 277 11.22 -23.23 -19.31
C TYR A 277 12.56 -22.48 -19.50
N ALA A 278 12.69 -21.27 -18.96
CA ALA A 278 13.92 -20.46 -19.12
C ALA A 278 15.03 -21.17 -18.34
N LEU A 279 16.28 -21.02 -18.82
CA LEU A 279 17.47 -21.45 -18.03
C LEU A 279 17.48 -20.64 -16.74
N ALA A 280 17.94 -21.24 -15.63
CA ALA A 280 18.18 -20.59 -14.33
C ALA A 280 18.96 -19.30 -14.56
N GLY A 281 19.96 -19.36 -15.46
CA GLY A 281 20.78 -18.19 -15.88
C GLY A 281 19.96 -17.10 -16.56
N GLU A 282 19.02 -17.44 -17.43
CA GLU A 282 18.15 -16.41 -18.09
C GLU A 282 17.33 -15.72 -17.01
N PHE A 283 16.75 -16.50 -16.11
CA PHE A 283 15.93 -15.95 -15.00
C PHE A 283 16.79 -14.97 -14.19
N ASN A 284 18.00 -15.37 -13.82
CA ASN A 284 18.88 -14.61 -12.88
C ASN A 284 19.24 -13.24 -13.46
N GLU A 285 19.63 -13.19 -14.74
CA GLU A 285 19.88 -11.95 -15.51
C GLU A 285 18.65 -11.05 -15.32
N THR A 286 17.46 -11.62 -15.53
CA THR A 286 16.20 -10.84 -15.64
C THR A 286 15.90 -10.24 -14.27
N ALA A 287 16.07 -11.01 -13.22
CA ALA A 287 15.73 -10.64 -11.82
C ALA A 287 16.74 -9.65 -11.24
N SER A 288 18.04 -9.82 -11.53
CA SER A 288 19.12 -9.00 -10.91
C SER A 288 19.31 -7.72 -11.72
N PHE A 289 19.08 -7.74 -13.03
CA PHE A 289 19.29 -6.54 -13.89
C PHE A 289 17.99 -6.00 -14.52
N THR A 290 17.33 -6.74 -15.41
CA THR A 290 16.31 -6.17 -16.34
C THR A 290 15.17 -5.56 -15.51
N TYR A 291 14.55 -6.35 -14.63
CA TYR A 291 13.34 -5.92 -13.89
C TYR A 291 13.64 -4.68 -13.05
N PRO A 292 14.71 -4.65 -12.22
CA PRO A 292 14.96 -3.49 -11.38
C PRO A 292 15.35 -2.22 -12.15
N THR A 293 16.18 -2.38 -13.17
CA THR A 293 16.66 -1.30 -14.04
C THR A 293 15.48 -0.69 -14.78
N ILE A 294 14.69 -1.50 -15.48
CA ILE A 294 13.49 -0.99 -16.20
C ILE A 294 12.54 -0.32 -15.19
N ALA A 295 12.17 -1.01 -14.12
CA ALA A 295 11.35 -0.41 -13.06
C ALA A 295 11.86 1.00 -12.75
N LYS A 296 13.12 1.11 -12.36
CA LYS A 296 13.76 2.36 -11.90
C LYS A 296 13.63 3.43 -12.99
N HIS A 297 14.05 3.18 -14.22
CA HIS A 297 14.05 4.20 -15.29
C HIS A 297 12.61 4.53 -15.70
N TYR A 298 11.73 3.55 -15.80
CA TYR A 298 10.30 3.82 -16.14
C TYR A 298 9.68 4.76 -15.13
N ASN A 299 9.93 4.59 -13.84
CA ASN A 299 9.27 5.45 -12.84
C ASN A 299 9.82 6.86 -13.00
N ALA A 300 11.11 7.01 -13.32
CA ALA A 300 11.74 8.33 -13.55
C ALA A 300 11.07 8.97 -14.78
N VAL A 301 10.99 8.26 -15.91
CA VAL A 301 10.31 8.78 -17.14
C VAL A 301 8.85 9.12 -16.79
N LEU A 302 8.18 8.26 -16.01
CA LEU A 302 6.74 8.48 -15.71
C LEU A 302 6.56 9.81 -14.97
N LYS A 303 7.45 10.14 -14.04
CA LYS A 303 7.31 11.39 -13.24
C LYS A 303 7.51 12.57 -14.20
N MET A 304 8.40 12.40 -15.16
CA MET A 304 8.64 13.39 -16.23
C MET A 304 7.38 13.59 -17.09
N ILE A 305 6.77 12.52 -17.59
CA ILE A 305 5.55 12.66 -18.45
C ILE A 305 4.41 13.27 -17.63
N ALA A 306 4.18 12.80 -16.42
CA ALA A 306 3.17 13.38 -15.51
C ALA A 306 3.39 14.89 -15.35
N ASP A 307 4.64 15.34 -15.13
CA ASP A 307 4.94 16.78 -14.92
C ASP A 307 4.65 17.52 -16.22
N ALA A 308 5.06 16.95 -17.36
CA ALA A 308 4.78 17.56 -18.68
C ALA A 308 3.26 17.65 -18.84
N GLY A 309 2.50 16.63 -18.43
CA GLY A 309 1.04 16.56 -18.67
C GLY A 309 0.31 17.63 -17.88
N LYS A 310 0.83 17.99 -16.71
CA LYS A 310 0.28 19.07 -15.83
C LYS A 310 0.48 20.44 -16.48
N ALA A 311 1.57 20.62 -17.23
CA ALA A 311 1.92 21.90 -17.89
C ALA A 311 1.10 22.05 -19.18
N ASP A 312 0.64 20.94 -19.76
CA ASP A 312 -0.09 20.95 -21.06
C ASP A 312 -0.92 19.67 -21.12
N ALA A 313 -2.24 19.80 -21.07
CA ALA A 313 -3.17 18.67 -21.11
C ALA A 313 -2.94 17.89 -22.40
N ASP A 314 -2.47 18.53 -23.47
CA ASP A 314 -2.32 17.81 -24.75
C ASP A 314 -1.18 16.79 -24.60
N VAL A 315 -0.14 17.10 -23.83
CA VAL A 315 0.94 16.11 -23.53
C VAL A 315 0.37 14.92 -22.76
N LYS A 316 -0.46 15.20 -21.76
CA LYS A 316 -1.06 14.13 -20.94
C LYS A 316 -1.84 13.18 -21.85
N VAL A 317 -2.62 13.72 -22.78
CA VAL A 317 -3.46 12.89 -23.68
C VAL A 317 -2.56 12.19 -24.68
N LYS A 318 -1.65 12.92 -25.31
CA LYS A 318 -0.81 12.33 -26.39
C LYS A 318 0.12 11.26 -25.78
N TYR A 319 0.45 11.30 -24.48
CA TYR A 319 1.37 10.29 -23.91
C TYR A 319 0.66 9.33 -22.96
N ALA A 320 -0.66 9.40 -22.88
CA ALA A 320 -1.50 8.60 -21.96
C ALA A 320 -1.37 7.10 -22.24
N ALA A 321 -1.16 6.65 -23.47
CA ALA A 321 -1.04 5.18 -23.74
C ALA A 321 0.33 4.69 -23.24
N THR A 322 1.39 5.46 -23.55
CA THR A 322 2.78 5.18 -23.10
C THR A 322 2.78 5.14 -21.58
N ALA A 323 2.19 6.14 -20.94
CA ALA A 323 2.24 6.27 -19.47
C ALA A 323 1.54 5.06 -18.85
N ALA A 324 0.32 4.73 -19.31
CA ALA A 324 -0.46 3.55 -18.85
C ALA A 324 0.41 2.30 -18.99
N SER A 325 1.00 2.10 -20.16
CA SER A 325 1.79 0.89 -20.50
C SER A 325 3.04 0.82 -19.62
N MET A 326 3.79 1.92 -19.49
CA MET A 326 5.03 1.93 -18.68
C MET A 326 4.70 1.74 -17.20
N ASN A 327 3.64 2.38 -16.68
CA ASN A 327 3.16 2.17 -15.29
C ASN A 327 2.89 0.68 -15.06
N ASN A 328 2.21 0.06 -16.02
CA ASN A 328 1.81 -1.36 -15.92
C ASN A 328 3.06 -2.21 -15.77
N VAL A 329 3.99 -2.05 -16.69
CA VAL A 329 5.26 -2.85 -16.72
C VAL A 329 6.02 -2.62 -15.42
N ALA A 330 6.20 -1.37 -15.03
CA ALA A 330 7.04 -0.97 -13.88
C ALA A 330 6.46 -1.62 -12.63
N LYS A 331 5.15 -1.51 -12.44
CA LYS A 331 4.46 -2.12 -11.29
C LYS A 331 4.60 -3.65 -11.40
N ASN A 332 4.47 -4.20 -12.60
CA ASN A 332 4.55 -5.68 -12.80
C ASN A 332 5.96 -6.14 -12.38
N TYR A 333 6.98 -5.45 -12.87
CA TYR A 333 8.40 -5.78 -12.62
C TYR A 333 8.67 -5.74 -11.11
N LEU A 334 8.20 -4.73 -10.40
CA LEU A 334 8.28 -4.72 -8.93
C LEU A 334 7.59 -5.99 -8.40
N GLY A 335 6.33 -6.20 -8.77
CA GLY A 335 5.55 -7.40 -8.44
C GLY A 335 6.37 -8.65 -8.62
N GLN A 336 6.94 -8.85 -9.81
CA GLN A 336 7.71 -10.09 -10.10
C GLN A 336 8.86 -10.24 -9.12
N LEU A 337 9.49 -9.14 -8.74
CA LEU A 337 10.69 -9.15 -7.85
C LEU A 337 10.25 -9.65 -6.47
N GLU A 338 9.15 -9.11 -5.95
CA GLU A 338 8.56 -9.54 -4.66
C GLU A 338 8.14 -11.00 -4.83
N GLY A 339 7.42 -11.32 -5.90
CA GLY A 339 7.02 -12.70 -6.25
C GLY A 339 8.20 -13.68 -6.14
N PHE A 340 9.30 -13.41 -6.84
CA PHE A 340 10.53 -14.25 -6.84
C PHE A 340 11.03 -14.46 -5.40
N LYS A 341 11.06 -13.41 -4.57
CA LYS A 341 11.44 -13.53 -3.13
C LYS A 341 10.43 -14.45 -2.42
N ARG A 342 9.14 -14.36 -2.74
CA ARG A 342 8.04 -15.07 -2.03
C ARG A 342 8.15 -16.59 -2.25
N ILE A 343 8.54 -17.06 -3.43
CA ILE A 343 8.53 -18.52 -3.79
C ILE A 343 9.96 -19.03 -3.98
N ASP A 344 10.97 -18.21 -3.63
CA ASP A 344 12.40 -18.49 -3.90
C ASP A 344 12.54 -19.06 -5.32
N ALA A 345 12.28 -18.22 -6.32
CA ALA A 345 12.29 -18.63 -7.74
C ALA A 345 13.73 -19.00 -8.12
N ALA A 346 14.73 -18.24 -7.65
CA ALA A 346 16.16 -18.51 -7.89
C ALA A 346 16.47 -19.96 -7.50
N GLY A 347 16.11 -20.38 -6.27
CA GLY A 347 16.30 -21.76 -5.75
C GLY A 347 15.54 -22.80 -6.56
N GLN A 348 14.30 -22.55 -6.96
CA GLN A 348 13.47 -23.52 -7.71
C GLN A 348 14.01 -23.70 -9.12
N LYS A 349 14.44 -22.60 -9.74
CA LYS A 349 15.09 -22.61 -11.08
C LYS A 349 16.38 -23.42 -10.99
N GLN A 350 17.24 -23.07 -10.03
CA GLN A 350 18.48 -23.83 -9.68
C GLN A 350 18.15 -25.33 -9.54
N ALA A 351 17.32 -25.67 -8.54
CA ALA A 351 16.84 -27.03 -8.21
C ALA A 351 16.43 -27.75 -9.50
N GLU A 352 15.45 -27.20 -10.24
CA GLU A 352 14.87 -27.91 -11.41
C GLU A 352 15.96 -28.08 -12.47
N GLU A 353 16.79 -27.06 -12.71
CA GLU A 353 17.87 -27.12 -13.73
C GLU A 353 18.83 -28.27 -13.40
N ALA A 354 19.36 -28.30 -12.17
CA ALA A 354 20.29 -29.35 -11.68
C ALA A 354 19.58 -30.71 -11.77
N ALA A 355 18.30 -30.78 -11.38
CA ALA A 355 17.53 -32.05 -11.35
C ALA A 355 17.39 -32.58 -12.78
N VAL A 356 17.26 -31.68 -13.78
CA VAL A 356 17.17 -32.08 -15.21
C VAL A 356 18.53 -32.64 -15.67
N LEU A 357 19.61 -31.94 -15.34
CA LEU A 357 21.02 -32.27 -15.72
C LEU A 357 21.45 -33.62 -15.11
N ALA A 358 21.14 -33.87 -13.83
CA ALA A 358 21.29 -35.18 -13.17
C ALA A 358 20.44 -36.20 -13.93
N TRP A 359 19.12 -36.03 -13.94
CA TRP A 359 18.20 -37.01 -14.58
C TRP A 359 18.67 -37.34 -16.00
N LEU A 360 19.29 -36.37 -16.69
CA LEU A 360 19.85 -36.52 -18.06
C LEU A 360 21.05 -37.47 -18.01
N LYS A 361 21.89 -37.35 -16.97
CA LYS A 361 23.10 -38.19 -16.76
C LYS A 361 22.69 -39.65 -16.68
N LYS A 362 21.79 -40.01 -15.74
CA LYS A 362 21.37 -41.41 -15.50
C LYS A 362 20.94 -42.04 -16.82
N GLN A 363 20.05 -41.37 -17.56
CA GLN A 363 19.69 -41.74 -18.97
C GLN A 363 21.00 -41.81 -19.75
N GLY A 364 21.45 -43.00 -20.14
CA GLY A 364 22.81 -43.24 -20.66
C GLY A 364 23.08 -42.54 -21.99
N ALA A 365 22.83 -43.25 -23.10
CA ALA A 365 23.18 -42.84 -24.48
C ALA A 365 22.44 -41.56 -24.87
N ALA A 366 21.12 -41.66 -25.01
CA ALA A 366 20.21 -40.65 -25.60
C ALA A 366 20.26 -39.33 -24.83
N GLY A 367 20.83 -39.31 -23.61
CA GLY A 367 20.83 -38.15 -22.71
C GLY A 367 21.92 -37.15 -23.03
N LYS A 368 22.90 -37.54 -23.85
CA LYS A 368 24.13 -36.74 -24.09
C LYS A 368 23.81 -35.50 -24.94
N PRO A 369 23.00 -35.60 -26.02
CA PRO A 369 22.73 -34.45 -26.88
C PRO A 369 22.06 -33.26 -26.15
N ALA A 370 21.15 -33.55 -25.21
CA ALA A 370 20.41 -32.56 -24.40
C ALA A 370 21.38 -31.85 -23.44
N LEU A 371 22.23 -32.63 -22.74
CA LEU A 371 23.37 -32.12 -21.93
C LEU A 371 24.17 -31.11 -22.75
N ALA A 372 24.57 -31.50 -23.96
CA ALA A 372 25.37 -30.67 -24.89
C ALA A 372 24.60 -29.40 -25.23
N ALA A 373 23.32 -29.57 -25.56
CA ALA A 373 22.38 -28.47 -25.87
C ALA A 373 22.36 -27.47 -24.69
N HIS A 374 22.25 -27.97 -23.46
CA HIS A 374 22.25 -27.14 -22.24
C HIS A 374 23.51 -26.28 -22.25
N ALA A 375 24.67 -26.94 -22.32
CA ALA A 375 26.01 -26.35 -22.33
C ALA A 375 26.03 -25.21 -23.35
N GLN A 376 25.56 -25.49 -24.56
CA GLN A 376 25.48 -24.47 -25.64
C GLN A 376 24.68 -23.28 -25.08
N LEU A 377 23.45 -23.52 -24.60
CA LEU A 377 22.52 -22.42 -24.19
C LEU A 377 23.15 -21.63 -23.05
N LEU A 378 23.90 -22.31 -22.17
CA LEU A 378 24.57 -21.67 -21.01
C LEU A 378 25.48 -20.55 -21.53
N LYS A 379 26.46 -20.87 -22.38
CA LYS A 379 27.51 -19.92 -22.79
C LYS A 379 26.86 -18.65 -23.37
N HIS A 380 25.61 -18.76 -23.85
CA HIS A 380 24.81 -17.64 -24.42
C HIS A 380 24.58 -16.50 -23.42
N LEU A 381 24.53 -16.76 -22.11
CA LEU A 381 24.31 -15.70 -21.08
C LEU A 381 25.55 -14.80 -20.98
N ASP A 382 26.74 -15.34 -21.28
CA ASP A 382 28.07 -14.70 -21.04
C ASP A 382 28.08 -13.23 -21.53
N THR A 383 27.49 -12.93 -22.70
CA THR A 383 27.67 -11.65 -23.45
C THR A 383 27.40 -10.44 -22.54
N SER A 384 26.19 -9.86 -22.59
CA SER A 384 25.86 -8.52 -22.04
C SER A 384 26.10 -8.49 -20.51
N LYS A 385 27.25 -7.94 -20.09
CA LYS A 385 27.61 -7.72 -18.66
C LYS A 385 27.89 -6.23 -18.43
N SER A 386 28.89 -5.68 -19.11
CA SER A 386 29.29 -4.25 -18.98
C SER A 386 28.39 -3.37 -19.85
N THR A 387 27.89 -3.91 -20.96
CA THR A 387 27.16 -3.21 -22.04
C THR A 387 25.65 -3.09 -21.80
N ARG A 388 25.10 -3.71 -20.74
CA ARG A 388 23.63 -3.89 -20.65
C ARG A 388 22.96 -2.54 -20.32
N GLU A 389 23.51 -1.73 -19.40
CA GLU A 389 23.04 -0.34 -19.18
C GLU A 389 23.16 0.46 -20.49
N ARG A 390 24.36 0.53 -21.07
CA ARG A 390 24.62 1.24 -22.35
C ARG A 390 23.54 0.86 -23.37
N ASP A 391 23.26 -0.44 -23.54
CA ASP A 391 22.33 -0.98 -24.58
C ASP A 391 20.89 -0.57 -24.27
N LEU A 392 20.51 -0.61 -23.01
CA LEU A 392 19.20 -0.06 -22.59
C LEU A 392 19.12 1.43 -22.95
N PHE A 393 20.09 2.25 -22.54
CA PHE A 393 20.03 3.71 -22.70
C PHE A 393 20.03 4.03 -24.20
N VAL A 394 20.87 3.38 -24.98
CA VAL A 394 20.96 3.68 -26.43
C VAL A 394 19.69 3.18 -27.13
N GLY A 395 19.28 1.93 -26.86
CA GLY A 395 18.01 1.35 -27.35
C GLY A 395 16.83 2.28 -27.05
N GLN A 396 16.75 2.82 -25.83
CA GLN A 396 15.63 3.70 -25.40
C GLN A 396 15.73 5.04 -26.14
N PHE A 397 16.93 5.57 -26.28
CA PHE A 397 17.15 6.83 -27.02
C PHE A 397 16.72 6.61 -28.47
N ASN A 398 17.15 5.49 -29.04
CA ASN A 398 16.90 5.16 -30.48
C ASN A 398 15.41 4.86 -30.69
N ASN A 399 14.66 4.61 -29.62
CA ASN A 399 13.20 4.34 -29.72
C ASN A 399 12.37 5.54 -29.30
N THR A 400 12.97 6.68 -28.96
CA THR A 400 12.18 7.93 -28.86
C THR A 400 11.53 8.18 -30.25
N SER A 401 10.57 9.06 -30.32
CA SER A 401 9.64 9.13 -31.48
C SER A 401 10.38 9.54 -32.75
N ALA A 402 11.01 10.71 -32.78
CA ALA A 402 11.55 11.31 -34.02
C ALA A 402 12.68 10.43 -34.53
N VAL A 403 13.56 10.01 -33.62
CA VAL A 403 14.76 9.21 -33.95
C VAL A 403 14.28 7.81 -34.39
N GLY A 404 13.32 7.22 -33.69
CA GLY A 404 12.74 5.90 -34.02
C GLY A 404 12.12 5.92 -35.40
N ALA A 405 11.39 6.96 -35.70
CA ALA A 405 10.74 7.08 -37.02
C ALA A 405 11.84 7.13 -38.09
N ALA A 406 12.89 7.95 -37.87
CA ALA A 406 14.05 8.11 -38.79
C ALA A 406 14.63 6.73 -39.09
N ILE A 407 14.92 5.96 -38.03
CA ILE A 407 15.55 4.62 -38.17
C ILE A 407 14.59 3.67 -38.91
N THR A 408 13.34 3.58 -38.49
CA THR A 408 12.31 2.80 -39.19
C THR A 408 12.28 3.23 -40.67
N LEU A 409 12.12 4.51 -40.95
CA LEU A 409 11.98 5.03 -42.35
C LEU A 409 13.25 4.74 -43.17
N TYR A 410 14.43 4.95 -42.59
CA TYR A 410 15.73 4.70 -43.28
C TYR A 410 15.84 3.20 -43.54
N ARG A 411 15.54 2.40 -42.53
CA ARG A 411 15.63 0.93 -42.64
C ARG A 411 14.72 0.44 -43.77
N LEU A 412 13.51 0.97 -43.85
CA LEU A 412 12.60 0.55 -44.94
C LEU A 412 13.23 0.89 -46.29
N SER A 413 13.83 2.08 -46.43
CA SER A 413 14.40 2.57 -47.72
C SER A 413 15.49 1.59 -48.15
N ILE A 414 16.31 1.12 -47.21
CA ILE A 414 17.33 0.07 -47.47
C ILE A 414 16.66 -1.20 -47.97
N GLU A 415 15.61 -1.65 -47.29
CA GLU A 415 14.94 -2.97 -47.55
C GLU A 415 14.22 -2.93 -48.89
N ARG A 416 13.68 -1.75 -49.26
CA ARG A 416 12.95 -1.54 -50.54
C ARG A 416 13.85 -1.96 -51.72
N SER A 417 15.15 -1.64 -51.67
CA SER A 417 16.22 -2.05 -52.61
C SER A 417 16.12 -3.55 -52.90
N LYS A 418 16.03 -4.37 -51.85
CA LYS A 418 16.05 -5.85 -51.91
C LYS A 418 14.77 -6.33 -52.56
N PRO A 419 14.75 -7.55 -53.16
CA PRO A 419 13.51 -8.18 -53.57
C PRO A 419 12.71 -8.55 -52.31
N ASP A 420 11.39 -8.63 -52.44
CA ASP A 420 10.48 -8.71 -51.27
C ASP A 420 10.87 -9.88 -50.36
N ALA A 421 11.10 -11.08 -50.91
CA ALA A 421 11.34 -12.31 -50.11
C ALA A 421 12.67 -12.24 -49.32
N GLU A 422 13.54 -11.28 -49.60
CA GLU A 422 14.82 -11.11 -48.86
C GLU A 422 14.74 -9.89 -47.93
N ARG A 423 13.59 -9.20 -47.86
CA ARG A 423 13.44 -8.05 -46.93
C ARG A 423 13.35 -8.56 -45.50
N GLU A 424 13.91 -7.82 -44.56
CA GLU A 424 13.76 -8.13 -43.11
C GLU A 424 12.26 -8.29 -42.83
N ALA A 425 11.85 -9.35 -42.13
CA ALA A 425 10.50 -9.46 -41.52
C ALA A 425 10.15 -8.12 -40.82
N GLY A 426 8.96 -7.58 -41.04
CA GLY A 426 8.60 -6.23 -40.57
C GLY A 426 8.78 -5.16 -41.64
N TYR A 427 9.48 -5.47 -42.73
CA TYR A 427 9.73 -4.48 -43.80
C TYR A 427 9.38 -5.01 -45.19
N GLN A 428 8.64 -6.11 -45.28
CA GLN A 428 8.15 -6.64 -46.58
C GLN A 428 6.93 -5.85 -47.03
N GLU A 429 6.46 -6.12 -48.26
CA GLU A 429 5.26 -5.48 -48.85
C GLU A 429 4.07 -5.63 -47.90
N ARG A 430 3.90 -6.80 -47.28
CA ARG A 430 2.74 -7.18 -46.44
C ARG A 430 2.74 -6.37 -45.14
N ASP A 431 3.81 -5.62 -44.85
CA ASP A 431 4.05 -4.86 -43.60
C ASP A 431 3.93 -3.35 -43.83
N LEU A 432 3.90 -2.92 -45.09
CA LEU A 432 4.02 -1.50 -45.47
C LEU A 432 2.88 -0.72 -44.84
N THR A 433 1.67 -1.27 -44.93
CA THR A 433 0.44 -0.66 -44.39
C THR A 433 0.57 -0.47 -42.86
N THR A 434 1.23 -1.39 -42.15
CA THR A 434 1.45 -1.29 -40.69
C THR A 434 2.47 -0.18 -40.40
N ILE A 435 3.56 -0.11 -41.17
CA ILE A 435 4.56 0.98 -40.95
C ILE A 435 3.86 2.32 -41.17
N GLU A 436 3.13 2.43 -42.29
CA GLU A 436 2.47 3.70 -42.63
C GLU A 436 1.50 4.08 -41.50
N GLY A 437 0.69 3.11 -41.04
CA GLY A 437 -0.24 3.33 -39.92
C GLY A 437 0.50 3.75 -38.65
N GLY A 438 1.71 3.24 -38.39
CA GLY A 438 2.53 3.67 -37.24
C GLY A 438 2.92 5.14 -37.35
N LEU A 439 3.28 5.59 -38.56
CA LEU A 439 3.71 6.98 -38.80
C LEU A 439 2.53 7.91 -38.54
N LYS A 440 1.34 7.43 -38.89
CA LYS A 440 0.05 8.16 -38.75
C LYS A 440 -0.33 8.25 -37.26
N GLN A 441 -0.37 7.12 -36.57
CA GLN A 441 -0.71 7.07 -35.12
C GLN A 441 0.23 7.98 -34.32
N MET A 442 1.49 8.08 -34.70
CA MET A 442 2.50 8.90 -33.98
C MET A 442 2.01 10.36 -33.89
N ASP A 443 1.26 10.81 -34.88
CA ASP A 443 0.61 12.15 -34.90
C ASP A 443 -0.13 12.36 -33.56
N ARG A 444 -0.85 11.35 -33.07
CA ARG A 444 -1.66 11.45 -31.83
C ARG A 444 -0.80 11.12 -30.61
N ARG A 445 0.49 10.86 -30.77
CA ARG A 445 1.30 10.27 -29.67
C ARG A 445 2.64 10.97 -29.55
N TYR A 446 2.77 12.13 -30.15
CA TYR A 446 4.07 12.80 -30.26
C TYR A 446 3.88 14.24 -29.86
N VAL A 447 4.75 14.75 -29.02
CA VAL A 447 4.86 16.21 -28.79
C VAL A 447 6.35 16.53 -28.71
N ALA A 448 6.83 17.45 -29.55
CA ALA A 448 8.27 17.75 -29.68
C ALA A 448 8.86 17.97 -28.28
N LYS A 449 8.22 18.75 -27.42
CA LYS A 449 8.84 19.15 -26.13
C LYS A 449 8.94 17.92 -25.23
N MET A 450 7.99 16.99 -25.36
CA MET A 450 8.01 15.77 -24.50
C MET A 450 9.09 14.86 -25.04
N ASP A 451 9.13 14.66 -26.36
CA ASP A 451 10.13 13.79 -27.02
C ASP A 451 11.54 14.29 -26.63
N GLN A 452 11.75 15.60 -26.67
CA GLN A 452 13.03 16.24 -26.30
C GLN A 452 13.39 15.91 -24.87
N GLN A 453 12.42 15.91 -23.97
CA GLN A 453 12.66 15.48 -22.57
C GLN A 453 13.01 13.98 -22.51
N LEU A 454 12.40 13.12 -23.33
CA LEU A 454 12.73 11.65 -23.35
C LEU A 454 14.16 11.49 -23.88
N GLN A 455 14.44 12.14 -25.00
CA GLN A 455 15.82 12.15 -25.55
C GLN A 455 16.79 12.55 -24.44
N THR A 456 16.46 13.59 -23.67
CA THR A 456 17.39 14.20 -22.72
C THR A 456 17.63 13.19 -21.61
N TYR A 457 16.56 12.52 -21.23
CA TYR A 457 16.57 11.56 -20.13
C TYR A 457 17.52 10.42 -20.50
N TRP A 458 17.32 9.82 -21.65
CA TRP A 458 18.10 8.60 -22.02
C TRP A 458 19.56 8.98 -22.32
N LEU A 459 19.80 10.12 -22.97
CA LEU A 459 21.19 10.64 -23.18
C LEU A 459 21.82 10.92 -21.82
N ASP A 460 21.09 11.55 -20.89
CA ASP A 460 21.62 11.80 -19.52
C ASP A 460 22.09 10.48 -18.91
N GLN A 461 21.37 9.38 -19.09
CA GLN A 461 21.73 8.05 -18.51
C GLN A 461 22.98 7.56 -19.22
N TYR A 462 23.07 7.74 -20.54
CA TYR A 462 24.27 7.34 -21.34
C TYR A 462 25.50 8.12 -20.85
N VAL A 463 25.43 9.44 -20.75
CA VAL A 463 26.63 10.25 -20.39
C VAL A 463 26.99 9.98 -18.93
N ALA A 464 26.08 9.52 -18.07
CA ALA A 464 26.43 9.18 -16.68
C ALA A 464 27.14 7.81 -16.61
N LEU A 465 27.15 7.01 -17.69
CA LEU A 465 27.92 5.73 -17.70
C LEU A 465 29.39 6.01 -17.40
N PRO A 466 30.12 5.02 -16.83
CA PRO A 466 31.57 5.06 -16.79
C PRO A 466 32.06 5.23 -18.23
N ALA A 467 33.10 6.05 -18.44
CA ALA A 467 33.74 6.32 -19.76
C ALA A 467 33.87 5.02 -20.55
N ALA A 468 34.41 3.95 -19.94
CA ALA A 468 34.64 2.66 -20.63
C ALA A 468 33.34 2.11 -21.26
N GLN A 469 32.17 2.39 -20.68
CA GLN A 469 30.88 1.84 -21.20
C GLN A 469 30.23 2.84 -22.18
N ARG A 470 30.63 4.12 -22.12
CA ARG A 470 30.16 5.18 -23.04
C ARG A 470 30.95 5.07 -24.34
N ASP A 471 30.88 3.94 -25.03
CA ASP A 471 31.76 3.67 -26.20
C ASP A 471 30.93 3.54 -27.47
N ASN A 472 29.73 4.12 -27.52
CA ASN A 472 28.94 4.17 -28.78
C ASN A 472 29.56 5.28 -29.63
N GLU A 473 30.29 4.90 -30.67
CA GLU A 473 31.09 5.81 -31.52
C GLU A 473 30.17 6.92 -32.04
N VAL A 474 29.04 6.54 -32.62
CA VAL A 474 28.15 7.50 -33.31
C VAL A 474 27.64 8.50 -32.28
N LEU A 475 27.14 7.99 -31.16
CA LEU A 475 26.48 8.89 -30.18
C LEU A 475 27.54 9.82 -29.59
N ASN A 476 28.73 9.27 -29.32
CA ASN A 476 29.85 10.07 -28.76
C ASN A 476 30.18 11.20 -29.73
N LYS A 477 30.25 10.91 -31.04
CA LYS A 477 30.47 11.94 -32.09
C LYS A 477 29.40 13.04 -31.95
N TRP A 478 28.12 12.65 -31.95
CA TRP A 478 26.96 13.58 -31.95
C TRP A 478 26.89 14.34 -30.62
N LEU A 479 27.35 13.74 -29.53
CA LEU A 479 27.33 14.43 -28.22
C LEU A 479 28.49 15.44 -28.15
N ALA A 480 29.68 15.02 -28.60
CA ALA A 480 30.95 15.79 -28.52
C ALA A 480 31.21 16.18 -27.06
N GLY A 481 31.07 15.22 -26.14
CA GLY A 481 31.20 15.46 -24.70
C GLY A 481 30.30 14.56 -23.89
N SER A 482 30.35 14.67 -22.57
CA SER A 482 29.81 13.67 -21.62
C SER A 482 29.11 14.36 -20.45
N ASP A 483 28.60 15.57 -20.66
CA ASP A 483 27.93 16.37 -19.59
C ASP A 483 26.58 16.89 -20.09
N ALA A 484 25.89 17.67 -19.25
CA ALA A 484 24.53 18.18 -19.45
C ALA A 484 24.49 19.09 -20.71
N ALA A 485 25.48 19.97 -20.87
CA ALA A 485 25.60 20.93 -21.98
C ALA A 485 25.65 20.18 -23.32
N ALA A 486 26.42 19.09 -23.37
CA ALA A 486 26.59 18.21 -24.54
C ALA A 486 25.26 17.55 -24.87
N VAL A 487 24.53 17.12 -23.83
CA VAL A 487 23.19 16.52 -24.02
C VAL A 487 22.26 17.58 -24.58
N LYS A 488 22.21 18.76 -23.94
CA LYS A 488 21.31 19.87 -24.33
C LYS A 488 21.57 20.20 -25.80
N SER A 489 22.83 20.33 -26.19
CA SER A 489 23.21 20.81 -27.52
C SER A 489 22.83 19.74 -28.56
N LEU A 490 22.98 18.45 -28.28
CA LEU A 490 22.54 17.36 -29.20
C LEU A 490 21.01 17.33 -29.31
N VAL A 491 20.28 17.54 -28.23
CA VAL A 491 18.78 17.58 -28.29
C VAL A 491 18.39 18.81 -29.11
N ASN A 492 19.00 19.95 -28.79
CA ASN A 492 18.85 21.22 -29.57
C ASN A 492 18.99 20.91 -31.06
N LYS A 493 20.03 20.17 -31.41
CA LYS A 493 20.38 19.80 -32.80
C LYS A 493 19.28 18.89 -33.36
N LEU A 494 18.85 17.88 -32.60
CA LEU A 494 17.82 16.91 -33.07
C LEU A 494 16.47 17.60 -33.19
N GLY A 495 16.30 18.71 -32.45
CA GLY A 495 15.09 19.58 -32.46
C GLY A 495 14.86 20.16 -33.84
N GLY A 496 15.92 20.26 -34.65
CA GLY A 496 15.83 20.69 -36.05
C GLY A 496 15.18 19.66 -36.96
N THR A 497 14.89 18.44 -36.52
CA THR A 497 14.24 17.42 -37.40
C THR A 497 12.87 17.93 -37.88
N GLU A 498 12.44 17.51 -39.07
CA GLU A 498 11.07 17.82 -39.59
C GLU A 498 10.14 16.60 -39.40
N LEU A 499 10.60 15.53 -38.74
CA LEU A 499 9.88 14.23 -38.68
C LEU A 499 8.70 14.29 -37.71
N GLY A 500 8.54 15.40 -36.99
CA GLY A 500 7.32 15.68 -36.20
C GLY A 500 6.13 15.97 -37.11
N SER A 501 6.37 16.28 -38.37
CA SER A 501 5.27 16.55 -39.33
C SER A 501 4.87 15.22 -39.98
N LEU A 502 3.58 14.89 -39.94
CA LEU A 502 3.06 13.64 -40.55
C LEU A 502 3.43 13.62 -42.04
N ASP A 503 3.14 14.71 -42.77
CA ASP A 503 3.40 14.81 -44.23
C ASP A 503 4.87 14.49 -44.51
N THR A 504 5.78 15.03 -43.69
CA THR A 504 7.22 14.75 -43.82
C THR A 504 7.41 13.23 -43.70
N ARG A 505 6.91 12.61 -42.63
CA ARG A 505 7.12 11.16 -42.38
C ARG A 505 6.60 10.37 -43.58
N LEU A 506 5.47 10.78 -44.16
CA LEU A 506 4.80 10.03 -45.26
C LEU A 506 5.59 10.24 -46.56
N LYS A 507 6.27 11.39 -46.74
CA LYS A 507 7.25 11.58 -47.85
C LYS A 507 8.38 10.56 -47.67
N TRP A 508 9.05 10.54 -46.51
CA TRP A 508 10.20 9.67 -46.23
C TRP A 508 9.78 8.21 -46.36
N PHE A 509 8.53 7.89 -46.00
CA PHE A 509 7.95 6.52 -46.12
C PHE A 509 8.16 5.99 -47.54
N LYS A 510 8.08 6.87 -48.53
CA LYS A 510 8.11 6.49 -49.98
C LYS A 510 9.53 6.63 -50.58
N ALA A 511 10.50 7.17 -49.84
CA ALA A 511 11.72 7.80 -50.42
C ALA A 511 12.86 6.79 -50.63
N ASP A 512 13.69 7.04 -51.64
CA ASP A 512 14.86 6.20 -51.98
C ASP A 512 15.88 6.35 -50.85
N ARG A 513 16.69 5.33 -50.62
CA ARG A 513 17.75 5.42 -49.59
C ARG A 513 18.70 6.57 -49.89
N ALA A 514 18.88 6.97 -51.17
CA ALA A 514 19.82 8.08 -51.50
C ALA A 514 19.30 9.41 -50.95
N ALA A 515 17.99 9.67 -50.92
CA ALA A 515 17.51 10.94 -50.32
C ALA A 515 17.88 10.94 -48.83
N PHE A 516 17.80 9.78 -48.18
CA PHE A 516 18.11 9.62 -46.74
C PHE A 516 19.59 9.96 -46.48
N GLU A 517 20.49 9.35 -47.26
CA GLU A 517 21.98 9.42 -47.12
C GLU A 517 22.48 10.83 -47.46
N ALA A 518 21.67 11.61 -48.21
CA ALA A 518 21.96 13.01 -48.61
C ALA A 518 21.36 14.02 -47.63
N SER A 519 20.34 13.64 -46.84
CA SER A 519 19.48 14.57 -46.08
C SER A 519 20.29 15.36 -45.06
N ASN A 520 19.88 16.59 -44.75
CA ASN A 520 20.51 17.38 -43.66
C ASN A 520 19.59 17.36 -42.41
N ASP A 521 18.49 16.61 -42.46
CA ASP A 521 17.60 16.44 -41.28
C ASP A 521 18.38 15.70 -40.20
N PRO A 522 18.62 16.33 -39.03
CA PRO A 522 19.48 15.73 -38.01
C PRO A 522 19.07 14.31 -37.56
N ALA A 523 17.78 13.96 -37.59
CA ALA A 523 17.29 12.63 -37.15
C ALA A 523 17.62 11.58 -38.21
N ILE A 524 17.42 11.94 -39.48
CA ILE A 524 17.77 11.12 -40.66
C ILE A 524 19.28 10.87 -40.68
N GLN A 525 20.08 11.94 -40.52
CA GLN A 525 21.55 11.84 -40.46
C GLN A 525 21.94 10.85 -39.36
N TYR A 526 21.31 10.97 -38.21
CA TYR A 526 21.62 10.08 -37.07
C TYR A 526 21.22 8.66 -37.47
N ALA A 527 20.04 8.47 -38.07
CA ALA A 527 19.57 7.12 -38.44
C ALA A 527 20.60 6.49 -39.36
N VAL A 528 21.15 7.32 -40.26
CA VAL A 528 22.06 6.88 -41.34
C VAL A 528 23.38 6.45 -40.70
N ALA A 529 23.86 7.22 -39.73
CA ALA A 529 25.12 6.95 -38.99
C ALA A 529 25.01 5.68 -38.12
N VAL A 530 23.83 5.40 -37.58
CA VAL A 530 23.71 4.29 -36.58
C VAL A 530 23.40 2.99 -37.30
N MET A 531 22.90 3.07 -38.54
CA MET A 531 22.33 1.89 -39.22
C MET A 531 23.37 0.79 -39.40
N PRO A 532 24.65 1.08 -39.75
CA PRO A 532 25.63 0.01 -39.89
C PRO A 532 25.70 -0.81 -38.59
N ALA A 533 25.88 -0.14 -37.44
CA ALA A 533 25.91 -0.79 -36.10
C ALA A 533 24.63 -1.58 -35.88
N LEU A 534 23.46 -1.00 -36.16
CA LEU A 534 22.17 -1.67 -35.90
C LEU A 534 22.11 -2.96 -36.70
N LEU A 535 22.49 -2.91 -37.98
CA LEU A 535 22.44 -4.10 -38.86
C LEU A 535 23.44 -5.13 -38.31
N LYS A 536 24.61 -4.72 -37.88
CA LYS A 536 25.59 -5.68 -37.31
C LYS A 536 24.97 -6.31 -36.06
N GLN A 537 24.36 -5.50 -35.21
CA GLN A 537 23.75 -6.01 -33.94
C GLN A 537 22.63 -7.01 -34.28
N GLU A 538 21.91 -6.76 -35.36
CA GLU A 538 20.76 -7.60 -35.75
C GLU A 538 21.29 -8.92 -36.30
N GLU A 539 22.36 -8.88 -37.10
CA GLU A 539 23.00 -10.10 -37.62
C GLU A 539 23.48 -10.95 -36.45
N GLN A 540 24.06 -10.34 -35.42
CA GLN A 540 24.55 -11.07 -34.23
C GLN A 540 23.35 -11.69 -33.53
N LYS A 541 22.23 -10.97 -33.51
CA LYS A 541 21.01 -11.52 -32.89
C LYS A 541 20.60 -12.78 -33.67
N LYS A 542 20.63 -12.72 -35.00
CA LYS A 542 20.19 -13.84 -35.88
C LYS A 542 21.10 -15.06 -35.74
N ILE A 543 22.40 -14.82 -35.62
CA ILE A 543 23.39 -15.89 -35.36
C ILE A 543 23.04 -16.58 -34.04
N ARG A 544 22.80 -15.82 -32.98
CA ARG A 544 22.38 -16.37 -31.66
C ARG A 544 21.10 -17.20 -31.83
N GLU A 545 20.11 -16.71 -32.60
CA GLU A 545 18.85 -17.47 -32.83
C GLU A 545 19.20 -18.73 -33.62
N GLY A 546 20.05 -18.64 -34.65
CA GLY A 546 20.54 -19.83 -35.39
C GLY A 546 21.15 -20.87 -34.47
N GLU A 547 22.00 -20.44 -33.55
CA GLU A 547 22.76 -21.36 -32.65
C GLU A 547 21.75 -22.15 -31.81
N SER A 548 20.69 -21.50 -31.34
CA SER A 548 19.74 -22.07 -30.36
C SER A 548 18.65 -22.90 -31.06
N LEU A 549 18.61 -22.91 -32.39
CA LEU A 549 17.47 -23.42 -33.19
C LEU A 549 17.47 -24.95 -33.19
N THR A 550 18.59 -25.55 -32.79
CA THR A 550 18.70 -27.02 -32.59
C THR A 550 18.95 -27.30 -31.11
N ALA A 551 19.64 -26.41 -30.41
CA ALA A 551 20.01 -26.51 -28.97
C ALA A 551 18.73 -26.39 -28.13
N ARG A 552 18.05 -25.24 -28.24
CA ARG A 552 16.87 -24.91 -27.43
C ARG A 552 15.87 -26.07 -27.55
N PRO A 553 15.46 -26.50 -28.75
CA PRO A 553 14.49 -27.59 -28.86
C PRO A 553 14.92 -28.87 -28.16
N LEU A 554 16.20 -29.25 -28.20
CA LEU A 554 16.65 -30.54 -27.61
C LEU A 554 16.64 -30.45 -26.07
N TYR A 555 17.12 -29.33 -25.51
CA TYR A 555 17.09 -29.09 -24.05
C TYR A 555 15.64 -29.06 -23.54
N LEU A 556 14.78 -28.22 -24.12
CA LEU A 556 13.35 -28.08 -23.69
C LEU A 556 12.61 -29.41 -23.87
N GLN A 557 12.93 -30.20 -24.89
CA GLN A 557 12.36 -31.56 -25.04
C GLN A 557 12.76 -32.38 -23.81
N ALA A 558 14.00 -32.25 -23.35
CA ALA A 558 14.53 -32.95 -22.17
C ALA A 558 13.87 -32.42 -20.89
N VAL A 559 13.80 -31.10 -20.72
CA VAL A 559 13.11 -30.46 -19.55
C VAL A 559 11.68 -30.99 -19.52
N ALA A 560 10.98 -30.96 -20.65
CA ALA A 560 9.61 -31.49 -20.79
C ALA A 560 9.61 -32.96 -20.39
N ASP A 561 10.41 -33.79 -21.06
CA ASP A 561 10.44 -35.26 -20.78
C ASP A 561 10.73 -35.46 -19.29
N TYR A 562 11.53 -34.59 -18.66
CA TYR A 562 11.81 -34.67 -17.21
C TYR A 562 10.61 -34.21 -16.37
N LYS A 563 9.94 -33.12 -16.76
CA LYS A 563 8.69 -32.65 -16.10
C LYS A 563 7.68 -33.80 -16.19
N LYS A 564 7.52 -34.43 -17.35
CA LYS A 564 6.55 -35.55 -17.55
C LYS A 564 6.92 -36.70 -16.61
N SER A 565 8.20 -37.06 -16.49
CA SER A 565 8.70 -38.16 -15.61
C SER A 565 8.28 -37.93 -14.14
N GLN A 566 8.22 -36.68 -13.67
CA GLN A 566 7.84 -36.29 -12.28
C GLN A 566 6.32 -36.05 -12.20
N GLY A 567 5.60 -36.24 -13.31
CA GLY A 567 4.14 -36.13 -13.37
C GLY A 567 3.66 -34.69 -13.39
N GLU A 568 4.54 -33.71 -13.63
CA GLU A 568 4.20 -32.25 -13.67
C GLU A 568 3.37 -32.01 -14.94
N PHE A 569 2.82 -30.80 -15.06
CA PHE A 569 2.00 -30.39 -16.23
C PHE A 569 2.95 -30.02 -17.37
N VAL A 570 2.70 -30.52 -18.58
CA VAL A 570 3.54 -30.20 -19.79
C VAL A 570 2.72 -29.49 -20.87
N TYR A 571 2.98 -28.21 -21.02
CA TYR A 571 2.35 -27.28 -21.99
C TYR A 571 3.45 -26.33 -22.40
N PRO A 572 3.41 -25.85 -23.65
CA PRO A 572 4.42 -24.93 -24.13
C PRO A 572 4.34 -23.55 -23.46
N ASP A 573 5.46 -22.85 -23.38
CA ASP A 573 5.45 -21.41 -23.01
C ASP A 573 4.53 -20.68 -24.00
N ALA A 574 3.80 -19.68 -23.51
CA ALA A 574 3.02 -18.76 -24.35
C ALA A 574 3.92 -18.21 -25.47
N ASN A 575 3.37 -18.04 -26.66
CA ASN A 575 4.10 -17.59 -27.88
C ASN A 575 3.13 -16.75 -28.72
N LEU A 576 2.19 -15.99 -28.10
CA LEU A 576 1.11 -15.20 -28.76
C LEU A 576 0.15 -16.08 -29.56
N SER A 577 0.05 -17.39 -29.37
CA SER A 577 -0.95 -18.24 -30.06
C SER A 577 -2.11 -18.54 -29.11
N LEU A 578 -3.14 -19.13 -29.67
CA LEU A 578 -4.40 -19.49 -28.99
C LEU A 578 -4.14 -20.58 -27.98
N ARG A 579 -4.55 -20.30 -26.74
CA ARG A 579 -4.46 -21.23 -25.59
C ARG A 579 -5.79 -21.26 -24.83
N ILE A 580 -6.02 -22.39 -24.20
CA ILE A 580 -7.17 -22.62 -23.30
C ILE A 580 -6.58 -22.78 -21.91
N THR A 581 -7.24 -22.19 -20.92
CA THR A 581 -6.96 -22.45 -19.50
C THR A 581 -8.32 -22.63 -18.85
N PHE A 582 -8.38 -23.25 -17.70
CA PHE A 582 -9.70 -23.51 -17.11
C PHE A 582 -9.42 -23.70 -15.66
N GLY A 583 -10.50 -23.68 -14.90
CA GLY A 583 -10.46 -23.83 -13.45
C GLY A 583 -11.79 -23.40 -12.90
N ASN A 584 -11.74 -22.82 -11.72
CA ASN A 584 -12.97 -22.48 -10.99
C ASN A 584 -12.79 -21.10 -10.33
N VAL A 585 -13.90 -20.44 -10.15
CA VAL A 585 -14.00 -19.20 -9.35
C VAL A 585 -13.64 -19.59 -7.92
N MET A 586 -12.58 -18.98 -7.43
CA MET A 586 -12.12 -19.17 -6.05
C MET A 586 -11.16 -18.05 -5.70
N GLY A 587 -11.16 -17.75 -4.41
CA GLY A 587 -10.21 -16.84 -3.77
C GLY A 587 -8.90 -17.53 -3.51
N TYR A 588 -8.07 -16.88 -2.73
CA TYR A 588 -6.75 -17.39 -2.32
C TYR A 588 -6.55 -16.86 -0.91
N GLY A 589 -5.48 -17.28 -0.24
CA GLY A 589 -5.25 -16.97 1.17
C GLY A 589 -3.80 -16.54 1.38
N LYS A 590 -3.58 -15.62 2.31
CA LYS A 590 -2.28 -15.37 2.98
C LYS A 590 -2.57 -15.52 4.46
N ASP A 591 -1.56 -15.65 5.31
CA ASP A 591 -1.73 -15.73 6.78
C ASP A 591 -2.56 -14.53 7.27
N GLY A 592 -3.69 -14.78 7.94
CA GLY A 592 -4.59 -13.77 8.50
C GLY A 592 -5.61 -13.24 7.50
N VAL A 593 -5.57 -13.65 6.23
CA VAL A 593 -6.50 -13.11 5.17
C VAL A 593 -7.01 -14.23 4.25
N LYS A 594 -8.31 -14.23 4.02
CA LYS A 594 -8.95 -15.01 2.93
C LYS A 594 -9.55 -14.02 1.95
N TYR A 595 -9.00 -13.95 0.75
CA TYR A 595 -9.56 -13.20 -0.40
C TYR A 595 -10.77 -13.97 -0.91
N THR A 596 -11.92 -13.31 -0.90
CA THR A 596 -13.18 -13.92 -1.31
C THR A 596 -13.19 -13.73 -2.83
N PRO A 597 -13.81 -14.65 -3.57
CA PRO A 597 -13.75 -14.63 -5.03
C PRO A 597 -14.44 -13.46 -5.75
N PHE A 598 -15.32 -12.72 -5.09
CA PHE A 598 -16.08 -11.59 -5.70
C PHE A 598 -15.90 -10.29 -4.91
N THR A 599 -15.80 -9.19 -5.67
CA THR A 599 -16.10 -7.82 -5.19
C THR A 599 -17.50 -7.47 -5.68
N THR A 600 -18.08 -6.42 -5.12
CA THR A 600 -19.50 -6.02 -5.31
C THR A 600 -19.56 -4.50 -5.42
N LEU A 601 -20.72 -3.95 -5.81
CA LEU A 601 -20.87 -2.50 -6.01
C LEU A 601 -20.38 -1.74 -4.76
N GLU A 602 -20.73 -2.25 -3.57
CA GLU A 602 -20.46 -1.54 -2.30
C GLU A 602 -18.95 -1.38 -2.12
N GLY A 603 -18.15 -2.35 -2.56
CA GLY A 603 -16.70 -2.21 -2.46
C GLY A 603 -16.20 -1.04 -3.30
N VAL A 604 -16.87 -0.78 -4.42
CA VAL A 604 -16.52 0.37 -5.29
C VAL A 604 -16.79 1.66 -4.51
N ALA A 605 -18.02 1.85 -4.08
CA ALA A 605 -18.47 3.02 -3.27
C ALA A 605 -17.55 3.19 -2.05
N ALA A 606 -17.20 2.10 -1.36
CA ALA A 606 -16.38 2.15 -0.12
C ALA A 606 -14.99 2.71 -0.41
N LYS A 607 -14.47 2.56 -1.63
CA LYS A 607 -13.12 3.06 -1.95
C LYS A 607 -13.15 4.51 -2.45
N GLU A 608 -14.34 5.07 -2.65
CA GLU A 608 -14.53 6.46 -3.15
C GLU A 608 -13.75 7.44 -2.26
N THR A 609 -12.82 8.19 -2.85
CA THR A 609 -12.07 9.29 -2.17
C THR A 609 -12.45 10.63 -2.79
N GLY A 610 -13.20 10.63 -3.90
CA GLY A 610 -13.54 11.84 -4.68
C GLY A 610 -12.38 12.31 -5.52
N GLU A 611 -11.29 11.57 -5.56
CA GLU A 611 -10.06 12.03 -6.24
C GLU A 611 -9.48 10.84 -6.97
N ASP A 612 -8.89 11.11 -8.11
CA ASP A 612 -8.18 10.13 -8.94
C ASP A 612 -7.23 9.34 -8.05
N PRO A 613 -7.13 8.00 -8.20
CA PRO A 613 -7.93 7.25 -9.17
C PRO A 613 -9.20 6.63 -8.60
N PHE A 614 -9.67 7.19 -7.49
CA PHE A 614 -10.80 6.63 -6.71
C PHE A 614 -11.99 7.58 -6.75
N ASP A 615 -12.39 7.96 -7.95
CA ASP A 615 -13.40 9.01 -8.19
C ASP A 615 -14.44 8.46 -9.19
N SER A 616 -15.34 7.63 -8.73
CA SER A 616 -16.38 7.01 -9.57
C SER A 616 -17.36 8.08 -10.06
N PRO A 617 -18.06 7.86 -11.18
CA PRO A 617 -19.10 8.79 -11.60
C PRO A 617 -20.16 8.86 -10.50
N LYS A 618 -20.70 10.06 -10.32
CA LYS A 618 -21.79 10.32 -9.36
C LYS A 618 -22.92 9.33 -9.60
N ALA A 619 -23.23 9.04 -10.86
CA ALA A 619 -24.31 8.11 -11.24
C ALA A 619 -24.03 6.74 -10.60
N LEU A 620 -22.77 6.34 -10.50
CA LEU A 620 -22.43 5.05 -9.85
C LEU A 620 -22.66 5.18 -8.34
N LEU A 621 -22.15 6.26 -7.74
CA LEU A 621 -22.24 6.48 -6.26
C LEU A 621 -23.71 6.59 -5.86
N ASP A 622 -24.54 7.18 -6.72
CA ASP A 622 -26.00 7.30 -6.46
C ASP A 622 -26.67 5.94 -6.62
N ALA A 623 -26.43 5.17 -7.69
CA ALA A 623 -27.10 3.86 -7.88
C ALA A 623 -26.73 2.91 -6.72
N VAL A 624 -25.47 2.95 -6.25
CA VAL A 624 -25.01 2.03 -5.16
C VAL A 624 -25.67 2.45 -3.83
N LYS A 625 -25.68 3.75 -3.54
CA LYS A 625 -26.41 4.35 -2.37
C LYS A 625 -27.89 3.92 -2.43
N ALA A 626 -28.53 3.99 -3.60
CA ALA A 626 -29.94 3.56 -3.76
C ALA A 626 -30.08 2.04 -3.94
N LYS A 627 -29.01 1.23 -3.90
CA LYS A 627 -29.10 -0.23 -4.18
C LYS A 627 -29.89 -0.45 -5.47
N ARG A 628 -29.63 0.36 -6.50
CA ARG A 628 -30.22 0.17 -7.84
C ARG A 628 -29.41 -0.92 -8.53
N TYR A 629 -29.69 -2.18 -8.24
CA TYR A 629 -28.94 -3.34 -8.75
C TYR A 629 -29.38 -3.70 -10.17
N GLY A 630 -30.48 -3.15 -10.64
CA GLY A 630 -30.94 -3.34 -12.02
C GLY A 630 -31.26 -4.80 -12.32
N GLY A 631 -31.56 -5.58 -11.27
CA GLY A 631 -31.98 -6.97 -11.42
C GLY A 631 -30.79 -7.90 -11.57
N LEU A 632 -29.58 -7.38 -11.37
CA LEU A 632 -28.29 -8.06 -11.67
C LEU A 632 -27.65 -8.53 -10.35
N GLU A 633 -28.29 -8.32 -9.20
CA GLU A 633 -27.67 -8.77 -7.92
C GLU A 633 -27.63 -10.29 -7.90
N ASP A 634 -26.55 -10.84 -7.37
CA ASP A 634 -26.41 -12.27 -7.08
C ASP A 634 -26.84 -12.40 -5.62
N LYS A 635 -27.85 -13.21 -5.32
CA LYS A 635 -28.38 -13.44 -3.94
C LYS A 635 -27.23 -13.92 -3.04
N ARG A 636 -26.29 -14.73 -3.54
CA ARG A 636 -25.18 -15.22 -2.67
C ARG A 636 -24.28 -14.07 -2.23
N LEU A 637 -24.23 -12.94 -2.94
CA LEU A 637 -23.34 -11.80 -2.60
C LEU A 637 -24.18 -10.70 -1.94
N GLY A 638 -25.49 -10.68 -2.19
CA GLY A 638 -26.44 -9.62 -1.78
C GLY A 638 -26.19 -8.36 -2.56
N SER A 639 -25.49 -8.43 -3.69
CA SER A 639 -25.21 -7.23 -4.49
C SER A 639 -24.81 -7.62 -5.92
N VAL A 640 -24.51 -6.65 -6.76
CA VAL A 640 -23.97 -6.91 -8.12
C VAL A 640 -22.49 -7.17 -7.98
N PRO A 641 -21.98 -8.31 -8.49
CA PRO A 641 -20.55 -8.58 -8.47
C PRO A 641 -19.82 -7.67 -9.45
N VAL A 642 -18.60 -7.31 -9.13
CA VAL A 642 -17.81 -6.36 -9.96
C VAL A 642 -16.70 -7.15 -10.65
N ASN A 643 -15.81 -7.66 -9.84
CA ASN A 643 -14.65 -8.46 -10.29
C ASN A 643 -14.72 -9.85 -9.63
N PHE A 644 -14.05 -10.83 -10.19
CA PHE A 644 -13.98 -12.15 -9.55
C PHE A 644 -12.60 -12.75 -9.79
N LEU A 645 -12.21 -13.62 -8.87
CA LEU A 645 -10.97 -14.40 -8.92
C LEU A 645 -11.28 -15.81 -9.42
N SER A 646 -10.32 -16.39 -10.14
CA SER A 646 -10.33 -17.81 -10.54
C SER A 646 -8.89 -18.26 -10.74
N ASN A 647 -8.68 -19.57 -10.67
CA ASN A 647 -7.33 -20.18 -10.63
C ASN A 647 -7.00 -20.52 -12.08
N LEU A 648 -7.27 -19.59 -13.00
CA LEU A 648 -6.90 -19.79 -14.42
C LEU A 648 -5.46 -19.31 -14.59
N ASP A 649 -4.84 -19.68 -15.71
CA ASP A 649 -3.39 -19.48 -15.97
C ASP A 649 -3.30 -18.57 -17.19
N ILE A 650 -3.25 -17.28 -16.94
CA ILE A 650 -3.27 -16.26 -18.01
C ILE A 650 -2.06 -15.35 -17.80
N THR A 651 -1.66 -14.69 -18.87
CA THR A 651 -0.56 -13.70 -18.81
C THR A 651 -0.83 -12.58 -19.83
N GLY A 652 0.13 -11.67 -19.95
CA GLY A 652 0.08 -10.61 -20.97
C GLY A 652 -0.37 -11.20 -22.28
N GLY A 653 -1.40 -10.62 -22.89
CA GLY A 653 -1.93 -11.06 -24.18
C GLY A 653 -3.35 -11.59 -24.00
N ASN A 654 -3.63 -12.11 -22.80
CA ASN A 654 -4.95 -12.66 -22.39
C ASN A 654 -5.90 -11.56 -21.94
N SER A 655 -5.44 -10.33 -21.73
CA SER A 655 -6.34 -9.19 -21.45
C SER A 655 -7.45 -9.22 -22.50
N GLY A 656 -8.71 -9.08 -22.07
CA GLY A 656 -9.87 -9.04 -22.98
C GLY A 656 -10.34 -10.44 -23.34
N SER A 657 -9.67 -11.46 -22.83
CA SER A 657 -10.10 -12.86 -23.10
C SER A 657 -11.48 -13.05 -22.50
N PRO A 658 -12.43 -13.63 -23.24
CA PRO A 658 -13.71 -14.03 -22.65
C PRO A 658 -13.58 -15.17 -21.63
N VAL A 659 -14.24 -15.02 -20.50
CA VAL A 659 -14.40 -16.08 -19.47
C VAL A 659 -15.75 -16.75 -19.72
N LEU A 660 -15.72 -18.03 -20.06
CA LEU A 660 -16.92 -18.85 -20.37
C LEU A 660 -17.25 -19.69 -19.15
N ASP A 661 -18.53 -19.81 -18.87
CA ASP A 661 -19.03 -20.74 -17.83
C ASP A 661 -19.06 -22.16 -18.43
N ALA A 662 -19.62 -23.09 -17.67
CA ALA A 662 -19.72 -24.53 -18.02
C ALA A 662 -20.44 -24.71 -19.36
N ASN A 663 -21.25 -23.73 -19.78
CA ASN A 663 -22.09 -23.84 -21.01
C ASN A 663 -21.55 -22.94 -22.11
N GLY A 664 -20.31 -22.43 -21.98
CA GLY A 664 -19.67 -21.63 -23.04
C GLY A 664 -20.30 -20.24 -23.14
N LYS A 665 -20.94 -19.75 -22.10
CA LYS A 665 -21.54 -18.39 -22.10
C LYS A 665 -20.56 -17.44 -21.44
N LEU A 666 -20.57 -16.16 -21.85
CA LEU A 666 -19.65 -15.11 -21.34
C LEU A 666 -20.05 -14.72 -19.92
N VAL A 667 -19.26 -15.05 -18.92
CA VAL A 667 -19.52 -14.59 -17.53
C VAL A 667 -18.58 -13.43 -17.19
N GLY A 668 -17.62 -13.10 -18.06
CA GLY A 668 -16.64 -12.05 -17.74
C GLY A 668 -15.52 -11.92 -18.75
N LEU A 669 -14.66 -10.92 -18.52
CA LEU A 669 -13.42 -10.68 -19.29
C LEU A 669 -12.27 -10.80 -18.31
N ALA A 670 -11.24 -11.53 -18.71
CA ALA A 670 -9.92 -11.55 -18.05
C ALA A 670 -9.36 -10.13 -18.20
N PHE A 671 -8.79 -9.57 -17.15
CA PHE A 671 -8.05 -8.30 -17.34
C PHE A 671 -6.78 -8.25 -16.50
N ASP A 672 -6.63 -9.04 -15.45
CA ASP A 672 -5.47 -8.76 -14.58
C ASP A 672 -5.18 -9.98 -13.73
N GLY A 673 -4.05 -9.96 -13.03
CA GLY A 673 -3.73 -10.93 -11.99
C GLY A 673 -3.60 -10.29 -10.66
N ASN A 674 -3.68 -11.08 -9.62
CA ASN A 674 -3.38 -10.60 -8.25
C ASN A 674 -1.86 -10.45 -8.15
N TRP A 675 -1.42 -9.83 -7.08
CA TRP A 675 -0.02 -9.38 -6.87
C TRP A 675 0.89 -10.59 -6.90
N GLU A 676 0.43 -11.71 -6.35
CA GLU A 676 1.26 -12.93 -6.25
C GLU A 676 1.35 -13.65 -7.60
N SER A 677 0.49 -13.32 -8.56
CA SER A 677 0.43 -14.08 -9.83
C SER A 677 1.58 -13.66 -10.77
N VAL A 678 2.10 -12.43 -10.65
CA VAL A 678 2.96 -11.83 -11.70
C VAL A 678 4.25 -12.64 -11.87
N SER A 679 4.76 -13.26 -10.82
CA SER A 679 5.99 -14.10 -10.83
C SER A 679 5.76 -15.46 -11.52
N SER A 680 4.50 -15.85 -11.79
CA SER A 680 4.13 -17.12 -12.48
C SER A 680 4.51 -17.01 -13.95
N ASN A 681 4.91 -15.83 -14.41
CA ASN A 681 5.50 -15.73 -15.78
C ASN A 681 6.75 -16.62 -15.87
N TRP A 682 7.41 -16.85 -14.75
CA TRP A 682 8.67 -17.60 -14.61
C TRP A 682 8.48 -18.92 -13.86
N VAL A 683 7.94 -18.85 -12.65
CA VAL A 683 7.73 -20.03 -11.77
C VAL A 683 6.29 -19.98 -11.34
N PHE A 684 5.46 -20.90 -11.85
CA PHE A 684 3.99 -20.89 -11.64
C PHE A 684 3.70 -21.32 -10.22
N ASP A 685 2.77 -20.62 -9.54
CA ASP A 685 2.39 -20.88 -8.13
C ASP A 685 0.90 -21.16 -8.03
N PRO A 686 0.47 -22.44 -7.98
CA PRO A 686 -0.97 -22.73 -7.95
C PRO A 686 -1.68 -22.13 -6.73
N VAL A 687 -0.98 -21.94 -5.62
CA VAL A 687 -1.64 -21.55 -4.33
C VAL A 687 -2.12 -20.10 -4.44
N MET A 688 -1.36 -19.21 -5.06
CA MET A 688 -1.69 -17.77 -5.00
C MET A 688 -1.90 -17.15 -6.39
N THR A 689 -1.68 -17.86 -7.48
CA THR A 689 -1.96 -17.30 -8.82
C THR A 689 -3.46 -17.27 -9.09
N ARG A 690 -3.99 -16.05 -9.23
CA ARG A 690 -5.38 -15.86 -9.65
C ARG A 690 -5.48 -14.92 -10.85
N MET A 691 -6.37 -15.24 -11.76
CA MET A 691 -6.88 -14.29 -12.77
C MET A 691 -7.91 -13.40 -12.08
N ILE A 692 -7.85 -12.10 -12.36
CA ILE A 692 -8.95 -11.16 -12.04
C ILE A 692 -9.72 -10.92 -13.36
N ALA A 693 -11.03 -11.07 -13.27
CA ALA A 693 -11.96 -10.85 -14.38
C ALA A 693 -12.98 -9.79 -13.96
N VAL A 694 -13.51 -9.13 -14.96
CA VAL A 694 -14.69 -8.26 -14.76
C VAL A 694 -15.92 -9.11 -15.04
N ASP A 695 -16.86 -9.11 -14.11
CA ASP A 695 -18.10 -9.87 -14.21
C ASP A 695 -18.92 -9.26 -15.34
N SER A 696 -19.52 -10.09 -16.18
CA SER A 696 -20.43 -9.63 -17.28
C SER A 696 -21.64 -8.91 -16.69
N ARG A 697 -22.00 -9.23 -15.45
CA ARG A 697 -23.07 -8.48 -14.78
C ARG A 697 -22.62 -7.06 -14.48
N TYR A 698 -21.39 -6.82 -14.07
CA TYR A 698 -20.93 -5.44 -13.78
C TYR A 698 -20.90 -4.67 -15.08
N MET A 699 -20.47 -5.32 -16.16
CA MET A 699 -20.45 -4.68 -17.49
C MET A 699 -21.86 -4.21 -17.82
N GLN A 700 -22.83 -5.09 -17.67
CA GLN A 700 -24.22 -4.74 -18.03
C GLN A 700 -24.73 -3.62 -17.11
N TRP A 701 -24.42 -3.73 -15.82
CA TRP A 701 -24.85 -2.79 -14.76
C TRP A 701 -24.33 -1.39 -15.12
N ILE A 702 -23.05 -1.26 -15.48
CA ILE A 702 -22.42 0.04 -15.85
C ILE A 702 -23.24 0.58 -16.99
N MET A 703 -23.62 -0.27 -17.95
CA MET A 703 -24.23 0.17 -19.23
C MET A 703 -25.71 0.48 -19.06
N GLN A 704 -26.28 0.07 -17.92
CA GLN A 704 -27.70 0.33 -17.54
C GLN A 704 -27.76 1.55 -16.63
N GLU A 705 -26.90 1.61 -15.62
CA GLU A 705 -27.11 2.47 -14.44
C GLU A 705 -26.14 3.65 -14.43
N VAL A 706 -25.02 3.62 -15.18
CA VAL A 706 -23.91 4.57 -14.89
C VAL A 706 -23.49 5.31 -16.14
N ALA A 707 -23.09 4.59 -17.18
CA ALA A 707 -22.65 5.19 -18.46
C ALA A 707 -23.47 4.50 -19.54
N PRO A 708 -24.72 4.93 -19.77
CA PRO A 708 -25.68 4.06 -20.45
C PRO A 708 -25.27 3.84 -21.92
N ALA A 709 -25.63 2.67 -22.43
CA ALA A 709 -25.40 2.21 -23.81
C ALA A 709 -26.61 1.37 -24.16
N PRO A 710 -27.80 2.00 -24.19
CA PRO A 710 -29.05 1.31 -24.48
C PRO A 710 -29.01 0.59 -25.83
N GLN A 711 -28.34 1.15 -26.83
CA GLN A 711 -28.30 0.55 -28.19
C GLN A 711 -27.47 -0.74 -28.11
N LEU A 712 -26.44 -0.71 -27.26
CA LEU A 712 -25.56 -1.88 -27.03
C LEU A 712 -26.32 -2.96 -26.22
N LEU A 713 -27.01 -2.59 -25.14
CA LEU A 713 -27.78 -3.59 -24.38
C LEU A 713 -28.77 -4.32 -25.31
N LYS A 714 -29.41 -3.60 -26.24
CA LYS A 714 -30.36 -4.18 -27.24
C LYS A 714 -29.63 -5.14 -28.17
N GLU A 715 -28.48 -4.70 -28.69
CA GLU A 715 -27.73 -5.49 -29.68
C GLU A 715 -27.25 -6.76 -28.99
N LEU A 716 -27.02 -6.71 -27.67
CA LEU A 716 -26.58 -7.88 -26.87
C LEU A 716 -27.79 -8.68 -26.38
N ASN A 717 -29.01 -8.19 -26.59
CA ASN A 717 -30.28 -8.84 -26.12
C ASN A 717 -30.26 -8.96 -24.60
N LEU A 718 -29.86 -7.89 -23.93
CA LEU A 718 -29.95 -7.73 -22.46
C LEU A 718 -30.96 -6.64 -22.06
N ALA A 719 -31.50 -5.84 -23.00
CA ALA A 719 -32.30 -4.64 -22.68
C ALA A 719 -33.73 -5.05 -22.29
N ALA B 23 -17.80 -5.53 21.47
CA ALA B 23 -18.89 -4.60 21.74
C ALA B 23 -18.32 -3.20 21.70
N GLU B 24 -19.15 -2.22 21.36
CA GLU B 24 -18.81 -0.80 21.48
C GLU B 24 -18.73 -0.34 22.95
N GLY B 25 -17.87 0.64 23.21
CA GLY B 25 -17.86 1.38 24.48
C GLY B 25 -16.58 1.14 25.25
N MET B 26 -16.10 2.21 25.85
CA MET B 26 -15.00 2.22 26.83
C MET B 26 -15.62 2.55 28.18
N TRP B 27 -16.17 1.50 28.77
CA TRP B 27 -17.08 1.57 29.93
C TRP B 27 -16.23 1.87 31.17
N VAL B 28 -16.64 2.86 31.96
CA VAL B 28 -16.06 3.11 33.31
C VAL B 28 -16.53 1.97 34.21
N PRO B 29 -15.73 1.57 35.22
CA PRO B 29 -16.12 0.49 36.13
C PRO B 29 -17.53 0.63 36.71
N GLN B 30 -17.96 1.86 37.02
CA GLN B 30 -19.30 2.19 37.58
C GLN B 30 -20.42 1.82 36.58
N GLN B 31 -20.11 1.56 35.32
CA GLN B 31 -21.12 1.12 34.33
C GLN B 31 -21.19 -0.40 34.25
N LEU B 32 -20.49 -1.14 35.11
CA LEU B 32 -20.55 -2.63 35.13
C LEU B 32 -21.99 -3.16 35.24
N PRO B 33 -22.90 -2.53 36.02
CA PRO B 33 -24.33 -2.89 36.00
C PRO B 33 -24.93 -2.98 34.59
N GLU B 34 -24.77 -1.91 33.79
CA GLU B 34 -25.32 -1.84 32.40
C GLU B 34 -24.73 -2.96 31.53
N ILE B 35 -23.48 -3.38 31.75
CA ILE B 35 -22.76 -4.28 30.79
C ILE B 35 -22.71 -5.73 31.31
N ALA B 36 -23.16 -5.96 32.55
CA ALA B 36 -23.24 -7.31 33.16
C ALA B 36 -23.94 -8.27 32.19
N GLY B 37 -25.11 -7.91 31.68
CA GLY B 37 -25.86 -8.81 30.78
C GLY B 37 -25.05 -9.08 29.51
N PRO B 38 -24.72 -7.99 28.75
CA PRO B 38 -23.84 -8.10 27.57
C PRO B 38 -22.54 -8.89 27.81
N LEU B 39 -21.84 -8.64 28.92
CA LEU B 39 -20.59 -9.36 29.26
C LEU B 39 -20.86 -10.86 29.35
N GLN B 40 -21.94 -11.22 30.04
CA GLN B 40 -22.40 -12.62 30.18
C GLN B 40 -22.78 -13.16 28.80
N LYS B 41 -23.64 -12.46 28.04
CA LYS B 41 -23.99 -12.87 26.64
C LYS B 41 -22.71 -13.15 25.85
N ALA B 42 -21.68 -12.29 25.94
CA ALA B 42 -20.44 -12.43 25.14
C ALA B 42 -19.66 -13.65 25.63
N GLY B 43 -19.75 -13.99 26.91
CA GLY B 43 -19.20 -15.27 27.42
C GLY B 43 -18.29 -15.10 28.62
N LEU B 44 -18.37 -13.97 29.33
CA LEU B 44 -17.62 -13.76 30.58
C LEU B 44 -18.08 -14.88 31.52
N LYS B 45 -17.14 -15.62 32.12
CA LYS B 45 -17.44 -16.64 33.15
C LYS B 45 -17.26 -15.98 34.52
N LEU B 46 -16.18 -15.23 34.75
CA LEU B 46 -16.05 -14.36 35.96
C LEU B 46 -17.42 -13.72 36.20
N SER B 47 -17.75 -13.46 37.45
CA SER B 47 -18.96 -12.67 37.76
C SER B 47 -18.60 -11.21 37.51
N PRO B 48 -19.56 -10.35 37.10
CA PRO B 48 -19.27 -8.93 36.88
C PRO B 48 -18.82 -8.16 38.15
N GLU B 49 -19.19 -8.64 39.33
CA GLU B 49 -18.88 -7.96 40.63
C GLU B 49 -17.44 -8.30 41.01
N GLN B 50 -16.91 -9.41 40.50
CA GLN B 50 -15.46 -9.72 40.50
C GLN B 50 -14.72 -8.53 39.85
N LEU B 51 -15.23 -8.04 38.70
CA LEU B 51 -14.64 -6.93 37.91
C LEU B 51 -14.86 -5.60 38.62
N ALA B 52 -15.97 -5.44 39.35
CA ALA B 52 -16.32 -4.20 40.09
C ALA B 52 -15.27 -3.94 41.17
N ASN B 53 -14.57 -4.98 41.61
CA ASN B 53 -13.53 -4.86 42.66
C ASN B 53 -12.23 -4.43 41.95
N LEU B 54 -11.95 -3.13 41.92
CA LEU B 54 -10.87 -2.53 41.08
C LEU B 54 -9.51 -2.77 41.71
N THR B 55 -9.48 -3.20 42.97
CA THR B 55 -8.23 -3.46 43.73
C THR B 55 -8.09 -4.97 43.92
N GLY B 56 -9.06 -5.74 43.45
CA GLY B 56 -9.09 -7.20 43.59
C GLY B 56 -8.52 -7.89 42.36
N ASP B 57 -9.01 -9.10 42.10
CA ASP B 57 -8.50 -10.05 41.07
C ASP B 57 -9.56 -10.22 39.98
N PRO B 58 -9.30 -10.00 38.66
CA PRO B 58 -8.00 -9.66 38.10
C PRO B 58 -7.66 -8.16 37.98
N MET B 59 -8.65 -7.28 38.15
CA MET B 59 -8.53 -5.83 37.82
C MET B 59 -7.39 -5.13 38.55
N GLY B 60 -7.03 -5.59 39.75
CA GLY B 60 -5.93 -4.99 40.54
C GLY B 60 -4.56 -5.29 39.96
N ALA B 61 -4.43 -6.30 39.08
CA ALA B 61 -3.19 -6.58 38.33
C ALA B 61 -2.91 -5.47 37.29
N VAL B 62 -3.95 -4.81 36.79
CA VAL B 62 -3.88 -3.88 35.63
C VAL B 62 -3.33 -2.55 36.12
N VAL B 63 -2.25 -2.06 35.52
CA VAL B 63 -1.58 -0.81 35.99
C VAL B 63 -1.56 0.22 34.87
N ALA B 64 -1.43 1.49 35.23
CA ALA B 64 -1.19 2.61 34.30
C ALA B 64 0.31 2.81 34.24
N LEU B 65 0.86 3.06 33.03
CA LEU B 65 2.27 3.45 32.87
C LEU B 65 2.35 4.96 32.65
N GLY B 66 1.20 5.63 32.47
CA GLY B 66 1.09 7.03 32.00
C GLY B 66 1.29 7.08 30.50
N GLY B 67 0.23 6.89 29.73
CA GLY B 67 0.31 6.86 28.26
C GLY B 67 0.18 5.45 27.71
N CYS B 68 0.44 4.44 28.54
CA CYS B 68 0.31 3.00 28.19
C CYS B 68 -0.36 2.31 29.38
N THR B 69 -0.89 1.11 29.12
CA THR B 69 -1.37 0.14 30.13
C THR B 69 -0.32 -0.96 30.25
N ALA B 70 -0.24 -1.59 31.42
CA ALA B 70 0.59 -2.79 31.67
C ALA B 70 -0.15 -3.65 32.69
N SER B 71 0.41 -4.80 33.08
CA SER B 71 -0.18 -5.65 34.13
C SER B 71 0.92 -6.38 34.90
N PHE B 72 0.74 -6.53 36.22
CA PHE B 72 1.59 -7.41 37.05
C PHE B 72 1.33 -8.84 36.61
N VAL B 73 2.39 -9.61 36.37
CA VAL B 73 2.27 -11.05 36.03
C VAL B 73 3.22 -11.88 36.89
N SER B 74 3.59 -11.43 38.09
CA SER B 74 4.30 -12.25 39.08
C SER B 74 4.17 -11.60 40.45
N PRO B 75 4.31 -12.39 41.55
CA PRO B 75 4.23 -11.83 42.90
C PRO B 75 5.49 -11.00 43.20
N GLN B 76 6.49 -11.04 42.31
CA GLN B 76 7.76 -10.27 42.45
C GLN B 76 7.74 -9.00 41.56
N GLY B 77 6.56 -8.45 41.27
CA GLY B 77 6.37 -7.16 40.60
C GLY B 77 6.70 -7.19 39.12
N LEU B 78 6.69 -8.37 38.49
CA LEU B 78 6.98 -8.47 37.04
C LEU B 78 5.81 -7.82 36.32
N VAL B 79 6.06 -7.06 35.26
CA VAL B 79 5.00 -6.25 34.60
C VAL B 79 5.15 -6.49 33.11
N VAL B 80 4.05 -6.82 32.44
CA VAL B 80 4.08 -7.07 30.98
C VAL B 80 3.36 -5.89 30.29
N THR B 81 3.96 -5.37 29.24
CA THR B 81 3.42 -4.26 28.44
C THR B 81 3.89 -4.47 27.01
N ASN B 82 3.61 -3.54 26.12
CA ASN B 82 4.08 -3.67 24.73
C ASN B 82 5.56 -3.33 24.66
N HIS B 83 6.24 -3.91 23.69
CA HIS B 83 7.54 -3.39 23.19
C HIS B 83 7.45 -1.87 22.95
N HIS B 84 6.47 -1.40 22.22
CA HIS B 84 6.41 0.03 21.79
C HIS B 84 6.15 0.93 23.00
N CYS B 85 5.64 0.38 24.10
CA CYS B 85 5.46 1.10 25.38
C CYS B 85 6.79 1.19 26.12
N ALA B 86 7.56 0.10 26.11
CA ALA B 86 8.88 -0.02 26.74
C ALA B 86 9.93 0.62 25.83
N TYR B 87 9.54 0.98 24.62
CA TYR B 87 10.45 1.46 23.55
C TYR B 87 11.25 2.63 24.12
N GLY B 88 10.58 3.59 24.78
CA GLY B 88 11.25 4.73 25.45
C GLY B 88 12.36 4.24 26.35
N ALA B 89 12.09 3.30 27.24
CA ALA B 89 13.07 2.78 28.24
C ALA B 89 14.20 2.04 27.52
N ILE B 90 13.87 1.23 26.52
CA ILE B 90 14.88 0.47 25.72
C ILE B 90 15.79 1.50 25.03
N GLN B 91 15.18 2.55 24.48
CA GLN B 91 15.91 3.61 23.74
C GLN B 91 16.88 4.32 24.69
N LEU B 92 16.44 4.65 25.90
CA LEU B 92 17.25 5.35 26.93
C LEU B 92 18.45 4.49 27.32
N ASN B 93 18.35 3.17 27.16
CA ASN B 93 19.43 2.22 27.57
C ASN B 93 20.26 1.84 26.35
N SER B 94 20.05 2.50 25.22
CA SER B 94 20.67 2.12 23.94
C SER B 94 21.70 3.18 23.52
N THR B 95 22.77 2.69 22.90
CA THR B 95 23.82 3.49 22.24
C THR B 95 23.96 2.92 20.84
N ALA B 96 24.59 3.69 19.95
CA ALA B 96 25.02 3.24 18.61
C ALA B 96 25.77 1.90 18.75
N GLN B 97 26.65 1.77 19.75
CA GLN B 97 27.53 0.57 19.92
C GLN B 97 26.74 -0.60 20.48
N LYS B 98 25.80 -0.34 21.40
CA LYS B 98 25.07 -1.38 22.16
C LYS B 98 23.58 -1.06 22.08
N ASN B 99 22.98 -1.44 20.97
CA ASN B 99 21.65 -0.97 20.54
C ASN B 99 20.63 -1.99 20.99
N LEU B 100 20.00 -1.78 22.13
CA LEU B 100 19.02 -2.74 22.69
C LEU B 100 17.75 -2.68 21.84
N ILE B 101 17.49 -1.56 21.17
CA ILE B 101 16.34 -1.49 20.22
C ILE B 101 16.52 -2.65 19.23
N LYS B 102 17.62 -2.65 18.46
CA LYS B 102 17.92 -3.70 17.45
C LYS B 102 18.18 -5.05 18.13
N ASP B 103 19.23 -5.16 18.96
CA ASP B 103 19.46 -6.38 19.78
C ASP B 103 18.25 -6.44 20.69
N GLY B 104 17.96 -7.51 21.36
CA GLY B 104 16.94 -7.31 22.42
C GLY B 104 17.60 -6.90 23.72
N PHE B 105 16.96 -7.26 24.82
CA PHE B 105 17.55 -7.17 26.17
C PHE B 105 16.98 -8.32 27.00
N ASN B 106 17.84 -8.94 27.80
CA ASN B 106 17.38 -9.93 28.79
C ASN B 106 18.17 -9.72 30.08
N ALA B 107 17.49 -9.61 31.20
CA ALA B 107 18.09 -9.50 32.55
C ALA B 107 17.89 -10.85 33.25
N PRO B 108 18.90 -11.75 33.17
CA PRO B 108 18.74 -13.12 33.69
C PRO B 108 18.61 -13.15 35.21
N THR B 109 19.03 -12.09 35.91
CA THR B 109 18.79 -11.87 37.37
C THR B 109 18.36 -10.42 37.68
N LEU B 110 17.90 -10.18 38.90
CA LEU B 110 17.38 -8.87 39.35
C LEU B 110 18.42 -7.79 39.08
N LYS B 111 19.68 -8.06 39.40
CA LYS B 111 20.78 -7.07 39.35
C LYS B 111 21.14 -6.69 37.91
N ASP B 112 20.68 -7.43 36.90
CA ASP B 112 20.95 -7.12 35.46
C ASP B 112 19.86 -6.18 34.92
N GLU B 113 18.76 -6.01 35.64
CA GLU B 113 17.59 -5.22 35.17
C GLU B 113 18.04 -3.76 35.10
N LEU B 114 17.77 -3.12 33.96
CA LEU B 114 18.17 -1.73 33.68
C LEU B 114 17.05 -0.81 34.17
N SER B 115 17.38 0.32 34.78
CA SER B 115 16.41 1.40 35.04
C SER B 115 15.76 1.79 33.72
N ALA B 116 14.43 1.81 33.69
CA ALA B 116 13.59 2.23 32.54
C ALA B 116 13.65 3.74 32.44
N GLY B 117 14.38 4.40 33.36
CA GLY B 117 14.65 5.84 33.33
C GLY B 117 13.87 6.56 34.42
N PRO B 118 14.24 7.80 34.79
CA PRO B 118 13.65 8.48 35.94
C PRO B 118 12.14 8.71 35.86
N ASN B 119 11.59 8.94 34.65
CA ASN B 119 10.14 9.27 34.51
C ASN B 119 9.29 8.03 34.28
N ALA B 120 9.87 6.84 34.15
CA ALA B 120 9.08 5.59 34.07
C ALA B 120 8.33 5.43 35.39
N ARG B 121 7.04 5.11 35.31
CA ARG B 121 6.15 4.97 36.48
C ARG B 121 5.30 3.74 36.27
N VAL B 122 4.90 3.11 37.35
CA VAL B 122 3.77 2.15 37.38
C VAL B 122 2.75 2.70 38.36
N PHE B 123 1.52 2.94 37.92
CA PHE B 123 0.44 3.40 38.83
C PHE B 123 -0.46 2.20 39.13
N VAL B 124 -0.50 1.81 40.41
CA VAL B 124 -1.38 0.75 40.97
C VAL B 124 -2.58 1.48 41.58
N LEU B 125 -3.76 1.22 41.05
CA LEU B 125 -5.01 1.91 41.47
C LEU B 125 -5.25 1.60 42.95
N ASP B 126 -5.49 2.63 43.76
CA ASP B 126 -5.83 2.44 45.20
C ASP B 126 -7.32 2.68 45.40
N GLN B 127 -7.78 3.87 44.99
CA GLN B 127 -9.12 4.41 45.29
C GLN B 127 -9.66 5.22 44.11
N ILE B 128 -10.92 5.00 43.75
CA ILE B 128 -11.73 6.00 42.98
C ILE B 128 -12.81 6.54 43.92
N THR B 129 -12.94 7.86 44.00
CA THR B 129 -14.06 8.53 44.70
C THR B 129 -14.70 9.59 43.80
N ASP B 130 -16.02 9.57 43.74
CA ASP B 130 -16.83 10.55 42.98
C ASP B 130 -16.90 11.86 43.76
N VAL B 131 -16.30 12.93 43.24
CA VAL B 131 -16.34 14.31 43.82
C VAL B 131 -17.15 15.25 42.92
N THR B 132 -18.13 14.72 42.17
CA THR B 132 -18.92 15.49 41.17
C THR B 132 -19.49 16.77 41.80
N ALA B 133 -20.28 16.62 42.87
CA ALA B 133 -21.04 17.71 43.55
C ALA B 133 -20.09 18.77 44.10
N GLN B 134 -19.01 18.37 44.77
CA GLN B 134 -18.02 19.33 45.33
C GLN B 134 -17.46 20.12 44.16
N ALA B 135 -17.06 19.41 43.10
CA ALA B 135 -16.39 20.00 41.92
C ALA B 135 -17.31 21.09 41.35
N LYS B 136 -18.57 20.76 41.11
CA LYS B 136 -19.59 21.68 40.50
C LYS B 136 -19.84 22.89 41.41
N ALA B 137 -19.95 22.66 42.73
CA ALA B 137 -20.06 23.72 43.75
C ALA B 137 -18.87 24.70 43.62
N ALA B 138 -17.64 24.19 43.63
CA ALA B 138 -16.41 25.01 43.51
C ALA B 138 -16.49 25.84 42.22
N ILE B 139 -17.07 25.27 41.17
CA ILE B 139 -17.23 25.99 39.87
C ILE B 139 -18.34 27.05 40.01
N ALA B 140 -19.54 26.64 40.44
CA ALA B 140 -20.72 27.53 40.66
C ALA B 140 -20.35 28.66 41.63
N GLY B 141 -19.61 28.32 42.69
CA GLY B 141 -19.17 29.21 43.78
C GLY B 141 -18.32 30.37 43.28
N ALA B 142 -17.73 30.28 42.08
CA ALA B 142 -16.86 31.34 41.52
C ALA B 142 -17.70 32.38 40.77
N GLY B 143 -18.96 32.05 40.44
CA GLY B 143 -19.88 32.92 39.70
C GLY B 143 -19.55 33.03 38.21
N ASN B 144 -19.49 34.25 37.68
CA ASN B 144 -19.66 34.53 36.23
C ASN B 144 -18.33 34.78 35.50
N ASP B 145 -17.22 35.11 36.17
CA ASP B 145 -15.94 35.36 35.43
C ASP B 145 -15.40 34.00 34.99
N PRO B 146 -15.18 33.80 33.67
CA PRO B 146 -14.67 32.52 33.16
C PRO B 146 -13.37 32.15 33.87
N LEU B 147 -12.40 33.08 33.87
CA LEU B 147 -11.04 32.89 34.45
C LEU B 147 -11.14 32.48 35.92
N ALA B 148 -12.00 33.17 36.68
CA ALA B 148 -12.36 32.82 38.08
C ALA B 148 -12.79 31.35 38.15
N ARG B 149 -13.55 30.85 37.18
CA ARG B 149 -14.13 29.47 37.25
C ARG B 149 -13.01 28.45 36.96
N SER B 150 -12.12 28.81 36.03
CA SER B 150 -10.84 28.11 35.71
C SER B 150 -10.01 27.96 36.99
N ARG B 151 -9.64 29.06 37.66
CA ARG B 151 -8.85 29.07 38.92
C ARG B 151 -9.54 28.25 40.01
N ALA B 152 -10.86 28.28 40.05
CA ALA B 152 -11.68 27.63 41.10
C ALA B 152 -11.66 26.11 40.92
N LEU B 153 -11.79 25.60 39.69
CA LEU B 153 -11.62 24.13 39.47
C LEU B 153 -10.15 23.77 39.71
N ASP B 154 -9.19 24.64 39.36
CA ASP B 154 -7.75 24.29 39.48
C ASP B 154 -7.42 24.21 40.97
N ALA B 155 -7.76 25.24 41.74
CA ALA B 155 -7.67 25.27 43.22
C ALA B 155 -8.39 24.05 43.79
N PHE B 156 -9.54 23.67 43.27
CA PHE B 156 -10.27 22.49 43.81
C PHE B 156 -9.45 21.23 43.49
N ASP B 157 -9.07 21.07 42.22
CA ASP B 157 -8.25 19.93 41.73
C ASP B 157 -7.11 19.72 42.74
N LYS B 158 -6.27 20.76 42.90
CA LYS B 158 -5.03 20.78 43.72
C LYS B 158 -5.36 20.36 45.16
N ALA B 159 -6.44 20.90 45.73
CA ALA B 159 -6.88 20.59 47.11
C ALA B 159 -7.21 19.10 47.21
N GLN B 160 -8.03 18.55 46.31
CA GLN B 160 -8.39 17.12 46.36
C GLN B 160 -7.12 16.26 46.19
N VAL B 161 -6.14 16.77 45.46
CA VAL B 161 -4.88 16.05 45.10
C VAL B 161 -3.91 16.16 46.28
N ALA B 162 -3.47 17.37 46.63
CA ALA B 162 -2.54 17.66 47.76
C ALA B 162 -2.92 16.84 49.00
N ALA B 163 -4.23 16.71 49.27
CA ALA B 163 -4.81 15.96 50.40
C ALA B 163 -4.67 14.46 50.14
N CYS B 164 -5.15 14.02 48.97
CA CYS B 164 -5.12 12.59 48.53
C CYS B 164 -3.65 12.13 48.41
N GLU B 165 -2.71 13.02 48.07
CA GLU B 165 -1.25 12.73 47.92
C GLU B 165 -0.50 12.84 49.28
N ALA B 166 -1.22 13.03 50.38
CA ALA B 166 -0.64 13.19 51.74
C ALA B 166 0.30 12.02 52.08
N ASP B 167 -0.22 10.79 52.09
CA ASP B 167 0.58 9.55 52.35
C ASP B 167 1.71 9.44 51.32
N ALA B 168 2.87 8.92 51.73
CA ALA B 168 4.16 8.98 51.02
C ALA B 168 4.00 8.50 49.57
N GLY B 169 3.57 7.25 49.36
CA GLY B 169 3.85 6.55 48.09
C GLY B 169 2.91 6.89 46.93
N PHE B 170 2.05 7.91 47.05
CA PHE B 170 0.77 7.95 46.30
C PHE B 170 0.68 9.15 45.36
N ARG B 171 -0.06 8.94 44.29
CA ARG B 171 -0.31 9.99 43.28
C ARG B 171 -1.77 9.85 42.87
N CYS B 172 -2.43 11.00 42.82
CA CYS B 172 -3.88 11.12 42.58
C CYS B 172 -4.04 11.98 41.35
N ARG B 173 -5.17 11.84 40.70
CA ARG B 173 -5.47 12.65 39.50
C ARG B 173 -6.97 12.93 39.50
N LEU B 174 -7.36 14.17 39.29
CA LEU B 174 -8.80 14.51 39.17
C LEU B 174 -9.18 14.26 37.71
N TYR B 175 -10.15 13.38 37.45
CA TYR B 175 -10.70 13.11 36.10
C TYR B 175 -12.03 13.84 35.90
N SER B 176 -12.16 14.47 34.74
CA SER B 176 -13.43 15.02 34.21
C SER B 176 -13.99 14.07 33.16
N PHE B 177 -15.21 13.59 33.37
CA PHE B 177 -15.92 12.66 32.46
C PHE B 177 -17.04 13.45 31.78
N SER B 178 -17.36 13.08 30.54
CA SER B 178 -18.61 13.48 29.83
C SER B 178 -18.75 15.00 29.88
N GLY B 179 -17.66 15.69 29.61
CA GLY B 179 -17.60 17.14 29.44
C GLY B 179 -17.64 17.88 30.76
N GLY B 180 -17.48 17.17 31.89
CA GLY B 180 -17.57 17.76 33.24
C GLY B 180 -18.92 17.49 33.89
N ASN B 181 -19.67 16.50 33.41
CA ASN B 181 -20.90 16.03 34.10
C ASN B 181 -20.52 15.19 35.31
N THR B 182 -19.30 14.66 35.33
CA THR B 182 -18.76 13.80 36.41
C THR B 182 -17.30 14.19 36.67
N TYR B 183 -16.92 14.27 37.93
CA TYR B 183 -15.52 14.39 38.37
C TYR B 183 -15.22 13.23 39.33
N ARG B 184 -14.12 12.53 39.09
CA ARG B 184 -13.67 11.40 39.94
C ARG B 184 -12.20 11.60 40.23
N LEU B 185 -11.84 11.34 41.48
CA LEU B 185 -10.46 11.38 41.98
C LEU B 185 -9.97 9.93 41.95
N PHE B 186 -8.89 9.69 41.23
CA PHE B 186 -8.11 8.43 41.22
C PHE B 186 -6.93 8.64 42.18
N ARG B 187 -6.81 7.75 43.16
CA ARG B 187 -5.64 7.63 44.06
C ARG B 187 -4.87 6.40 43.59
N ASN B 188 -3.59 6.59 43.27
CA ASN B 188 -2.70 5.50 42.81
C ASN B 188 -1.48 5.40 43.76
N MET B 189 -1.04 4.17 44.03
CA MET B 189 0.35 3.97 44.49
C MET B 189 1.27 4.18 43.28
N GLU B 190 2.30 5.01 43.44
CA GLU B 190 3.20 5.39 42.34
C GLU B 190 4.55 4.71 42.53
N ILE B 191 4.80 3.62 41.81
CA ILE B 191 6.18 3.04 41.72
C ILE B 191 7.03 3.94 40.84
N LYS B 192 8.18 4.37 41.38
CA LYS B 192 9.07 5.37 40.76
C LYS B 192 10.34 4.68 40.33
N ASP B 193 10.46 3.39 40.59
CA ASP B 193 11.63 2.55 40.21
C ASP B 193 11.12 1.41 39.32
N VAL B 194 11.18 1.63 38.02
CA VAL B 194 10.75 0.68 36.96
C VAL B 194 12.02 0.24 36.24
N ARG B 195 12.19 -1.07 36.01
CA ARG B 195 13.42 -1.60 35.36
C ARG B 195 13.03 -2.49 34.19
N LEU B 196 13.78 -2.38 33.11
CA LEU B 196 13.64 -3.27 31.95
C LEU B 196 14.12 -4.64 32.39
N VAL B 197 13.28 -5.66 32.24
CA VAL B 197 13.63 -7.10 32.42
C VAL B 197 13.94 -7.74 31.06
N TYR B 198 13.07 -7.52 30.10
CA TYR B 198 13.13 -8.27 28.83
C TYR B 198 12.51 -7.47 27.70
N ALA B 199 13.23 -7.33 26.61
CA ALA B 199 12.68 -6.87 25.33
C ALA B 199 13.15 -7.87 24.31
N PRO B 200 12.26 -8.34 23.42
CA PRO B 200 12.69 -9.11 22.27
C PRO B 200 13.45 -8.19 21.32
N PRO B 201 14.15 -8.74 20.31
CA PRO B 201 14.83 -7.89 19.33
C PRO B 201 13.77 -7.01 18.65
N GLY B 202 14.16 -5.83 18.14
CA GLY B 202 13.28 -4.89 17.41
C GLY B 202 12.59 -5.55 16.24
N SER B 203 13.25 -6.50 15.59
CA SER B 203 12.73 -7.24 14.43
C SER B 203 11.59 -8.15 14.85
N VAL B 204 11.41 -8.41 16.15
CA VAL B 204 10.19 -9.10 16.67
C VAL B 204 9.24 -8.05 17.28
N GLY B 205 9.75 -7.24 18.19
CA GLY B 205 8.93 -6.24 18.92
C GLY B 205 8.22 -5.30 17.97
N LYS B 206 8.83 -5.02 16.82
CA LYS B 206 8.32 -4.02 15.84
C LYS B 206 8.43 -4.64 14.44
N PHE B 207 8.26 -5.95 14.34
CA PHE B 207 8.22 -6.68 13.05
C PHE B 207 7.24 -5.94 12.13
N GLY B 208 7.73 -5.56 10.95
CA GLY B 208 6.95 -4.88 9.90
C GLY B 208 7.01 -3.36 10.05
N GLY B 209 7.61 -2.85 11.14
CA GLY B 209 7.85 -1.40 11.34
C GLY B 209 6.66 -0.53 10.94
N ASP B 210 6.92 0.52 10.18
CA ASP B 210 5.89 1.51 9.81
C ASP B 210 5.01 0.95 8.69
N VAL B 211 5.40 -0.16 8.07
CA VAL B 211 4.64 -0.75 6.94
C VAL B 211 3.37 -1.42 7.51
N ASP B 212 3.54 -2.20 8.56
CA ASP B 212 2.46 -3.02 9.18
C ASP B 212 1.80 -2.24 10.30
N ASN B 213 2.33 -1.07 10.64
CA ASN B 213 1.77 -0.24 11.73
C ASN B 213 0.34 0.11 11.30
N TRP B 214 -0.59 -0.09 12.22
CA TRP B 214 -2.05 0.12 12.02
C TRP B 214 -2.61 -0.86 10.96
N MET B 215 -2.01 -2.02 10.77
CA MET B 215 -2.47 -2.93 9.69
C MET B 215 -2.67 -4.32 10.28
N TRP B 216 -3.65 -4.98 9.70
CA TRP B 216 -3.82 -6.45 9.75
C TRP B 216 -3.80 -6.92 8.31
N PRO B 217 -3.22 -8.09 7.99
CA PRO B 217 -2.62 -8.97 8.98
C PRO B 217 -1.32 -8.46 9.64
N ARG B 218 -1.14 -8.89 10.88
CA ARG B 218 -0.06 -8.39 11.73
C ARG B 218 0.72 -9.57 12.31
N HIS B 219 2.02 -9.38 12.47
CA HIS B 219 2.99 -10.46 12.79
C HIS B 219 3.98 -9.95 13.82
N THR B 220 3.51 -9.12 14.77
CA THR B 220 4.41 -8.31 15.61
C THR B 220 4.44 -8.90 17.02
N GLY B 221 5.62 -9.25 17.52
CA GLY B 221 5.81 -9.68 18.92
C GLY B 221 5.81 -8.49 19.86
N ASP B 222 4.71 -7.76 20.00
CA ASP B 222 4.73 -6.43 20.68
C ASP B 222 4.60 -6.58 22.19
N PHE B 223 5.66 -6.97 22.86
CA PHE B 223 5.65 -7.20 24.32
C PHE B 223 7.05 -6.90 24.82
N SER B 224 7.13 -6.54 26.09
CA SER B 224 8.39 -6.42 26.85
C SER B 224 7.96 -6.53 28.30
N PHE B 225 8.90 -6.80 29.18
CA PHE B 225 8.66 -6.96 30.62
C PHE B 225 9.47 -5.90 31.37
N TYR B 226 8.80 -5.28 32.32
CA TYR B 226 9.40 -4.39 33.34
C TYR B 226 9.33 -5.11 34.69
N ARG B 227 10.06 -4.58 35.67
CA ARG B 227 9.84 -4.96 37.08
C ARG B 227 9.62 -3.69 37.90
N ALA B 228 8.59 -3.69 38.74
CA ALA B 228 8.31 -2.63 39.71
C ALA B 228 9.18 -2.90 40.95
N TYR B 229 9.94 -1.88 41.34
CA TYR B 229 10.77 -1.85 42.56
C TYR B 229 10.24 -0.76 43.48
N VAL B 230 10.37 -1.02 44.77
CA VAL B 230 10.16 -0.04 45.88
C VAL B 230 11.39 -0.17 46.78
N GLY B 231 11.55 0.71 47.78
CA GLY B 231 12.64 0.59 48.78
C GLY B 231 12.34 -0.51 49.76
N LYS B 232 13.32 -0.90 50.60
CA LYS B 232 13.19 -1.99 51.60
C LYS B 232 12.02 -1.70 52.55
N ASP B 233 11.75 -0.43 52.85
CA ASP B 233 10.59 0.00 53.68
C ASP B 233 9.28 -0.46 53.04
N GLY B 234 9.29 -0.74 51.73
CA GLY B 234 8.10 -1.13 50.96
C GLY B 234 7.52 0.09 50.25
N LYS B 235 8.05 1.28 50.54
CA LYS B 235 7.50 2.58 50.09
C LYS B 235 8.10 2.90 48.73
N PRO B 236 7.34 3.45 47.78
CA PRO B 236 7.92 3.91 46.52
C PRO B 236 9.16 4.80 46.72
N ALA B 237 10.19 4.59 45.90
CA ALA B 237 11.45 5.36 45.91
C ALA B 237 11.99 5.40 44.48
N ALA B 238 12.83 6.39 44.18
CA ALA B 238 13.53 6.52 42.89
C ALA B 238 14.52 5.37 42.79
N PHE B 239 15.12 5.17 41.63
CA PHE B 239 16.17 4.14 41.41
C PHE B 239 17.18 4.24 42.57
N ALA B 240 17.45 3.09 43.19
CA ALA B 240 18.59 2.85 44.11
C ALA B 240 18.98 1.40 43.93
N ALA B 241 20.27 1.08 43.89
CA ALA B 241 20.76 -0.33 43.87
C ALA B 241 20.15 -1.13 45.04
N ASP B 242 19.71 -0.46 46.12
CA ASP B 242 19.24 -1.09 47.37
C ASP B 242 17.76 -1.49 47.28
N ASN B 243 17.04 -1.02 46.25
CA ASN B 243 15.57 -1.24 46.14
C ASN B 243 15.30 -2.73 45.88
N VAL B 244 14.10 -3.18 46.22
CA VAL B 244 13.69 -4.60 46.06
C VAL B 244 12.44 -4.62 45.21
N PRO B 245 12.15 -5.75 44.53
CA PRO B 245 10.92 -5.89 43.75
C PRO B 245 9.69 -5.54 44.58
N TYR B 246 8.77 -4.80 43.98
CA TYR B 246 7.43 -4.60 44.56
C TYR B 246 6.72 -5.95 44.53
N GLN B 247 5.91 -6.18 45.56
CA GLN B 247 5.12 -7.43 45.71
C GLN B 247 3.67 -7.02 45.55
N PRO B 248 3.08 -7.25 44.35
CA PRO B 248 1.72 -6.79 44.08
C PRO B 248 0.74 -7.72 44.80
N LYS B 249 -0.32 -7.16 45.35
CA LYS B 249 -1.45 -7.93 45.92
C LYS B 249 -2.01 -8.86 44.85
N HIS B 250 -2.04 -8.41 43.59
CA HIS B 250 -2.73 -9.12 42.47
C HIS B 250 -1.92 -9.05 41.18
N PHE B 251 -1.83 -10.18 40.49
CA PHE B 251 -1.07 -10.36 39.23
C PHE B 251 -1.87 -11.33 38.36
N LEU B 252 -1.87 -11.14 37.05
CA LEU B 252 -2.60 -12.04 36.11
C LEU B 252 -1.80 -13.32 35.96
N LYS B 253 -2.49 -14.44 35.75
CA LYS B 253 -1.85 -15.69 35.28
C LYS B 253 -2.08 -15.75 33.78
N PHE B 254 -1.07 -16.20 33.03
CA PHE B 254 -1.16 -16.61 31.61
C PHE B 254 -2.21 -17.71 31.46
N ALA B 255 -3.04 -17.63 30.42
CA ALA B 255 -4.16 -18.55 30.12
C ALA B 255 -3.62 -19.96 29.88
N ASP B 256 -4.30 -20.96 30.44
CA ASP B 256 -4.10 -22.41 30.15
C ASP B 256 -5.07 -22.82 29.03
N GLN B 257 -6.29 -22.26 29.04
CA GLN B 257 -7.32 -22.41 27.96
C GLN B 257 -6.83 -21.73 26.69
N PRO B 258 -6.64 -22.48 25.58
CA PRO B 258 -6.16 -21.89 24.33
C PRO B 258 -7.26 -20.97 23.76
N LEU B 259 -6.86 -19.78 23.33
CA LEU B 259 -7.78 -18.76 22.77
C LEU B 259 -8.15 -19.19 21.35
N GLY B 260 -9.44 -19.25 21.06
CA GLY B 260 -9.92 -19.51 19.69
C GLY B 260 -10.89 -18.46 19.23
N ALA B 261 -11.12 -18.42 17.92
CA ALA B 261 -12.15 -17.60 17.24
C ALA B 261 -13.46 -17.67 18.03
N ASP B 262 -14.04 -16.52 18.33
CA ASP B 262 -15.38 -16.35 18.96
C ASP B 262 -15.26 -16.35 20.48
N ASP B 263 -14.08 -16.70 21.04
CA ASP B 263 -13.90 -16.68 22.51
C ASP B 263 -14.08 -15.27 23.03
N PHE B 264 -14.66 -15.18 24.22
CA PHE B 264 -14.87 -13.92 24.95
C PHE B 264 -13.50 -13.34 25.24
N VAL B 265 -13.34 -12.05 25.03
CA VAL B 265 -12.08 -11.37 25.46
C VAL B 265 -12.50 -10.04 26.03
N MET B 266 -11.74 -9.56 26.98
CA MET B 266 -11.98 -8.23 27.54
C MET B 266 -10.63 -7.58 27.84
N VAL B 267 -10.67 -6.26 27.86
CA VAL B 267 -9.48 -5.43 28.14
C VAL B 267 -9.85 -4.45 29.23
N ALA B 268 -8.97 -4.33 30.20
CA ALA B 268 -9.02 -3.21 31.14
C ALA B 268 -7.77 -2.42 30.88
N GLY B 269 -7.89 -1.11 30.78
CA GLY B 269 -6.77 -0.24 30.45
C GLY B 269 -7.15 1.19 30.59
N TYR B 270 -6.22 2.06 30.21
CA TYR B 270 -6.27 3.54 30.34
C TYR B 270 -6.23 4.20 28.97
N PRO B 271 -7.34 4.15 28.20
CA PRO B 271 -7.40 4.85 26.91
C PRO B 271 -7.32 6.36 27.16
N GLY B 272 -6.56 7.06 26.33
CA GLY B 272 -6.17 8.46 26.54
C GLY B 272 -7.32 9.40 26.22
N ARG B 273 -7.71 9.50 24.97
CA ARG B 273 -8.75 10.46 24.53
C ARG B 273 -9.51 9.88 23.35
N THR B 274 -10.84 9.97 23.38
CA THR B 274 -11.69 9.78 22.20
C THR B 274 -12.45 11.08 21.99
N ASN B 275 -13.03 11.25 20.82
CA ASN B 275 -13.66 12.54 20.43
C ASN B 275 -15.06 12.26 19.88
N ARG B 276 -15.73 11.23 20.36
CA ARG B 276 -17.05 10.82 19.84
C ARG B 276 -18.09 11.88 20.18
N TYR B 277 -17.89 12.65 21.25
CA TYR B 277 -18.80 13.75 21.69
C TYR B 277 -18.35 15.10 21.12
N ALA B 278 -17.36 15.16 20.23
CA ALA B 278 -16.89 16.43 19.64
C ALA B 278 -18.06 17.08 18.90
N LEU B 279 -18.07 18.40 18.83
CA LEU B 279 -18.98 19.18 17.94
C LEU B 279 -18.64 18.81 16.50
N ALA B 280 -19.63 18.86 15.61
CA ALA B 280 -19.46 18.60 14.16
C ALA B 280 -18.35 19.51 13.66
N GLY B 281 -18.35 20.78 14.10
CA GLY B 281 -17.35 21.80 13.72
C GLY B 281 -15.93 21.43 14.16
N GLU B 282 -15.76 20.92 15.37
CA GLU B 282 -14.45 20.43 15.90
C GLU B 282 -13.94 19.29 15.01
N PHE B 283 -14.80 18.34 14.71
CA PHE B 283 -14.45 17.22 13.82
C PHE B 283 -14.06 17.78 12.46
N ASN B 284 -14.84 18.72 11.93
CA ASN B 284 -14.60 19.30 10.58
C ASN B 284 -13.23 19.99 10.57
N GLU B 285 -12.89 20.71 11.65
CA GLU B 285 -11.57 21.39 11.76
C GLU B 285 -10.48 20.31 11.80
N THR B 286 -10.71 19.21 12.50
CA THR B 286 -9.68 18.15 12.66
C THR B 286 -9.45 17.46 11.32
N ALA B 287 -10.51 17.07 10.61
CA ALA B 287 -10.46 16.39 9.30
C ALA B 287 -9.82 17.31 8.26
N SER B 288 -10.23 18.57 8.20
CA SER B 288 -9.86 19.49 7.08
C SER B 288 -8.50 20.14 7.39
N PHE B 289 -8.14 20.43 8.64
CA PHE B 289 -6.86 21.12 8.93
C PHE B 289 -5.89 20.27 9.75
N THR B 290 -6.22 19.95 11.00
CA THR B 290 -5.25 19.44 11.99
C THR B 290 -4.56 18.16 11.47
N TYR B 291 -5.34 17.15 11.06
CA TYR B 291 -4.78 15.84 10.71
C TYR B 291 -3.93 15.91 9.43
N PRO B 292 -4.46 16.47 8.32
CA PRO B 292 -3.68 16.55 7.09
C PRO B 292 -2.38 17.36 7.28
N THR B 293 -2.46 18.42 8.07
CA THR B 293 -1.35 19.38 8.32
C THR B 293 -0.31 18.69 9.18
N ILE B 294 -0.69 18.09 10.29
CA ILE B 294 0.30 17.37 11.15
C ILE B 294 0.90 16.23 10.32
N ALA B 295 0.09 15.45 9.59
CA ALA B 295 0.61 14.30 8.79
C ALA B 295 1.65 14.82 7.79
N LYS B 296 1.36 15.90 7.08
CA LYS B 296 2.30 16.50 6.09
C LYS B 296 3.64 16.87 6.77
N HIS B 297 3.60 17.68 7.82
CA HIS B 297 4.83 18.21 8.45
C HIS B 297 5.58 17.08 9.17
N TYR B 298 4.84 16.21 9.85
CA TYR B 298 5.44 15.03 10.54
C TYR B 298 6.14 14.16 9.48
N ASN B 299 5.57 13.95 8.29
CA ASN B 299 6.23 13.09 7.28
C ASN B 299 7.50 13.78 6.75
N ALA B 300 7.52 15.11 6.65
CA ALA B 300 8.71 15.84 6.18
C ALA B 300 9.78 15.77 7.25
N VAL B 301 9.39 15.98 8.51
CA VAL B 301 10.32 15.93 9.67
C VAL B 301 10.84 14.50 9.81
N LEU B 302 10.01 13.47 9.60
CA LEU B 302 10.50 12.07 9.68
C LEU B 302 11.57 11.82 8.63
N LYS B 303 11.37 12.26 7.39
CA LYS B 303 12.40 12.12 6.31
C LYS B 303 13.73 12.72 6.77
N MET B 304 13.70 13.94 7.30
CA MET B 304 14.87 14.67 7.84
C MET B 304 15.54 13.79 8.91
N ILE B 305 14.76 13.27 9.86
CA ILE B 305 15.31 12.44 10.97
C ILE B 305 15.89 11.15 10.39
N ALA B 306 15.24 10.51 9.40
CA ALA B 306 15.76 9.27 8.78
C ALA B 306 17.13 9.55 8.13
N ASP B 307 17.24 10.70 7.49
CA ASP B 307 18.44 11.17 6.73
C ASP B 307 19.62 11.43 7.68
N ALA B 308 19.38 12.19 8.75
CA ALA B 308 20.37 12.50 9.80
C ALA B 308 20.75 11.19 10.51
N GLY B 309 19.81 10.27 10.68
CA GLY B 309 20.02 8.99 11.38
C GLY B 309 20.91 8.10 10.55
N LYS B 310 20.69 8.12 9.24
CA LYS B 310 21.53 7.37 8.28
C LYS B 310 22.97 7.91 8.31
N ALA B 311 23.15 9.22 8.48
CA ALA B 311 24.50 9.85 8.51
C ALA B 311 25.21 9.47 9.83
N ASP B 312 24.45 9.42 10.93
CA ASP B 312 25.00 9.43 12.31
C ASP B 312 24.19 8.43 13.14
N ALA B 313 24.68 7.21 13.26
CA ALA B 313 24.11 6.15 14.13
C ALA B 313 23.73 6.75 15.49
N ASP B 314 24.45 7.76 15.97
CA ASP B 314 24.18 8.37 17.30
C ASP B 314 22.85 9.12 17.25
N VAL B 315 22.57 9.86 16.16
CA VAL B 315 21.27 10.55 15.96
C VAL B 315 20.17 9.49 15.78
N LYS B 316 20.46 8.40 15.08
CA LYS B 316 19.46 7.33 14.84
C LYS B 316 18.93 6.79 16.17
N VAL B 317 19.82 6.45 17.10
CA VAL B 317 19.44 5.86 18.42
C VAL B 317 18.79 6.93 19.29
N LYS B 318 19.36 8.13 19.30
CA LYS B 318 18.90 9.22 20.18
C LYS B 318 17.52 9.69 19.72
N TYR B 319 17.18 9.58 18.43
CA TYR B 319 15.90 10.16 17.94
C TYR B 319 14.90 9.03 17.64
N ALA B 320 15.17 7.78 17.99
CA ALA B 320 14.36 6.61 17.57
C ALA B 320 12.98 6.66 18.25
N ALA B 321 12.91 7.05 19.52
CA ALA B 321 11.62 7.21 20.22
C ALA B 321 10.79 8.28 19.50
N THR B 322 11.35 9.45 19.24
CA THR B 322 10.65 10.54 18.52
C THR B 322 10.19 10.04 17.16
N ALA B 323 11.08 9.44 16.40
CA ALA B 323 10.78 8.91 15.05
C ALA B 323 9.60 7.91 15.14
N ALA B 324 9.64 6.94 16.07
CA ALA B 324 8.61 5.89 16.25
C ALA B 324 7.26 6.58 16.49
N SER B 325 7.24 7.52 17.44
CA SER B 325 6.02 8.27 17.84
C SER B 325 5.48 9.08 16.66
N MET B 326 6.32 9.81 15.95
CA MET B 326 5.83 10.72 14.89
C MET B 326 5.27 9.91 13.72
N ASN B 327 5.93 8.82 13.37
CA ASN B 327 5.49 7.85 12.35
C ASN B 327 4.12 7.32 12.71
N ASN B 328 3.98 6.91 13.97
CA ASN B 328 2.73 6.34 14.47
C ASN B 328 1.59 7.33 14.33
N VAL B 329 1.81 8.59 14.76
CA VAL B 329 0.78 9.68 14.67
C VAL B 329 0.52 10.02 13.20
N ALA B 330 1.58 10.24 12.41
CA ALA B 330 1.43 10.60 10.99
C ALA B 330 0.57 9.53 10.31
N LYS B 331 0.92 8.26 10.46
CA LYS B 331 0.17 7.17 9.77
C LYS B 331 -1.24 7.09 10.36
N ASN B 332 -1.38 7.28 11.66
CA ASN B 332 -2.71 7.22 12.31
C ASN B 332 -3.65 8.22 11.63
N TYR B 333 -3.17 9.44 11.48
CA TYR B 333 -3.95 10.59 10.98
C TYR B 333 -4.37 10.35 9.55
N LEU B 334 -3.48 9.78 8.76
CA LEU B 334 -3.85 9.39 7.38
C LEU B 334 -4.93 8.31 7.44
N GLY B 335 -4.79 7.31 8.32
CA GLY B 335 -5.80 6.26 8.48
C GLY B 335 -7.14 6.85 8.88
N GLN B 336 -7.14 7.82 9.79
CA GLN B 336 -8.40 8.49 10.21
C GLN B 336 -9.00 9.23 9.02
N LEU B 337 -8.18 9.95 8.23
CA LEU B 337 -8.75 10.72 7.11
C LEU B 337 -9.40 9.74 6.14
N GLU B 338 -8.79 8.57 5.95
CA GLU B 338 -9.33 7.57 5.02
C GLU B 338 -10.62 6.97 5.59
N GLY B 339 -10.62 6.69 6.89
CA GLY B 339 -11.79 6.19 7.63
C GLY B 339 -12.95 7.16 7.57
N PHE B 340 -12.72 8.45 7.79
CA PHE B 340 -13.77 9.49 7.73
C PHE B 340 -14.51 9.36 6.39
N LYS B 341 -13.76 9.31 5.28
CA LYS B 341 -14.39 9.20 3.94
C LYS B 341 -15.15 7.86 3.82
N ARG B 342 -14.61 6.75 4.32
CA ARG B 342 -15.21 5.40 4.15
C ARG B 342 -16.58 5.34 4.87
N ILE B 343 -16.71 5.95 6.04
CA ILE B 343 -17.93 5.92 6.91
C ILE B 343 -18.69 7.25 6.75
N ASP B 344 -18.23 8.15 5.87
CA ASP B 344 -18.73 9.54 5.77
C ASP B 344 -18.93 10.14 7.17
N ALA B 345 -17.83 10.32 7.90
CA ALA B 345 -17.84 10.76 9.30
C ALA B 345 -18.47 12.14 9.37
N ALA B 346 -18.18 13.02 8.39
CA ALA B 346 -18.68 14.41 8.35
C ALA B 346 -20.20 14.39 8.29
N GLY B 347 -20.75 13.50 7.47
CA GLY B 347 -22.22 13.32 7.30
C GLY B 347 -22.81 12.84 8.61
N GLN B 348 -22.12 11.93 9.30
CA GLN B 348 -22.63 11.33 10.56
C GLN B 348 -22.59 12.37 11.66
N LYS B 349 -21.52 13.17 11.76
CA LYS B 349 -21.38 14.23 12.79
C LYS B 349 -22.43 15.32 12.56
N GLN B 350 -22.67 15.69 11.30
CA GLN B 350 -23.63 16.77 10.95
C GLN B 350 -25.06 16.29 11.25
N ALA B 351 -25.37 15.03 10.98
CA ALA B 351 -26.72 14.45 11.13
C ALA B 351 -27.02 14.37 12.64
N GLU B 352 -26.04 13.88 13.40
CA GLU B 352 -26.21 13.64 14.85
C GLU B 352 -26.35 15.00 15.53
N GLU B 353 -25.49 15.96 15.19
CA GLU B 353 -25.59 17.32 15.74
C GLU B 353 -26.95 17.92 15.34
N ALA B 354 -27.32 17.86 14.06
CA ALA B 354 -28.59 18.46 13.58
C ALA B 354 -29.77 17.84 14.37
N ALA B 355 -29.74 16.51 14.57
CA ALA B 355 -30.77 15.69 15.28
C ALA B 355 -30.84 16.09 16.76
N VAL B 356 -29.69 16.33 17.40
CA VAL B 356 -29.67 16.74 18.84
C VAL B 356 -30.25 18.16 18.91
N LEU B 357 -29.84 19.05 18.01
CA LEU B 357 -30.32 20.45 18.01
C LEU B 357 -31.86 20.45 17.83
N ALA B 358 -32.40 19.63 16.94
CA ALA B 358 -33.85 19.51 16.66
C ALA B 358 -34.55 18.88 17.87
N TRP B 359 -34.09 17.71 18.33
CA TRP B 359 -34.61 17.02 19.55
C TRP B 359 -34.62 17.97 20.74
N LEU B 360 -33.70 18.95 20.79
CA LEU B 360 -33.64 19.95 21.89
C LEU B 360 -34.74 21.01 21.72
N LYS B 361 -35.16 21.32 20.48
CA LYS B 361 -36.32 22.23 20.24
C LYS B 361 -37.62 21.50 20.62
N LYS B 362 -37.66 20.17 20.55
CA LYS B 362 -38.83 19.30 20.91
C LYS B 362 -39.06 19.29 22.43
N GLN B 363 -37.98 19.24 23.23
CA GLN B 363 -38.03 19.56 24.69
C GLN B 363 -38.21 21.09 24.74
N GLY B 364 -38.87 21.60 25.78
CA GLY B 364 -39.14 23.05 25.93
C GLY B 364 -38.07 23.72 26.75
N ALA B 365 -38.34 23.91 28.06
CA ALA B 365 -37.41 24.44 29.07
C ALA B 365 -36.19 23.51 29.18
N ALA B 366 -36.45 22.19 29.29
CA ALA B 366 -35.49 21.06 29.39
C ALA B 366 -34.36 21.16 28.34
N GLY B 367 -34.62 21.81 27.19
CA GLY B 367 -33.72 21.87 26.03
C GLY B 367 -32.97 23.20 25.87
N LYS B 368 -33.43 24.28 26.50
CA LYS B 368 -32.96 25.66 26.20
C LYS B 368 -31.53 25.90 26.69
N PRO B 369 -31.09 25.33 27.85
CA PRO B 369 -29.71 25.51 28.30
C PRO B 369 -28.67 24.90 27.34
N ALA B 370 -28.87 23.62 26.97
CA ALA B 370 -28.02 22.85 26.03
C ALA B 370 -27.86 23.62 24.71
N LEU B 371 -28.95 24.19 24.17
CA LEU B 371 -28.92 25.02 22.93
C LEU B 371 -28.12 26.31 23.21
N ALA B 372 -28.26 26.91 24.40
CA ALA B 372 -27.40 28.04 24.83
C ALA B 372 -25.92 27.63 24.74
N ALA B 373 -25.56 26.54 25.43
CA ALA B 373 -24.19 26.00 25.56
C ALA B 373 -23.56 25.75 24.19
N HIS B 374 -24.30 25.12 23.27
CA HIS B 374 -23.82 24.79 21.91
C HIS B 374 -23.20 26.03 21.25
N ALA B 375 -23.97 27.12 21.14
CA ALA B 375 -23.58 28.39 20.50
C ALA B 375 -22.31 28.98 21.14
N GLN B 376 -22.13 28.80 22.44
CA GLN B 376 -20.92 29.29 23.16
C GLN B 376 -19.72 28.42 22.78
N LEU B 377 -19.92 27.10 22.62
CA LEU B 377 -18.83 26.16 22.21
C LEU B 377 -18.36 26.50 20.79
N LEU B 378 -19.29 26.83 19.88
CA LEU B 378 -18.94 27.18 18.48
C LEU B 378 -17.99 28.38 18.47
N LYS B 379 -18.20 29.35 19.38
CA LYS B 379 -17.36 30.57 19.50
C LYS B 379 -15.91 30.18 19.76
N HIS B 380 -15.64 29.17 20.60
CA HIS B 380 -14.25 28.74 20.94
C HIS B 380 -13.48 28.31 19.69
N LEU B 381 -14.16 27.70 18.71
CA LEU B 381 -13.57 27.04 17.51
C LEU B 381 -13.04 28.11 16.54
N ASP B 382 -13.80 29.21 16.34
CA ASP B 382 -13.48 30.37 15.47
C ASP B 382 -12.19 31.06 15.94
N THR B 383 -12.03 31.21 17.26
CA THR B 383 -10.82 31.77 17.91
C THR B 383 -9.60 30.98 17.45
N SER B 384 -9.58 29.66 17.68
CA SER B 384 -8.43 28.78 17.39
C SER B 384 -8.14 28.76 15.87
N LYS B 385 -9.15 28.98 15.01
CA LYS B 385 -9.01 28.99 13.52
C LYS B 385 -7.95 30.00 13.08
N SER B 386 -8.06 31.25 13.54
CA SER B 386 -7.35 32.43 12.99
C SER B 386 -5.83 32.18 12.98
N THR B 387 -5.29 31.71 14.10
CA THR B 387 -3.82 31.57 14.29
C THR B 387 -3.38 30.10 14.32
N ARG B 388 -4.13 29.17 13.71
CA ARG B 388 -3.93 27.70 13.88
C ARG B 388 -2.58 27.28 13.27
N GLU B 389 -2.21 27.80 12.09
CA GLU B 389 -0.91 27.50 11.42
C GLU B 389 0.26 28.07 12.24
N ARG B 390 0.21 29.37 12.56
CA ARG B 390 1.22 30.01 13.43
C ARG B 390 1.38 29.20 14.74
N ASP B 391 0.27 28.82 15.37
CA ASP B 391 0.27 28.12 16.70
C ASP B 391 0.91 26.75 16.57
N LEU B 392 0.74 26.07 15.43
CA LEU B 392 1.35 24.74 15.21
C LEU B 392 2.85 24.97 15.05
N PHE B 393 3.24 25.90 14.19
CA PHE B 393 4.66 26.05 13.81
C PHE B 393 5.43 26.61 15.03
N VAL B 394 4.84 27.55 15.76
CA VAL B 394 5.51 28.18 16.93
C VAL B 394 5.46 27.18 18.11
N GLY B 395 4.33 26.50 18.28
CA GLY B 395 4.20 25.41 19.26
C GLY B 395 5.30 24.38 19.03
N GLN B 396 5.48 23.93 17.79
CA GLN B 396 6.47 22.86 17.50
C GLN B 396 7.88 23.40 17.75
N PHE B 397 8.13 24.63 17.36
CA PHE B 397 9.45 25.28 17.58
C PHE B 397 9.75 25.42 19.07
N ASN B 398 8.76 25.83 19.83
CA ASN B 398 8.92 26.06 21.29
C ASN B 398 9.12 24.71 22.00
N ASN B 399 8.79 23.60 21.33
CA ASN B 399 8.93 22.25 21.90
C ASN B 399 10.12 21.52 21.28
N THR B 400 10.94 22.17 20.47
CA THR B 400 12.27 21.60 20.14
C THR B 400 13.05 21.50 21.46
N SER B 401 14.16 20.76 21.48
CA SER B 401 14.74 20.25 22.76
C SER B 401 15.29 21.39 23.61
N ALA B 402 16.24 22.16 23.10
CA ALA B 402 16.92 23.25 23.85
C ALA B 402 15.91 24.36 24.18
N VAL B 403 15.09 24.75 23.21
CA VAL B 403 14.11 25.84 23.40
C VAL B 403 13.09 25.37 24.43
N GLY B 404 12.56 24.15 24.30
CA GLY B 404 11.53 23.63 25.23
C GLY B 404 12.06 23.55 26.65
N ALA B 405 13.32 23.16 26.78
CA ALA B 405 14.00 23.04 28.09
C ALA B 405 14.09 24.44 28.72
N ALA B 406 14.56 25.44 27.95
CA ALA B 406 14.67 26.88 28.32
C ALA B 406 13.33 27.36 28.84
N ILE B 407 12.26 27.14 28.05
CA ILE B 407 10.90 27.64 28.38
C ILE B 407 10.43 26.93 29.65
N THR B 408 10.56 25.60 29.71
CA THR B 408 10.14 24.82 30.91
C THR B 408 10.96 25.27 32.14
N LEU B 409 12.27 25.44 32.00
CA LEU B 409 13.19 25.78 33.12
C LEU B 409 12.89 27.19 33.63
N TYR B 410 12.79 28.17 32.72
CA TYR B 410 12.44 29.56 33.07
C TYR B 410 11.07 29.60 33.70
N ARG B 411 10.11 28.83 33.16
CA ARG B 411 8.72 28.87 33.67
C ARG B 411 8.74 28.42 35.13
N LEU B 412 9.54 27.41 35.43
CA LEU B 412 9.54 26.77 36.77
C LEU B 412 10.15 27.76 37.77
N SER B 413 11.23 28.44 37.40
CA SER B 413 11.86 29.50 38.25
C SER B 413 10.78 30.53 38.58
N ILE B 414 10.01 30.96 37.58
CA ILE B 414 8.82 31.83 37.80
C ILE B 414 7.89 31.18 38.83
N GLU B 415 7.44 29.94 38.62
CA GLU B 415 6.46 29.27 39.52
C GLU B 415 7.06 29.10 40.92
N ARG B 416 8.37 28.92 41.02
CA ARG B 416 9.06 28.76 42.33
C ARG B 416 8.81 30.02 43.16
N SER B 417 8.93 31.20 42.55
CA SER B 417 8.68 32.53 43.18
C SER B 417 7.39 32.45 43.99
N LYS B 418 6.37 31.79 43.45
CA LYS B 418 5.00 31.73 44.04
C LYS B 418 4.96 30.65 45.13
N PRO B 419 3.99 30.71 46.07
CA PRO B 419 3.72 29.59 46.97
C PRO B 419 3.27 28.42 46.11
N ASP B 420 3.26 27.21 46.68
CA ASP B 420 3.06 25.95 45.91
C ASP B 420 1.60 25.79 45.48
N ALA B 421 0.64 26.05 46.37
CA ALA B 421 -0.81 25.92 46.10
C ALA B 421 -1.22 26.74 44.88
N GLU B 422 -0.44 27.77 44.58
CA GLU B 422 -0.73 28.84 43.58
C GLU B 422 0.18 28.64 42.36
N ARG B 423 1.00 27.58 42.33
CA ARG B 423 1.86 27.25 41.15
C ARG B 423 1.02 26.52 40.09
N GLU B 424 1.28 26.77 38.82
CA GLU B 424 0.58 26.11 37.67
C GLU B 424 0.71 24.58 37.77
N ALA B 425 -0.38 23.85 37.55
CA ALA B 425 -0.39 22.38 37.25
C ALA B 425 0.87 22.04 36.44
N GLY B 426 1.70 21.13 36.95
CA GLY B 426 2.91 20.63 36.26
C GLY B 426 4.15 21.41 36.65
N TYR B 427 4.01 22.42 37.51
CA TYR B 427 5.17 23.19 38.02
C TYR B 427 5.13 23.25 39.54
N GLN B 428 4.34 22.36 40.15
CA GLN B 428 4.19 22.26 41.61
C GLN B 428 5.36 21.43 42.19
N GLU B 429 5.39 21.28 43.51
CA GLU B 429 6.44 20.48 44.22
C GLU B 429 6.38 19.05 43.69
N ARG B 430 5.17 18.49 43.66
CA ARG B 430 4.85 17.11 43.23
C ARG B 430 5.30 16.81 41.79
N ASP B 431 5.71 17.83 41.03
CA ASP B 431 6.06 17.73 39.59
C ASP B 431 7.58 17.92 39.39
N LEU B 432 8.33 18.35 40.41
CA LEU B 432 9.78 18.72 40.26
C LEU B 432 10.57 17.50 39.77
N THR B 433 10.23 16.34 40.29
CA THR B 433 10.89 15.03 40.04
C THR B 433 10.81 14.67 38.55
N THR B 434 9.66 14.93 37.91
CA THR B 434 9.34 14.65 36.48
C THR B 434 10.11 15.63 35.58
N ILE B 435 9.97 16.93 35.86
CA ILE B 435 10.76 17.97 35.16
C ILE B 435 12.23 17.56 35.18
N GLU B 436 12.76 17.20 36.34
CA GLU B 436 14.20 16.87 36.48
C GLU B 436 14.45 15.57 35.73
N GLY B 437 13.52 14.61 35.82
CA GLY B 437 13.52 13.41 34.97
C GLY B 437 13.63 13.75 33.50
N GLY B 438 12.80 14.66 33.01
CA GLY B 438 12.77 15.04 31.58
C GLY B 438 14.12 15.57 31.13
N LEU B 439 14.76 16.40 31.95
CA LEU B 439 16.06 17.03 31.60
C LEU B 439 17.13 15.94 31.48
N LYS B 440 17.07 14.91 32.34
CA LYS B 440 18.03 13.75 32.32
C LYS B 440 17.84 12.90 31.05
N GLN B 441 16.60 12.50 30.79
CA GLN B 441 16.23 11.65 29.62
C GLN B 441 16.62 12.35 28.32
N MET B 442 16.53 13.69 28.24
CA MET B 442 16.93 14.49 27.05
C MET B 442 18.41 14.22 26.72
N ASP B 443 19.20 13.89 27.74
CA ASP B 443 20.63 13.54 27.57
C ASP B 443 20.72 12.40 26.55
N ARG B 444 19.78 11.45 26.60
CA ARG B 444 19.79 10.28 25.67
C ARG B 444 18.94 10.57 24.44
N ARG B 445 18.47 11.81 24.28
CA ARG B 445 17.45 12.16 23.25
C ARG B 445 17.77 13.45 22.50
N TYR B 446 19.03 13.88 22.53
CA TYR B 446 19.42 15.20 21.98
C TYR B 446 20.74 15.09 21.23
N VAL B 447 20.74 15.63 20.03
CA VAL B 447 21.96 15.85 19.21
C VAL B 447 21.78 17.23 18.59
N ALA B 448 22.64 18.17 18.98
CA ALA B 448 22.51 19.61 18.69
C ALA B 448 22.20 19.76 17.20
N LYS B 449 22.87 18.99 16.33
CA LYS B 449 22.75 19.16 14.85
C LYS B 449 21.42 18.58 14.35
N MET B 450 20.80 17.68 15.11
CA MET B 450 19.42 17.22 14.81
C MET B 450 18.46 18.29 15.30
N ASP B 451 18.66 18.76 16.53
CA ASP B 451 17.77 19.79 17.10
C ASP B 451 17.73 21.01 16.16
N GLN B 452 18.82 21.29 15.47
CA GLN B 452 18.95 22.53 14.66
C GLN B 452 18.11 22.37 13.40
N GLN B 453 18.16 21.18 12.83
CA GLN B 453 17.30 20.80 11.68
C GLN B 453 15.83 20.87 12.08
N LEU B 454 15.46 20.41 13.27
CA LEU B 454 14.05 20.55 13.76
C LEU B 454 13.71 22.04 13.92
N GLN B 455 14.51 22.80 14.66
CA GLN B 455 14.35 24.28 14.72
C GLN B 455 14.21 24.88 13.32
N THR B 456 15.08 24.50 12.40
CA THR B 456 15.09 25.04 11.01
C THR B 456 13.75 24.70 10.35
N TYR B 457 13.34 23.43 10.45
CA TYR B 457 12.13 22.98 9.74
C TYR B 457 10.94 23.84 10.18
N TRP B 458 10.67 23.91 11.49
CA TRP B 458 9.46 24.55 12.05
C TRP B 458 9.58 26.07 11.87
N LEU B 459 10.80 26.62 12.00
CA LEU B 459 11.08 28.05 11.69
C LEU B 459 10.81 28.31 10.20
N ASP B 460 11.19 27.38 9.31
CA ASP B 460 10.95 27.51 7.84
C ASP B 460 9.45 27.55 7.52
N GLN B 461 8.62 26.82 8.27
CA GLN B 461 7.16 26.81 8.06
C GLN B 461 6.61 28.15 8.53
N TYR B 462 7.12 28.66 9.65
CA TYR B 462 6.68 29.97 10.19
C TYR B 462 6.98 31.10 9.18
N VAL B 463 8.21 31.20 8.70
CA VAL B 463 8.63 32.33 7.82
C VAL B 463 7.93 32.24 6.45
N ALA B 464 7.36 31.09 6.07
CA ALA B 464 6.67 30.85 4.78
C ALA B 464 5.22 31.34 4.87
N LEU B 465 4.68 31.51 6.08
CA LEU B 465 3.31 32.03 6.28
C LEU B 465 3.17 33.42 5.68
N PRO B 466 1.95 33.81 5.23
CA PRO B 466 1.69 35.21 4.87
C PRO B 466 2.06 36.19 6.00
N ALA B 467 2.55 37.39 5.65
CA ALA B 467 2.97 38.44 6.62
C ALA B 467 1.93 38.54 7.76
N ALA B 468 0.64 38.54 7.45
CA ALA B 468 -0.48 38.75 8.39
C ALA B 468 -0.55 37.66 9.46
N GLN B 469 -0.18 36.41 9.15
CA GLN B 469 -0.12 35.29 10.14
C GLN B 469 1.20 35.33 10.93
N ARG B 470 2.25 35.96 10.41
CA ARG B 470 3.59 36.05 11.08
C ARG B 470 3.57 37.20 12.09
N ASP B 471 2.78 37.08 13.16
CA ASP B 471 2.63 38.13 14.20
C ASP B 471 3.04 37.57 15.55
N ASN B 472 4.00 36.64 15.58
CA ASN B 472 4.81 36.35 16.81
C ASN B 472 5.89 37.43 16.94
N GLU B 473 5.62 38.45 17.74
CA GLU B 473 6.49 39.66 17.89
C GLU B 473 7.93 39.22 18.19
N VAL B 474 8.11 38.43 19.25
CA VAL B 474 9.47 38.01 19.70
C VAL B 474 10.14 37.29 18.54
N LEU B 475 9.45 36.37 17.87
CA LEU B 475 10.09 35.46 16.89
C LEU B 475 10.57 36.25 15.65
N ASN B 476 9.72 37.14 15.13
CA ASN B 476 10.03 38.12 14.06
C ASN B 476 11.24 38.99 14.45
N LYS B 477 11.33 39.44 15.71
CA LYS B 477 12.47 40.25 16.23
C LYS B 477 13.74 39.39 16.14
N TRP B 478 13.61 38.15 16.59
CA TRP B 478 14.73 37.18 16.63
C TRP B 478 15.08 36.68 15.22
N LEU B 479 14.11 36.64 14.31
CA LEU B 479 14.39 36.18 12.91
C LEU B 479 15.05 37.30 12.11
N ALA B 480 14.60 38.56 12.26
CA ALA B 480 15.14 39.72 11.51
C ALA B 480 15.18 39.40 9.99
N GLY B 481 14.09 38.82 9.49
CA GLY B 481 13.96 38.36 8.10
C GLY B 481 12.89 37.30 8.01
N SER B 482 12.55 36.84 6.81
CA SER B 482 11.44 35.88 6.62
C SER B 482 11.80 34.89 5.51
N ASP B 483 13.08 34.54 5.39
CA ASP B 483 13.60 33.57 4.38
C ASP B 483 14.46 32.51 5.06
N ALA B 484 15.00 31.57 4.26
CA ALA B 484 15.90 30.45 4.67
C ALA B 484 17.12 31.00 5.42
N ALA B 485 17.66 32.13 4.97
CA ALA B 485 18.90 32.72 5.52
C ALA B 485 18.63 33.29 6.92
N ALA B 486 17.49 33.98 7.13
CA ALA B 486 17.08 34.52 8.44
C ALA B 486 16.93 33.37 9.45
N VAL B 487 16.30 32.27 9.04
CA VAL B 487 16.18 31.04 9.88
C VAL B 487 17.61 30.50 10.18
N LYS B 488 18.45 30.37 9.15
CA LYS B 488 19.87 29.90 9.25
C LYS B 488 20.59 30.69 10.36
N SER B 489 20.38 32.00 10.43
CA SER B 489 21.08 32.92 11.37
C SER B 489 20.45 32.84 12.77
N LEU B 490 19.15 32.61 12.88
CA LEU B 490 18.52 32.41 14.21
C LEU B 490 19.00 31.07 14.80
N VAL B 491 19.16 30.06 13.96
CA VAL B 491 19.57 28.68 14.39
C VAL B 491 21.06 28.71 14.77
N ASN B 492 21.91 29.41 14.02
CA ASN B 492 23.33 29.64 14.38
C ASN B 492 23.38 30.29 15.76
N LYS B 493 22.58 31.34 15.98
CA LYS B 493 22.55 32.09 17.26
C LYS B 493 22.07 31.19 18.41
N LEU B 494 20.98 30.45 18.22
CA LEU B 494 20.46 29.54 19.29
C LEU B 494 21.45 28.39 19.54
N GLY B 495 22.34 28.10 18.57
CA GLY B 495 23.40 27.07 18.67
C GLY B 495 24.41 27.37 19.78
N GLY B 496 24.59 28.64 20.15
CA GLY B 496 25.49 28.98 21.26
C GLY B 496 24.92 28.58 22.62
N THR B 497 23.77 27.91 22.68
CA THR B 497 23.15 27.51 23.98
C THR B 497 24.06 26.47 24.65
N GLU B 498 23.97 26.36 25.97
CA GLU B 498 24.69 25.29 26.72
C GLU B 498 23.68 24.26 27.26
N LEU B 499 22.39 24.42 26.93
CA LEU B 499 21.28 23.53 27.42
C LEU B 499 21.37 22.14 26.79
N GLY B 500 22.27 21.93 25.82
CA GLY B 500 22.72 20.62 25.35
C GLY B 500 23.41 19.80 26.44
N SER B 501 24.07 20.45 27.39
CA SER B 501 24.73 19.78 28.54
C SER B 501 23.69 19.46 29.61
N LEU B 502 23.67 18.22 30.09
CA LEU B 502 22.81 17.81 31.22
C LEU B 502 23.12 18.66 32.45
N ASP B 503 24.39 18.92 32.74
CA ASP B 503 24.80 19.60 34.00
C ASP B 503 24.32 21.07 33.96
N THR B 504 24.34 21.72 32.79
CA THR B 504 23.75 23.07 32.59
C THR B 504 22.25 23.01 32.88
N ARG B 505 21.54 22.03 32.31
CA ARG B 505 20.08 21.91 32.52
C ARG B 505 19.79 21.74 34.01
N LEU B 506 20.53 20.89 34.70
CA LEU B 506 20.22 20.57 36.13
C LEU B 506 20.57 21.78 36.99
N LYS B 507 21.58 22.57 36.60
CA LYS B 507 21.88 23.89 37.19
C LYS B 507 20.67 24.82 37.01
N TRP B 508 20.18 25.00 35.79
CA TRP B 508 19.01 25.88 35.51
C TRP B 508 17.79 25.35 36.25
N PHE B 509 17.70 24.02 36.42
CA PHE B 509 16.61 23.38 37.19
C PHE B 509 16.55 23.98 38.60
N LYS B 510 17.67 24.46 39.15
CA LYS B 510 17.75 24.90 40.57
C LYS B 510 17.81 26.43 40.68
N ALA B 511 17.81 27.17 39.57
CA ALA B 511 18.19 28.60 39.50
C ALA B 511 16.96 29.50 39.71
N ASP B 512 17.18 30.68 40.30
CA ASP B 512 16.13 31.68 40.65
C ASP B 512 15.67 32.38 39.36
N ARG B 513 14.47 32.96 39.40
CA ARG B 513 13.96 33.80 38.31
C ARG B 513 15.05 34.76 37.81
N ALA B 514 15.77 35.44 38.71
CA ALA B 514 16.78 36.49 38.39
C ALA B 514 17.94 35.88 37.59
N ALA B 515 18.43 34.71 38.02
CA ALA B 515 19.52 34.00 37.33
C ALA B 515 19.15 33.84 35.84
N PHE B 516 17.89 33.50 35.56
CA PHE B 516 17.40 33.33 34.17
C PHE B 516 17.51 34.65 33.42
N GLU B 517 17.03 35.71 34.05
CA GLU B 517 16.90 37.07 33.43
C GLU B 517 18.30 37.62 33.20
N ALA B 518 19.31 37.10 33.92
CA ALA B 518 20.73 37.49 33.83
C ALA B 518 21.45 36.78 32.67
N SER B 519 21.03 35.56 32.31
CA SER B 519 21.84 34.68 31.41
C SER B 519 22.00 35.35 30.04
N ASN B 520 23.14 35.10 29.40
CA ASN B 520 23.41 35.41 27.98
C ASN B 520 23.32 34.08 27.17
N ASP B 521 22.79 33.00 27.76
CA ASP B 521 22.45 31.76 26.99
C ASP B 521 21.28 32.10 26.05
N PRO B 522 21.47 32.06 24.73
CA PRO B 522 20.45 32.56 23.81
C PRO B 522 19.10 31.81 23.93
N ALA B 523 19.11 30.50 24.24
CA ALA B 523 17.88 29.72 24.41
C ALA B 523 17.14 30.28 25.63
N ILE B 524 17.82 30.59 26.72
CA ILE B 524 17.17 31.14 27.96
C ILE B 524 16.62 32.54 27.64
N GLN B 525 17.41 33.36 26.96
CA GLN B 525 16.98 34.75 26.61
C GLN B 525 15.70 34.66 25.78
N TYR B 526 15.61 33.68 24.86
CA TYR B 526 14.40 33.39 24.05
C TYR B 526 13.25 33.06 24.99
N ALA B 527 13.46 32.15 25.95
CA ALA B 527 12.42 31.74 26.91
C ALA B 527 11.96 32.97 27.69
N VAL B 528 12.91 33.82 28.08
CA VAL B 528 12.64 35.07 28.87
C VAL B 528 11.82 36.01 27.99
N ALA B 529 12.27 36.21 26.75
CA ALA B 529 11.62 37.07 25.73
C ALA B 529 10.19 36.62 25.46
N VAL B 530 9.92 35.31 25.25
CA VAL B 530 8.60 34.79 24.77
C VAL B 530 7.67 34.59 25.96
N MET B 531 8.19 34.47 27.18
CA MET B 531 7.37 34.02 28.33
C MET B 531 6.17 34.92 28.57
N PRO B 532 6.28 36.26 28.51
CA PRO B 532 5.11 37.11 28.78
C PRO B 532 3.97 36.77 27.79
N ALA B 533 4.25 36.64 26.50
CA ALA B 533 3.23 36.25 25.48
C ALA B 533 2.67 34.85 25.81
N LEU B 534 3.51 33.87 26.17
CA LEU B 534 3.03 32.50 26.50
C LEU B 534 2.02 32.60 27.66
N LEU B 535 2.25 33.50 28.62
CA LEU B 535 1.40 33.63 29.84
C LEU B 535 0.04 34.25 29.48
N LYS B 536 0.02 35.28 28.63
CA LYS B 536 -1.25 35.90 28.17
C LYS B 536 -2.06 34.83 27.40
N GLN B 537 -1.42 34.18 26.42
CA GLN B 537 -2.00 33.06 25.65
C GLN B 537 -2.57 31.99 26.61
N GLU B 538 -1.86 31.70 27.71
CA GLU B 538 -2.31 30.69 28.70
C GLU B 538 -3.49 31.19 29.52
N GLU B 539 -3.52 32.47 29.86
CA GLU B 539 -4.65 33.11 30.59
C GLU B 539 -5.87 33.12 29.65
N GLN B 540 -5.66 33.54 28.40
CA GLN B 540 -6.69 33.54 27.32
C GLN B 540 -7.23 32.12 27.18
N LYS B 541 -6.35 31.12 27.21
CA LYS B 541 -6.78 29.70 27.16
C LYS B 541 -7.58 29.37 28.42
N LYS B 542 -7.18 29.87 29.60
CA LYS B 542 -7.94 29.59 30.87
C LYS B 542 -9.32 30.26 30.80
N ILE B 543 -9.42 31.44 30.18
CA ILE B 543 -10.73 32.13 29.96
C ILE B 543 -11.65 31.23 29.11
N ARG B 544 -11.20 30.78 27.94
CA ARG B 544 -11.95 29.79 27.12
C ARG B 544 -12.30 28.53 27.94
N GLU B 545 -11.38 27.98 28.73
CA GLU B 545 -11.63 26.74 29.54
C GLU B 545 -12.72 27.05 30.58
N GLY B 546 -12.70 28.25 31.15
CA GLY B 546 -13.73 28.70 32.10
C GLY B 546 -15.11 28.79 31.45
N GLU B 547 -15.20 29.48 30.30
CA GLU B 547 -16.42 29.55 29.44
C GLU B 547 -16.91 28.13 29.13
N SER B 548 -16.00 27.20 28.91
CA SER B 548 -16.29 25.81 28.47
C SER B 548 -16.83 25.00 29.65
N LEU B 549 -16.42 25.33 30.88
CA LEU B 549 -16.65 24.55 32.13
C LEU B 549 -18.16 24.41 32.42
N THR B 550 -19.04 25.28 31.90
CA THR B 550 -20.52 25.10 32.04
C THR B 550 -21.19 24.75 30.71
N ALA B 551 -20.74 25.31 29.61
CA ALA B 551 -21.30 25.00 28.26
C ALA B 551 -21.10 23.51 27.94
N ARG B 552 -19.87 23.01 28.10
CA ARG B 552 -19.48 21.66 27.61
C ARG B 552 -20.36 20.63 28.31
N PRO B 553 -20.47 20.63 29.66
CA PRO B 553 -21.28 19.62 30.34
C PRO B 553 -22.75 19.65 29.90
N LEU B 554 -23.34 20.84 29.72
CA LEU B 554 -24.78 21.00 29.34
C LEU B 554 -24.99 20.40 27.95
N TYR B 555 -24.12 20.74 27.00
CA TYR B 555 -24.26 20.24 25.61
C TYR B 555 -24.08 18.72 25.61
N LEU B 556 -23.03 18.23 26.26
CA LEU B 556 -22.69 16.79 26.19
C LEU B 556 -23.75 15.97 26.91
N GLN B 557 -24.37 16.53 27.95
CA GLN B 557 -25.51 15.88 28.66
C GLN B 557 -26.68 15.73 27.68
N ALA B 558 -26.99 16.80 26.94
CA ALA B 558 -28.03 16.76 25.88
C ALA B 558 -27.70 15.68 24.86
N VAL B 559 -26.45 15.61 24.38
CA VAL B 559 -26.07 14.62 23.34
C VAL B 559 -26.30 13.23 23.94
N ALA B 560 -25.84 13.00 25.18
CA ALA B 560 -26.01 11.72 25.91
C ALA B 560 -27.49 11.36 26.00
N ASP B 561 -28.31 12.33 26.38
CA ASP B 561 -29.77 12.21 26.54
C ASP B 561 -30.33 11.79 25.19
N TYR B 562 -30.14 12.60 24.15
CA TYR B 562 -30.61 12.27 22.79
C TYR B 562 -30.19 10.85 22.43
N LYS B 563 -28.94 10.46 22.74
CA LYS B 563 -28.36 9.16 22.33
C LYS B 563 -29.04 8.01 23.06
N LYS B 564 -29.42 8.20 24.32
CA LYS B 564 -30.13 7.17 25.11
C LYS B 564 -31.55 7.03 24.56
N SER B 565 -32.20 8.15 24.25
CA SER B 565 -33.52 8.24 23.59
C SER B 565 -33.56 7.37 22.34
N GLN B 566 -32.44 7.26 21.61
CA GLN B 566 -32.34 6.41 20.40
C GLN B 566 -31.94 4.99 20.78
N GLY B 567 -31.76 4.72 22.07
CA GLY B 567 -31.17 3.48 22.58
C GLY B 567 -29.83 3.20 21.93
N GLU B 568 -29.00 4.23 21.76
CA GLU B 568 -27.56 4.07 21.42
C GLU B 568 -26.77 3.96 22.72
N PHE B 569 -25.67 3.20 22.70
CA PHE B 569 -24.71 3.02 23.82
C PHE B 569 -24.23 4.39 24.29
N VAL B 570 -24.23 4.62 25.61
CA VAL B 570 -23.76 5.90 26.20
C VAL B 570 -22.61 5.60 27.15
N TYR B 571 -21.44 6.20 26.91
CA TYR B 571 -20.23 6.01 27.74
C TYR B 571 -19.36 7.24 27.54
N PRO B 572 -18.60 7.71 28.53
CA PRO B 572 -17.79 8.90 28.32
C PRO B 572 -16.68 8.70 27.26
N ASP B 573 -16.30 9.78 26.61
CA ASP B 573 -15.06 9.80 25.80
C ASP B 573 -13.97 9.34 26.77
N ALA B 574 -13.01 8.55 26.29
CA ALA B 574 -11.75 8.23 27.01
C ALA B 574 -11.14 9.53 27.55
N ASN B 575 -10.55 9.51 28.76
CA ASN B 575 -9.88 10.68 29.40
C ASN B 575 -8.75 10.22 30.31
N LEU B 576 -8.02 9.17 29.92
CA LEU B 576 -6.83 8.62 30.63
C LEU B 576 -7.23 7.85 31.92
N SER B 577 -8.51 7.63 32.19
CA SER B 577 -9.05 6.85 33.34
C SER B 577 -9.28 5.40 32.89
N LEU B 578 -9.47 4.50 33.86
CA LEU B 578 -9.63 3.03 33.67
C LEU B 578 -10.93 2.73 32.92
N ARG B 579 -10.90 1.89 31.88
CA ARG B 579 -12.12 1.48 31.16
C ARG B 579 -12.07 -0.02 30.89
N ILE B 580 -13.25 -0.60 30.77
CA ILE B 580 -13.43 -2.01 30.35
C ILE B 580 -14.05 -1.98 28.97
N THR B 581 -13.51 -2.81 28.09
CA THR B 581 -14.15 -3.09 26.79
C THR B 581 -14.18 -4.58 26.66
N PHE B 582 -15.16 -5.13 25.96
CA PHE B 582 -15.25 -6.59 25.78
C PHE B 582 -15.81 -6.92 24.42
N GLY B 583 -15.72 -8.18 24.08
CA GLY B 583 -16.24 -8.72 22.83
C GLY B 583 -15.60 -10.05 22.62
N ASN B 584 -15.34 -10.38 21.38
CA ASN B 584 -14.96 -11.75 21.03
C ASN B 584 -13.82 -11.71 20.02
N VAL B 585 -13.04 -12.76 19.96
CA VAL B 585 -12.01 -12.99 18.93
C VAL B 585 -12.79 -13.15 17.62
N MET B 586 -12.58 -12.22 16.71
CA MET B 586 -13.23 -12.33 15.39
C MET B 586 -12.48 -11.45 14.42
N GLY B 587 -12.52 -11.88 13.18
CA GLY B 587 -12.01 -11.07 12.08
C GLY B 587 -13.04 -10.06 11.72
N TYR B 588 -12.87 -9.52 10.53
CA TYR B 588 -13.71 -8.47 9.94
C TYR B 588 -13.61 -8.65 8.44
N GLY B 589 -14.52 -8.02 7.74
CA GLY B 589 -14.62 -8.13 6.28
C GLY B 589 -14.54 -6.76 5.66
N LYS B 590 -14.05 -6.78 4.44
CA LYS B 590 -14.01 -5.67 3.49
C LYS B 590 -14.45 -6.32 2.19
N ASP B 591 -14.94 -5.57 1.22
CA ASP B 591 -15.32 -6.14 -0.09
C ASP B 591 -14.11 -6.88 -0.71
N GLY B 592 -14.28 -8.17 -1.00
CA GLY B 592 -13.26 -9.07 -1.58
C GLY B 592 -12.38 -9.74 -0.54
N VAL B 593 -12.60 -9.50 0.74
CA VAL B 593 -11.59 -9.87 1.78
C VAL B 593 -12.32 -10.28 3.05
N LYS B 594 -11.91 -11.40 3.62
CA LYS B 594 -12.34 -11.85 4.96
C LYS B 594 -11.05 -12.01 5.77
N TYR B 595 -10.83 -11.09 6.70
CA TYR B 595 -9.67 -11.13 7.61
C TYR B 595 -9.98 -12.19 8.65
N THR B 596 -9.11 -13.19 8.76
CA THR B 596 -9.22 -14.30 9.73
C THR B 596 -8.72 -13.79 11.08
N PRO B 597 -9.21 -14.32 12.23
CA PRO B 597 -8.89 -13.77 13.54
C PRO B 597 -7.46 -13.93 14.05
N PHE B 598 -6.69 -14.88 13.53
CA PHE B 598 -5.30 -15.13 13.96
C PHE B 598 -4.34 -15.03 12.77
N THR B 599 -3.12 -14.63 13.08
CA THR B 599 -1.91 -14.89 12.27
C THR B 599 -1.12 -15.93 13.03
N THR B 600 -0.10 -16.46 12.37
CA THR B 600 0.65 -17.66 12.83
C THR B 600 2.11 -17.48 12.44
N LEU B 601 2.95 -18.40 12.92
CA LEU B 601 4.42 -18.31 12.75
C LEU B 601 4.79 -18.23 11.28
N GLU B 602 4.15 -19.05 10.44
CA GLU B 602 4.42 -19.15 8.98
C GLU B 602 4.19 -17.79 8.34
N GLY B 603 3.20 -17.04 8.82
CA GLY B 603 2.94 -15.66 8.40
C GLY B 603 4.13 -14.74 8.62
N VAL B 604 4.86 -14.91 9.73
CA VAL B 604 6.05 -14.08 10.05
C VAL B 604 7.14 -14.46 9.04
N ALA B 605 7.37 -15.76 8.88
CA ALA B 605 8.39 -16.29 7.95
C ALA B 605 8.07 -15.84 6.52
N ALA B 606 6.80 -15.88 6.09
CA ALA B 606 6.41 -15.54 4.70
C ALA B 606 6.68 -14.05 4.40
N LYS B 607 6.67 -13.16 5.40
CA LYS B 607 6.94 -11.72 5.16
C LYS B 607 8.43 -11.40 5.18
N GLU B 608 9.31 -12.36 5.49
CA GLU B 608 10.77 -12.10 5.61
C GLU B 608 11.35 -11.56 4.30
N THR B 609 12.17 -10.51 4.37
CA THR B 609 12.87 -9.91 3.21
C THR B 609 14.38 -9.80 3.47
N GLY B 610 14.82 -10.11 4.70
CA GLY B 610 16.21 -9.93 5.18
C GLY B 610 16.57 -8.45 5.30
N GLU B 611 15.60 -7.56 5.09
CA GLU B 611 15.77 -6.09 5.18
C GLU B 611 14.72 -5.52 6.14
N ASP B 612 15.13 -4.62 7.04
CA ASP B 612 14.25 -3.77 7.87
C ASP B 612 13.11 -3.25 7.02
N PRO B 613 11.84 -3.35 7.49
CA PRO B 613 11.52 -3.88 8.81
C PRO B 613 11.08 -5.35 8.84
N PHE B 614 11.40 -6.13 7.80
CA PHE B 614 10.91 -7.54 7.67
C PHE B 614 12.07 -8.51 7.82
N ASP B 615 12.88 -8.35 8.86
CA ASP B 615 14.21 -9.01 9.03
C ASP B 615 14.23 -9.74 10.36
N SER B 616 13.44 -10.79 10.49
CA SER B 616 13.28 -11.57 11.74
C SER B 616 14.63 -12.09 12.21
N PRO B 617 14.85 -12.36 13.50
CA PRO B 617 16.08 -13.04 13.92
C PRO B 617 16.20 -14.39 13.20
N LYS B 618 17.44 -14.79 12.92
CA LYS B 618 17.78 -16.08 12.26
C LYS B 618 17.13 -17.18 13.10
N ALA B 619 17.14 -17.04 14.42
CA ALA B 619 16.57 -18.05 15.34
C ALA B 619 15.09 -18.24 15.02
N LEU B 620 14.35 -17.16 14.72
CA LEU B 620 12.88 -17.28 14.49
C LEU B 620 12.62 -18.07 13.21
N LEU B 621 13.36 -17.76 12.14
CA LEU B 621 13.18 -18.37 10.80
C LEU B 621 13.53 -19.85 10.89
N ASP B 622 14.64 -20.15 11.60
CA ASP B 622 15.14 -21.53 11.85
C ASP B 622 14.06 -22.28 12.60
N ALA B 623 13.55 -21.68 13.68
CA ALA B 623 12.51 -22.31 14.52
C ALA B 623 11.26 -22.53 13.66
N VAL B 624 10.87 -21.56 12.82
CA VAL B 624 9.62 -21.69 12.03
C VAL B 624 9.82 -22.76 10.94
N LYS B 625 10.94 -22.71 10.23
CA LYS B 625 11.20 -23.64 9.10
C LYS B 625 11.24 -25.08 9.63
N ALA B 626 11.64 -25.29 10.90
CA ALA B 626 11.73 -26.61 11.56
C ALA B 626 10.41 -26.98 12.25
N LYS B 627 9.43 -26.06 12.32
CA LYS B 627 8.14 -26.29 13.05
C LYS B 627 8.42 -26.53 14.55
N ARG B 628 9.44 -25.89 15.14
CA ARG B 628 9.68 -25.89 16.61
C ARG B 628 8.59 -25.02 17.26
N TYR B 629 7.45 -25.62 17.52
CA TYR B 629 6.27 -24.94 18.09
C TYR B 629 6.31 -24.99 19.61
N GLY B 630 7.41 -25.50 20.19
CA GLY B 630 7.65 -25.58 21.63
C GLY B 630 6.37 -25.79 22.41
N GLY B 631 5.51 -26.70 21.93
CA GLY B 631 4.26 -27.14 22.60
C GLY B 631 3.21 -26.05 22.67
N LEU B 632 3.25 -25.05 21.78
CA LEU B 632 2.38 -23.85 21.88
C LEU B 632 1.39 -23.80 20.72
N GLU B 633 1.54 -24.69 19.73
CA GLU B 633 0.65 -24.87 18.55
C GLU B 633 -0.80 -24.88 19.06
N ASP B 634 -1.71 -24.16 18.40
CA ASP B 634 -3.16 -24.33 18.57
C ASP B 634 -3.63 -25.18 17.37
N LYS B 635 -4.13 -26.39 17.66
CA LYS B 635 -4.51 -27.41 16.64
C LYS B 635 -5.48 -26.78 15.64
N ARG B 636 -6.34 -25.86 16.09
CA ARG B 636 -7.30 -25.12 15.22
C ARG B 636 -6.57 -24.17 14.24
N LEU B 637 -5.28 -23.88 14.40
CA LEU B 637 -4.51 -23.01 13.45
C LEU B 637 -3.44 -23.82 12.71
N GLY B 638 -3.03 -24.96 13.25
CA GLY B 638 -1.93 -25.80 12.70
C GLY B 638 -0.57 -25.22 13.02
N SER B 639 -0.50 -24.22 13.90
CA SER B 639 0.74 -23.45 14.17
C SER B 639 0.58 -22.66 15.48
N VAL B 640 1.64 -21.95 15.87
CA VAL B 640 1.59 -21.05 17.06
C VAL B 640 0.98 -19.74 16.56
N PRO B 641 -0.04 -19.23 17.26
CA PRO B 641 -0.65 -17.95 16.91
C PRO B 641 0.32 -16.83 17.25
N VAL B 642 0.24 -15.74 16.49
CA VAL B 642 1.16 -14.58 16.64
C VAL B 642 0.30 -13.43 17.16
N ASN B 643 -0.55 -12.89 16.30
CA ASN B 643 -1.51 -11.84 16.69
C ASN B 643 -2.92 -12.35 16.47
N PHE B 644 -3.87 -11.66 17.06
CA PHE B 644 -5.29 -11.95 16.87
C PHE B 644 -6.11 -10.68 16.93
N LEU B 645 -7.27 -10.80 16.30
CA LEU B 645 -8.26 -9.71 16.15
C LEU B 645 -9.44 -9.94 17.07
N SER B 646 -10.05 -8.86 17.51
CA SER B 646 -11.25 -8.92 18.37
C SER B 646 -11.99 -7.61 18.24
N ASN B 647 -13.30 -7.64 18.53
CA ASN B 647 -14.17 -6.45 18.34
C ASN B 647 -14.26 -5.71 19.67
N LEU B 648 -13.10 -5.40 20.24
CA LEU B 648 -13.01 -4.51 21.42
C LEU B 648 -12.88 -3.06 20.96
N ASP B 649 -13.06 -2.15 21.90
CA ASP B 649 -13.10 -0.70 21.65
C ASP B 649 -11.97 -0.10 22.49
N ILE B 650 -10.78 0.03 21.86
CA ILE B 650 -9.55 0.59 22.49
C ILE B 650 -9.04 1.79 21.68
N THR B 651 -8.13 2.55 22.28
CA THR B 651 -7.45 3.68 21.60
C THR B 651 -6.11 3.93 22.28
N GLY B 652 -5.43 5.01 21.87
CA GLY B 652 -4.11 5.37 22.42
C GLY B 652 -4.23 5.38 23.93
N GLY B 653 -3.31 4.75 24.64
CA GLY B 653 -3.42 4.49 26.08
C GLY B 653 -3.61 3.01 26.40
N ASN B 654 -4.39 2.31 25.59
CA ASN B 654 -4.69 0.86 25.77
C ASN B 654 -3.50 -0.03 25.39
N SER B 655 -2.49 0.52 24.75
CA SER B 655 -1.27 -0.26 24.45
C SER B 655 -0.72 -0.87 25.75
N GLY B 656 -0.51 -2.18 25.72
CA GLY B 656 0.03 -2.97 26.85
C GLY B 656 -1.09 -3.46 27.76
N SER B 657 -2.34 -3.16 27.44
CA SER B 657 -3.53 -3.64 28.17
C SER B 657 -3.58 -5.16 28.08
N PRO B 658 -3.74 -5.85 29.22
CA PRO B 658 -3.87 -7.29 29.19
C PRO B 658 -5.19 -7.59 28.49
N VAL B 659 -5.17 -8.59 27.62
CA VAL B 659 -6.41 -9.21 27.10
C VAL B 659 -6.66 -10.45 27.94
N LEU B 660 -7.79 -10.45 28.64
CA LEU B 660 -8.23 -11.49 29.58
C LEU B 660 -9.31 -12.33 28.88
N ASP B 661 -9.21 -13.66 28.97
CA ASP B 661 -10.23 -14.61 28.47
C ASP B 661 -11.42 -14.60 29.44
N ALA B 662 -12.35 -15.55 29.31
CA ALA B 662 -13.62 -15.60 30.06
C ALA B 662 -13.36 -15.73 31.57
N ASN B 663 -12.21 -16.29 31.96
CA ASN B 663 -11.86 -16.63 33.37
C ASN B 663 -10.82 -15.64 33.91
N GLY B 664 -10.53 -14.58 33.15
CA GLY B 664 -9.69 -13.47 33.64
C GLY B 664 -8.21 -13.81 33.55
N LYS B 665 -7.86 -14.80 32.75
CA LYS B 665 -6.44 -15.17 32.49
C LYS B 665 -5.94 -14.46 31.24
N LEU B 666 -4.64 -14.15 31.19
CA LEU B 666 -4.01 -13.31 30.15
C LEU B 666 -3.86 -14.14 28.86
N VAL B 667 -4.46 -13.68 27.77
CA VAL B 667 -4.36 -14.37 26.45
C VAL B 667 -3.57 -13.49 25.50
N GLY B 668 -3.23 -12.29 25.93
CA GLY B 668 -2.36 -11.43 25.12
C GLY B 668 -2.42 -10.00 25.59
N LEU B 669 -1.80 -9.14 24.83
CA LEU B 669 -1.77 -7.68 25.08
C LEU B 669 -2.30 -6.96 23.87
N ALA B 670 -3.21 -6.03 24.11
CA ALA B 670 -3.63 -4.97 23.17
C ALA B 670 -2.38 -4.23 22.71
N PHE B 671 -2.23 -3.98 21.41
CA PHE B 671 -1.14 -3.15 20.90
C PHE B 671 -1.60 -2.27 19.72
N ASP B 672 -2.65 -2.60 19.02
CA ASP B 672 -2.94 -1.77 17.83
C ASP B 672 -4.37 -1.99 17.37
N GLY B 673 -4.72 -1.25 16.34
CA GLY B 673 -5.97 -1.41 15.60
C GLY B 673 -5.66 -1.62 14.13
N ASN B 674 -6.62 -2.20 13.47
CA ASN B 674 -6.61 -2.31 12.00
C ASN B 674 -6.84 -0.92 11.43
N TRP B 675 -6.46 -0.78 10.16
CA TRP B 675 -6.51 0.45 9.36
C TRP B 675 -7.88 1.13 9.51
N GLU B 676 -8.94 0.37 9.40
CA GLU B 676 -10.32 0.90 9.33
C GLU B 676 -10.79 1.30 10.71
N SER B 677 -10.11 0.88 11.79
CA SER B 677 -10.54 1.15 13.18
C SER B 677 -10.23 2.60 13.55
N VAL B 678 -9.23 3.24 12.95
CA VAL B 678 -8.61 4.44 13.61
C VAL B 678 -9.58 5.62 13.59
N SER B 679 -10.50 5.68 12.62
CA SER B 679 -11.55 6.72 12.50
C SER B 679 -12.55 6.60 13.66
N SER B 680 -12.53 5.47 14.38
CA SER B 680 -13.47 5.17 15.50
C SER B 680 -13.21 6.11 16.68
N ASN B 681 -12.09 6.79 16.65
CA ASN B 681 -11.80 7.91 17.58
C ASN B 681 -12.89 9.00 17.51
N TRP B 682 -13.49 9.22 16.35
CA TRP B 682 -14.51 10.28 16.14
C TRP B 682 -15.89 9.69 15.92
N VAL B 683 -15.96 8.66 15.10
CA VAL B 683 -17.21 7.92 14.81
C VAL B 683 -16.91 6.43 14.88
N PHE B 684 -17.49 5.77 15.88
CA PHE B 684 -17.27 4.33 16.09
C PHE B 684 -17.90 3.55 14.95
N ASP B 685 -17.15 2.62 14.34
CA ASP B 685 -17.67 1.72 13.28
C ASP B 685 -17.59 0.29 13.78
N PRO B 686 -18.71 -0.35 14.18
CA PRO B 686 -18.66 -1.69 14.77
C PRO B 686 -18.20 -2.74 13.77
N VAL B 687 -18.50 -2.55 12.49
CA VAL B 687 -18.22 -3.54 11.42
C VAL B 687 -16.70 -3.72 11.29
N MET B 688 -15.94 -2.63 11.27
CA MET B 688 -14.53 -2.75 10.85
C MET B 688 -13.57 -2.30 11.96
N THR B 689 -14.07 -2.06 13.18
CA THR B 689 -13.20 -1.68 14.31
C THR B 689 -12.77 -2.95 15.01
N ARG B 690 -11.49 -3.28 14.94
CA ARG B 690 -10.93 -4.41 15.72
C ARG B 690 -9.66 -3.93 16.42
N MET B 691 -9.48 -4.41 17.65
CA MET B 691 -8.18 -4.44 18.35
C MET B 691 -7.31 -5.55 17.77
N ILE B 692 -6.04 -5.21 17.57
CA ILE B 692 -4.96 -6.18 17.28
C ILE B 692 -4.22 -6.43 18.60
N ALA B 693 -4.20 -7.69 19.02
CA ALA B 693 -3.46 -8.10 20.23
C ALA B 693 -2.38 -9.09 19.87
N VAL B 694 -1.31 -9.12 20.65
CA VAL B 694 -0.28 -10.18 20.54
C VAL B 694 -0.73 -11.37 21.40
N ASP B 695 -0.66 -12.58 20.87
CA ASP B 695 -1.11 -13.80 21.58
C ASP B 695 -0.08 -14.12 22.67
N SER B 696 -0.52 -14.39 23.90
CA SER B 696 0.38 -14.82 25.02
C SER B 696 1.20 -16.06 24.65
N ARG B 697 0.76 -16.86 23.68
CA ARG B 697 1.51 -18.07 23.24
C ARG B 697 2.68 -17.63 22.37
N TYR B 698 2.51 -16.56 21.62
CA TYR B 698 3.59 -16.04 20.76
C TYR B 698 4.68 -15.46 21.66
N MET B 699 4.28 -14.79 22.72
CA MET B 699 5.20 -14.14 23.69
C MET B 699 6.03 -15.25 24.35
N GLN B 700 5.34 -16.30 24.79
CA GLN B 700 5.99 -17.48 25.42
C GLN B 700 6.90 -18.13 24.38
N TRP B 701 6.37 -18.38 23.19
CA TRP B 701 7.10 -18.96 22.04
C TRP B 701 8.39 -18.18 21.75
N ILE B 702 8.34 -16.86 21.71
CA ILE B 702 9.54 -16.00 21.47
C ILE B 702 10.52 -16.16 22.62
N MET B 703 10.04 -16.22 23.85
CA MET B 703 10.93 -16.36 25.03
C MET B 703 11.45 -17.79 25.18
N GLN B 704 10.86 -18.77 24.46
CA GLN B 704 11.34 -20.19 24.45
C GLN B 704 12.33 -20.45 23.32
N GLU B 705 12.04 -19.98 22.10
CA GLU B 705 12.65 -20.51 20.86
C GLU B 705 13.48 -19.47 20.12
N VAL B 706 13.47 -18.20 20.50
CA VAL B 706 13.99 -17.12 19.62
C VAL B 706 14.95 -16.22 20.40
N ALA B 707 14.42 -15.50 21.37
CA ALA B 707 15.18 -14.61 22.26
C ALA B 707 14.90 -15.09 23.67
N PRO B 708 15.64 -16.11 24.15
CA PRO B 708 15.22 -16.85 25.33
C PRO B 708 15.17 -15.93 26.55
N ALA B 709 14.15 -16.14 27.39
CA ALA B 709 14.04 -15.54 28.74
C ALA B 709 13.64 -16.67 29.68
N PRO B 710 14.53 -17.67 29.91
CA PRO B 710 14.17 -18.84 30.69
C PRO B 710 13.87 -18.41 32.14
N GLN B 711 14.48 -17.31 32.61
CA GLN B 711 14.23 -16.77 33.97
C GLN B 711 12.79 -16.25 34.02
N LEU B 712 12.26 -15.72 32.92
CA LEU B 712 10.88 -15.20 32.92
C LEU B 712 9.90 -16.35 32.75
N LEU B 713 10.18 -17.30 31.84
CA LEU B 713 9.35 -18.53 31.69
C LEU B 713 9.17 -19.19 33.07
N LYS B 714 10.24 -19.37 33.86
CA LYS B 714 10.14 -19.90 35.25
C LYS B 714 9.23 -19.01 36.11
N GLU B 715 9.53 -17.71 36.20
CA GLU B 715 8.80 -16.76 37.06
C GLU B 715 7.31 -16.73 36.67
N LEU B 716 6.97 -16.89 35.38
CA LEU B 716 5.57 -16.87 34.90
C LEU B 716 4.85 -18.21 35.10
N ASN B 717 5.56 -19.29 35.48
CA ASN B 717 4.98 -20.64 35.74
C ASN B 717 4.68 -21.30 34.39
N LEU B 718 5.51 -21.03 33.38
CA LEU B 718 5.38 -21.61 32.02
C LEU B 718 6.58 -22.53 31.75
N ALA B 719 7.35 -22.90 32.78
CA ALA B 719 8.51 -23.82 32.70
C ALA B 719 8.37 -24.90 33.78
N VAL C . -2.21 -5.17 -15.13
CA VAL C . -3.18 -5.63 -16.18
C VAL C . -2.42 -6.42 -17.25
O VAL C . -1.23 -6.17 -17.46
CB VAL C . -3.98 -4.47 -16.79
CG1 VAL C . -4.99 -3.86 -15.78
CG2 VAL C . -3.09 -3.38 -17.40
N TYR D . -3.10 -7.37 -17.88
CA TYR D . -2.54 -8.30 -18.87
C TYR D . -2.77 -7.77 -20.29
O TYR D . -2.89 -8.54 -21.28
CB TYR D . -3.17 -9.67 -18.65
CG TYR D . -2.60 -10.44 -17.48
CD1 TYR D . -1.24 -10.51 -17.26
CD2 TYR D . -3.43 -11.10 -16.59
CE1 TYR D . -0.70 -11.22 -16.20
CE2 TYR D . -2.90 -11.83 -15.53
CZ TYR D . -1.53 -11.90 -15.35
OH TYR D . -0.97 -12.59 -14.30
OXT TYR D . -2.87 -6.54 -20.48
N VAL E . -0.03 1.73 16.26
CA VAL E . 0.04 1.19 17.61
C VAL E . -0.59 2.19 18.56
O VAL E . -0.61 3.38 18.27
CB VAL E . 1.47 0.84 18.05
CG1 VAL E . 2.03 -0.33 17.23
CG2 VAL E . 2.41 2.04 17.99
N TYR F . -1.12 1.65 19.65
CA TYR F . -1.94 2.42 20.62
C TYR F . -1.03 2.81 21.79
O TYR F . 0.18 2.90 21.64
CB TYR F . -3.16 1.60 21.01
CG TYR F . -4.30 1.66 20.02
CD1 TYR F . -4.69 2.85 19.43
CD2 TYR F . -5.03 0.52 19.72
CE1 TYR F . -5.75 2.91 18.55
CE2 TYR F . -6.07 0.57 18.81
CZ TYR F . -6.44 1.75 18.23
OH TYR F . -7.49 1.82 17.35
OXT TYR F . -1.51 3.01 22.91
#